data_8RK9
# 
_entry.id   8RK9 
# 
_audit_conform.dict_name       mmcif_pdbx.dic 
_audit_conform.dict_version    5.404 
_audit_conform.dict_location   http://mmcif.pdb.org/dictionaries/ascii/mmcif_pdbx.dic 
# 
loop_
_database_2.database_id 
_database_2.database_code 
_database_2.pdbx_database_accession 
_database_2.pdbx_DOI 
PDB   8RK9         pdb_00008rk9 10.2210/pdb8rk9/pdb 
WWPDB D_1292135488 ?            ?                   
EMDB  EMD-19265    ?            ?                   
# 
loop_
_pdbx_audit_revision_history.ordinal 
_pdbx_audit_revision_history.data_content_type 
_pdbx_audit_revision_history.major_revision 
_pdbx_audit_revision_history.minor_revision 
_pdbx_audit_revision_history.revision_date 
_pdbx_audit_revision_history.part_number 
1  'Structure model' 1 0 2024-08-14 ? 
2  'EM metadata'     1 0 2024-08-14 ? 
3  FSC               1 0 2024-08-14 ? 
4  'Half map'        1 0 2024-08-14 1 
5  'Half map'        1 0 2024-08-14 2 
6  Image             1 0 2024-08-14 ? 
7  Mask              1 0 2024-08-14 ? 
8  'Primary map'     1 0 2024-08-14 ? 
9  'Structure model' 1 1 2024-08-28 ? 
10 FSC               1 0 2024-08-14 ? 
11 'Half map'        1 0 2024-08-14 1 
12 'Half map'        1 0 2024-08-14 2 
13 Image             1 0 2024-08-14 ? 
14 Mask              1 0 2024-08-14 ? 
15 'Primary map'     1 0 2024-08-14 ? 
16 'Structure model' 1 2 2024-10-16 ? 
17 FSC               1 0 2024-08-14 ? 
18 'Half map'        1 0 2024-08-14 1 
19 'Half map'        1 0 2024-08-14 2 
20 Image             1 0 2024-08-14 ? 
21 Mask              1 0 2024-08-14 ? 
22 'Primary map'     1 0 2024-08-14 ? 
23 'Structure model' 1 3 2025-07-02 ? 
24 'EM metadata'     1 1 2025-07-02 ? 
# 
loop_
_pdbx_audit_revision_details.ordinal 
_pdbx_audit_revision_details.revision_ordinal 
_pdbx_audit_revision_details.data_content_type 
_pdbx_audit_revision_details.provider 
_pdbx_audit_revision_details.type 
_pdbx_audit_revision_details.description 
_pdbx_audit_revision_details.details 
1  1  'Structure model' repository 'Initial release' ? ? 
2  2  'EM metadata'     repository 'Initial release' ? ? 
3  3  FSC               repository 'Initial release' ? ? 
4  4  'Half map'        repository 'Initial release' ? ? 
5  5  'Half map'        repository 'Initial release' ? ? 
6  6  Image             repository 'Initial release' ? ? 
7  7  Mask              repository 'Initial release' ? ? 
8  8  'Primary map'     repository 'Initial release' ? ? 
9  10 FSC               repository 'Initial release' ? ? 
10 11 'Half map'        repository 'Initial release' ? ? 
11 12 'Half map'        repository 'Initial release' ? ? 
12 13 Image             repository 'Initial release' ? ? 
13 14 Mask              repository 'Initial release' ? ? 
14 15 'Primary map'     repository 'Initial release' ? ? 
15 17 FSC               repository 'Initial release' ? ? 
16 18 'Half map'        repository 'Initial release' ? ? 
17 19 'Half map'        repository 'Initial release' ? ? 
18 20 Image             repository 'Initial release' ? ? 
19 21 Mask              repository 'Initial release' ? ? 
20 22 'Primary map'     repository 'Initial release' ? ? 
# 
loop_
_pdbx_audit_revision_group.ordinal 
_pdbx_audit_revision_group.revision_ordinal 
_pdbx_audit_revision_group.data_content_type 
_pdbx_audit_revision_group.group 
1 9  'Structure model' 'Data collection'      
2 9  'Structure model' 'Database references'  
3 16 'Structure model' 'Data collection'      
4 16 'Structure model' 'Database references'  
5 16 'Structure model' 'Structure summary'    
6 23 'Structure model' 'Data collection'      
7 24 'EM metadata'     'Data processing'      
8 24 'EM metadata'     'Experimental summary' 
# 
loop_
_pdbx_audit_revision_category.ordinal 
_pdbx_audit_revision_category.revision_ordinal 
_pdbx_audit_revision_category.data_content_type 
_pdbx_audit_revision_category.category 
1  9  'Structure model' citation           
2  9  'Structure model' citation_author    
3  9  'Structure model' em_admin           
4  16 'Structure model' citation           
5  16 'Structure model' citation_author    
6  16 'Structure model' em_admin           
7  16 'Structure model' pdbx_entry_details 
8  23 'Structure model' em_admin           
9  23 'Structure model' em_software        
10 24 'EM metadata'     em_admin           
11 24 'EM metadata'     em_software        
# 
loop_
_pdbx_audit_revision_item.ordinal 
_pdbx_audit_revision_item.revision_ordinal 
_pdbx_audit_revision_item.data_content_type 
_pdbx_audit_revision_item.item 
1 9  'Structure model' '_em_admin.last_update'             
2 16 'Structure model' '_citation.journal_volume'          
3 16 'Structure model' '_citation.page_first'              
4 16 'Structure model' '_citation.page_last'               
5 16 'Structure model' '_citation_author.identifier_ORCID' 
6 16 'Structure model' '_em_admin.last_update'             
7 23 'Structure model' '_em_admin.last_update'             
8 24 'EM metadata'     '_em_admin.last_update'             
# 
_pdbx_database_status.status_code                     REL 
_pdbx_database_status.status_code_sf                  ? 
_pdbx_database_status.status_code_mr                  ? 
_pdbx_database_status.entry_id                        8RK9 
_pdbx_database_status.recvd_initial_deposition_date   2023-12-23 
_pdbx_database_status.SG_entry                        N 
_pdbx_database_status.deposit_site                    PDBE 
_pdbx_database_status.process_site                    PDBE 
_pdbx_database_status.status_code_cs                  ? 
_pdbx_database_status.status_code_nmr_data            ? 
_pdbx_database_status.methods_development_category    ? 
_pdbx_database_status.pdb_format_compatible           Y 
# 
_pdbx_database_related.db_name        EMDB 
_pdbx_database_related.details        'Stopper protein of bacteriophage JBD30 computed in C6 symmetry' 
_pdbx_database_related.db_id          EMD-19265 
_pdbx_database_related.content_type   'associated EM volume' 
# 
_pdbx_contact_author.id                 2 
_pdbx_contact_author.email              pavel.plevka@ceitec.muni.cz 
_pdbx_contact_author.name_first         Pavel 
_pdbx_contact_author.name_last          Plevka 
_pdbx_contact_author.name_mi            ? 
_pdbx_contact_author.role               'principal investigator/group leader' 
_pdbx_contact_author.identifier_ORCID   0000-0003-4215-3315 
# 
loop_
_audit_author.name 
_audit_author.pdbx_ordinal 
_audit_author.identifier_ORCID 
'Valentova, L.' 1 0000-0003-0160-2014 
'Fuzik, T.'     2 0000-0002-1190-0210 
'Plevka, P.'    3 0000-0003-4215-3315 
# 
loop_
_citation.abstract 
_citation.abstract_id_CAS 
_citation.book_id_ISBN 
_citation.book_publisher 
_citation.book_publisher_city 
_citation.book_title 
_citation.coordinate_linkage 
_citation.country 
_citation.database_id_Medline 
_citation.details 
_citation.id 
_citation.journal_abbrev 
_citation.journal_id_ASTM 
_citation.journal_id_CSD 
_citation.journal_id_ISSN 
_citation.journal_full 
_citation.journal_issue 
_citation.journal_volume 
_citation.language 
_citation.page_first 
_citation.page_last 
_citation.title 
_citation.year 
_citation.database_id_CSD 
_citation.pdbx_database_id_DOI 
_citation.pdbx_database_id_PubMed 
_citation.pdbx_database_id_patent 
_citation.unpublished_flag 
? ? ? ? ? ? ? UK ? ? primary 'Embo J.' EMJODG 0897 1460-2075 ? ? 43 ? 4384 4405 
'Structure and replication of Pseudomonas aeruginosa phage JBD30.' 2024 ? 10.1038/s44318-024-00195-1 39143239 ? ? 
? ? ? ? ? ? ? UK ? ? 1       'Embo J.' EMJODG 0897 1460-2075 ? ? ?  ? ?    ?    
'Structure and replication of Pseudomonas aeruginosa phage JBD30'  2024 ? 10.1038/s44318-024-0       ?        ? ? 
# 
loop_
_citation_author.citation_id 
_citation_author.name 
_citation_author.ordinal 
_citation_author.identifier_ORCID 
primary 'Valentova, L.'  1  ?                   
primary 'Fuzik, T.'      2  ?                   
primary 'Novacek, J.'    3  ?                   
primary 'Hlavenkova, Z.' 4  ?                   
primary 'Pospisil, J.'   5  ?                   
primary 'Plevka, P.'     6  ?                   
1       'Valentova, L.'  7  0000-0003-0160-2014 
1       'Plevka, P.'     8  0000-0003-4215-3315 
1       'Fuzik, T.'      9  0000-0002-1190-0210 
1       'Novacek, J.'    10 0000-0003-4013-3898 
1       'Pospisil, J.'   11 0000-0002-8679-677X 
# 
_entity.id                         1 
_entity.type                       polymer 
_entity.src_method                 nat 
_entity.pdbx_description           'Stopper protein' 
_entity.formula_weight             16990.168 
_entity.pdbx_number_of_molecules   1 
_entity.pdbx_ec                    ? 
_entity.pdbx_mutation              ? 
_entity.pdbx_fragment              ? 
_entity.details                    ? 
# 
_entity_poly.entity_id                      1 
_entity_poly.type                           'polypeptide(L)' 
_entity_poly.nstd_linkage                   no 
_entity_poly.nstd_monomer                   no 
_entity_poly.pdbx_seq_one_letter_code       
;MSDPFDYLFLEPLLIERIRSEVPGLAIVSGVPDLATLSEQDQPAPSAYVVYLGDETGTGADHQGGQRAIQTVGQQWAVVL
VVHYADSSNSGEGARREAGPLLGRLVKALTGWAPAIDVAPLARSARQSPATYASGYLYFPLVFTARFVYPRIKSWKP
;
_entity_poly.pdbx_seq_one_letter_code_can   
;MSDPFDYLFLEPLLIERIRSEVPGLAIVSGVPDLATLSEQDQPAPSAYVVYLGDETGTGADHQGGQRAIQTVGQQWAVVL
VVHYADSSNSGEGARREAGPLLGRLVKALTGWAPAIDVAPLARSARQSPATYASGYLYFPLVFTARFVYPRIKSWKP
;
_entity_poly.pdbx_strand_id                 A 
_entity_poly.pdbx_target_identifier         ? 
# 
loop_
_entity_poly_seq.entity_id 
_entity_poly_seq.num 
_entity_poly_seq.mon_id 
_entity_poly_seq.hetero 
1 1   MET n 
1 2   SER n 
1 3   ASP n 
1 4   PRO n 
1 5   PHE n 
1 6   ASP n 
1 7   TYR n 
1 8   LEU n 
1 9   PHE n 
1 10  LEU n 
1 11  GLU n 
1 12  PRO n 
1 13  LEU n 
1 14  LEU n 
1 15  ILE n 
1 16  GLU n 
1 17  ARG n 
1 18  ILE n 
1 19  ARG n 
1 20  SER n 
1 21  GLU n 
1 22  VAL n 
1 23  PRO n 
1 24  GLY n 
1 25  LEU n 
1 26  ALA n 
1 27  ILE n 
1 28  VAL n 
1 29  SER n 
1 30  GLY n 
1 31  VAL n 
1 32  PRO n 
1 33  ASP n 
1 34  LEU n 
1 35  ALA n 
1 36  THR n 
1 37  LEU n 
1 38  SER n 
1 39  GLU n 
1 40  GLN n 
1 41  ASP n 
1 42  GLN n 
1 43  PRO n 
1 44  ALA n 
1 45  PRO n 
1 46  SER n 
1 47  ALA n 
1 48  TYR n 
1 49  VAL n 
1 50  VAL n 
1 51  TYR n 
1 52  LEU n 
1 53  GLY n 
1 54  ASP n 
1 55  GLU n 
1 56  THR n 
1 57  GLY n 
1 58  THR n 
1 59  GLY n 
1 60  ALA n 
1 61  ASP n 
1 62  HIS n 
1 63  GLN n 
1 64  GLY n 
1 65  GLY n 
1 66  GLN n 
1 67  ARG n 
1 68  ALA n 
1 69  ILE n 
1 70  GLN n 
1 71  THR n 
1 72  VAL n 
1 73  GLY n 
1 74  GLN n 
1 75  GLN n 
1 76  TRP n 
1 77  ALA n 
1 78  VAL n 
1 79  VAL n 
1 80  LEU n 
1 81  VAL n 
1 82  VAL n 
1 83  HIS n 
1 84  TYR n 
1 85  ALA n 
1 86  ASP n 
1 87  SER n 
1 88  SER n 
1 89  ASN n 
1 90  SER n 
1 91  GLY n 
1 92  GLU n 
1 93  GLY n 
1 94  ALA n 
1 95  ARG n 
1 96  ARG n 
1 97  GLU n 
1 98  ALA n 
1 99  GLY n 
1 100 PRO n 
1 101 LEU n 
1 102 LEU n 
1 103 GLY n 
1 104 ARG n 
1 105 LEU n 
1 106 VAL n 
1 107 LYS n 
1 108 ALA n 
1 109 LEU n 
1 110 THR n 
1 111 GLY n 
1 112 TRP n 
1 113 ALA n 
1 114 PRO n 
1 115 ALA n 
1 116 ILE n 
1 117 ASP n 
1 118 VAL n 
1 119 ALA n 
1 120 PRO n 
1 121 LEU n 
1 122 ALA n 
1 123 ARG n 
1 124 SER n 
1 125 ALA n 
1 126 ARG n 
1 127 GLN n 
1 128 SER n 
1 129 PRO n 
1 130 ALA n 
1 131 THR n 
1 132 TYR n 
1 133 ALA n 
1 134 SER n 
1 135 GLY n 
1 136 TYR n 
1 137 LEU n 
1 138 TYR n 
1 139 PHE n 
1 140 PRO n 
1 141 LEU n 
1 142 VAL n 
1 143 PHE n 
1 144 THR n 
1 145 ALA n 
1 146 ARG n 
1 147 PHE n 
1 148 VAL n 
1 149 TYR n 
1 150 PRO n 
1 151 ARG n 
1 152 ILE n 
1 153 LYS n 
1 154 SER n 
1 155 TRP n 
1 156 LYS n 
1 157 PRO n 
# 
_entity_src_nat.entity_id                  1 
_entity_src_nat.pdbx_src_id                1 
_entity_src_nat.pdbx_alt_source_flag       sample 
_entity_src_nat.pdbx_beg_seq_num           1 
_entity_src_nat.pdbx_end_seq_num           157 
_entity_src_nat.common_name                ? 
_entity_src_nat.pdbx_organism_scientific   'Pseudomonas phage JBD30' 
_entity_src_nat.pdbx_ncbi_taxonomy_id      1223260 
_entity_src_nat.genus                      ? 
_entity_src_nat.species                    ? 
_entity_src_nat.strain                     ? 
_entity_src_nat.tissue                     ? 
_entity_src_nat.tissue_fraction            ? 
_entity_src_nat.pdbx_secretion             ? 
_entity_src_nat.pdbx_fragment              ? 
_entity_src_nat.pdbx_variant               ? 
_entity_src_nat.pdbx_cell_line             ? 
_entity_src_nat.pdbx_atcc                  ? 
_entity_src_nat.pdbx_cellular_location     ? 
_entity_src_nat.pdbx_organ                 ? 
_entity_src_nat.pdbx_organelle             ? 
_entity_src_nat.pdbx_cell                  ? 
_entity_src_nat.pdbx_plasmid_name          ? 
_entity_src_nat.pdbx_plasmid_details       ? 
_entity_src_nat.details                    ? 
# 
loop_
_chem_comp.id 
_chem_comp.type 
_chem_comp.mon_nstd_flag 
_chem_comp.name 
_chem_comp.pdbx_synonyms 
_chem_comp.formula 
_chem_comp.formula_weight 
ALA 'L-peptide linking' y ALANINE         ? 'C3 H7 N O2'     89.093  
ARG 'L-peptide linking' y ARGININE        ? 'C6 H15 N4 O2 1' 175.209 
ASN 'L-peptide linking' y ASPARAGINE      ? 'C4 H8 N2 O3'    132.118 
ASP 'L-peptide linking' y 'ASPARTIC ACID' ? 'C4 H7 N O4'     133.103 
GLN 'L-peptide linking' y GLUTAMINE       ? 'C5 H10 N2 O3'   146.144 
GLU 'L-peptide linking' y 'GLUTAMIC ACID' ? 'C5 H9 N O4'     147.129 
GLY 'peptide linking'   y GLYCINE         ? 'C2 H5 N O2'     75.067  
HIS 'L-peptide linking' y HISTIDINE       ? 'C6 H10 N3 O2 1' 156.162 
ILE 'L-peptide linking' y ISOLEUCINE      ? 'C6 H13 N O2'    131.173 
LEU 'L-peptide linking' y LEUCINE         ? 'C6 H13 N O2'    131.173 
LYS 'L-peptide linking' y LYSINE          ? 'C6 H15 N2 O2 1' 147.195 
MET 'L-peptide linking' y METHIONINE      ? 'C5 H11 N O2 S'  149.211 
PHE 'L-peptide linking' y PHENYLALANINE   ? 'C9 H11 N O2'    165.189 
PRO 'L-peptide linking' y PROLINE         ? 'C5 H9 N O2'     115.130 
SER 'L-peptide linking' y SERINE          ? 'C3 H7 N O3'     105.093 
THR 'L-peptide linking' y THREONINE       ? 'C4 H9 N O3'     119.119 
TRP 'L-peptide linking' y TRYPTOPHAN      ? 'C11 H12 N2 O2'  204.225 
TYR 'L-peptide linking' y TYROSINE        ? 'C9 H11 N O3'    181.189 
VAL 'L-peptide linking' y VALINE          ? 'C5 H11 N O2'    117.146 
# 
loop_
_pdbx_poly_seq_scheme.asym_id 
_pdbx_poly_seq_scheme.entity_id 
_pdbx_poly_seq_scheme.seq_id 
_pdbx_poly_seq_scheme.mon_id 
_pdbx_poly_seq_scheme.ndb_seq_num 
_pdbx_poly_seq_scheme.pdb_seq_num 
_pdbx_poly_seq_scheme.auth_seq_num 
_pdbx_poly_seq_scheme.pdb_mon_id 
_pdbx_poly_seq_scheme.auth_mon_id 
_pdbx_poly_seq_scheme.pdb_strand_id 
_pdbx_poly_seq_scheme.pdb_ins_code 
_pdbx_poly_seq_scheme.hetero 
A 1 1   MET 1   1   ?   ?   ?   A . n 
A 1 2   SER 2   2   ?   ?   ?   A . n 
A 1 3   ASP 3   3   ?   ?   ?   A . n 
A 1 4   PRO 4   4   ?   ?   ?   A . n 
A 1 5   PHE 5   5   ?   ?   ?   A . n 
A 1 6   ASP 6   6   ?   ?   ?   A . n 
A 1 7   TYR 7   7   ?   ?   ?   A . n 
A 1 8   LEU 8   8   ?   ?   ?   A . n 
A 1 9   PHE 9   9   9   PHE PHE A . n 
A 1 10  LEU 10  10  10  LEU LEU A . n 
A 1 11  GLU 11  11  11  GLU GLU A . n 
A 1 12  PRO 12  12  12  PRO PRO A . n 
A 1 13  LEU 13  13  13  LEU LEU A . n 
A 1 14  LEU 14  14  14  LEU LEU A . n 
A 1 15  ILE 15  15  15  ILE ILE A . n 
A 1 16  GLU 16  16  16  GLU GLU A . n 
A 1 17  ARG 17  17  17  ARG ARG A . n 
A 1 18  ILE 18  18  18  ILE ILE A . n 
A 1 19  ARG 19  19  19  ARG ARG A . n 
A 1 20  SER 20  20  20  SER SER A . n 
A 1 21  GLU 21  21  21  GLU GLU A . n 
A 1 22  VAL 22  22  22  VAL VAL A . n 
A 1 23  PRO 23  23  23  PRO PRO A . n 
A 1 24  GLY 24  24  24  GLY GLY A . n 
A 1 25  LEU 25  25  25  LEU LEU A . n 
A 1 26  ALA 26  26  26  ALA ALA A . n 
A 1 27  ILE 27  27  27  ILE ILE A . n 
A 1 28  VAL 28  28  28  VAL VAL A . n 
A 1 29  SER 29  29  29  SER SER A . n 
A 1 30  GLY 30  30  30  GLY GLY A . n 
A 1 31  VAL 31  31  31  VAL VAL A . n 
A 1 32  PRO 32  32  32  PRO PRO A . n 
A 1 33  ASP 33  33  ?   ?   ?   A . n 
A 1 34  LEU 34  34  ?   ?   ?   A . n 
A 1 35  ALA 35  35  ?   ?   ?   A . n 
A 1 36  THR 36  36  36  THR THR A . n 
A 1 37  LEU 37  37  37  LEU LEU A . n 
A 1 38  SER 38  38  38  SER SER A . n 
A 1 39  GLU 39  39  39  GLU GLU A . n 
A 1 40  GLN 40  40  40  GLN GLN A . n 
A 1 41  ASP 41  41  41  ASP ASP A . n 
A 1 42  GLN 42  42  42  GLN GLN A . n 
A 1 43  PRO 43  43  43  PRO PRO A . n 
A 1 44  ALA 44  44  44  ALA ALA A . n 
A 1 45  PRO 45  45  45  PRO PRO A . n 
A 1 46  SER 46  46  46  SER SER A . n 
A 1 47  ALA 47  47  47  ALA ALA A . n 
A 1 48  TYR 48  48  48  TYR TYR A . n 
A 1 49  VAL 49  49  49  VAL VAL A . n 
A 1 50  VAL 50  50  50  VAL VAL A . n 
A 1 51  TYR 51  51  51  TYR TYR A . n 
A 1 52  LEU 52  52  52  LEU LEU A . n 
A 1 53  GLY 53  53  53  GLY GLY A . n 
A 1 54  ASP 54  54  54  ASP ASP A . n 
A 1 55  GLU 55  55  55  GLU GLU A . n 
A 1 56  THR 56  56  56  THR THR A . n 
A 1 57  GLY 57  57  57  GLY GLY A . n 
A 1 58  THR 58  58  58  THR THR A . n 
A 1 59  GLY 59  59  59  GLY GLY A . n 
A 1 60  ALA 60  60  60  ALA ALA A . n 
A 1 61  ASP 61  61  61  ASP ASP A . n 
A 1 62  HIS 62  62  62  HIS HIS A . n 
A 1 63  GLN 63  63  63  GLN GLN A . n 
A 1 64  GLY 64  64  64  GLY GLY A . n 
A 1 65  GLY 65  65  65  GLY GLY A . n 
A 1 66  GLN 66  66  66  GLN GLN A . n 
A 1 67  ARG 67  67  67  ARG ARG A . n 
A 1 68  ALA 68  68  68  ALA ALA A . n 
A 1 69  ILE 69  69  69  ILE ILE A . n 
A 1 70  GLN 70  70  70  GLN GLN A . n 
A 1 71  THR 71  71  71  THR THR A . n 
A 1 72  VAL 72  72  72  VAL VAL A . n 
A 1 73  GLY 73  73  73  GLY GLY A . n 
A 1 74  GLN 74  74  74  GLN GLN A . n 
A 1 75  GLN 75  75  75  GLN GLN A . n 
A 1 76  TRP 76  76  76  TRP TRP A . n 
A 1 77  ALA 77  77  77  ALA ALA A . n 
A 1 78  VAL 78  78  78  VAL VAL A . n 
A 1 79  VAL 79  79  79  VAL VAL A . n 
A 1 80  LEU 80  80  80  LEU LEU A . n 
A 1 81  VAL 81  81  81  VAL VAL A . n 
A 1 82  VAL 82  82  82  VAL VAL A . n 
A 1 83  HIS 83  83  83  HIS HIS A . n 
A 1 84  TYR 84  84  84  TYR TYR A . n 
A 1 85  ALA 85  85  85  ALA ALA A . n 
A 1 86  ASP 86  86  86  ASP ASP A . n 
A 1 87  SER 87  87  87  SER SER A . n 
A 1 88  SER 88  88  88  SER SER A . n 
A 1 89  ASN 89  89  89  ASN ASN A . n 
A 1 90  SER 90  90  90  SER SER A . n 
A 1 91  GLY 91  91  91  GLY GLY A . n 
A 1 92  GLU 92  92  92  GLU GLU A . n 
A 1 93  GLY 93  93  93  GLY GLY A . n 
A 1 94  ALA 94  94  94  ALA ALA A . n 
A 1 95  ARG 95  95  95  ARG ARG A . n 
A 1 96  ARG 96  96  96  ARG ARG A . n 
A 1 97  GLU 97  97  97  GLU GLU A . n 
A 1 98  ALA 98  98  98  ALA ALA A . n 
A 1 99  GLY 99  99  99  GLY GLY A . n 
A 1 100 PRO 100 100 100 PRO PRO A . n 
A 1 101 LEU 101 101 101 LEU LEU A . n 
A 1 102 LEU 102 102 102 LEU LEU A . n 
A 1 103 GLY 103 103 103 GLY GLY A . n 
A 1 104 ARG 104 104 104 ARG ARG A . n 
A 1 105 LEU 105 105 105 LEU LEU A . n 
A 1 106 VAL 106 106 106 VAL VAL A . n 
A 1 107 LYS 107 107 107 LYS LYS A . n 
A 1 108 ALA 108 108 108 ALA ALA A . n 
A 1 109 LEU 109 109 109 LEU LEU A . n 
A 1 110 THR 110 110 110 THR THR A . n 
A 1 111 GLY 111 111 111 GLY GLY A . n 
A 1 112 TRP 112 112 112 TRP TRP A . n 
A 1 113 ALA 113 113 113 ALA ALA A . n 
A 1 114 PRO 114 114 114 PRO PRO A . n 
A 1 115 ALA 115 115 115 ALA ALA A . n 
A 1 116 ILE 116 116 116 ILE ILE A . n 
A 1 117 ASP 117 117 117 ASP ASP A . n 
A 1 118 VAL 118 118 118 VAL VAL A . n 
A 1 119 ALA 119 119 119 ALA ALA A . n 
A 1 120 PRO 120 120 120 PRO PRO A . n 
A 1 121 LEU 121 121 121 LEU LEU A . n 
A 1 122 ALA 122 122 122 ALA ALA A . n 
A 1 123 ARG 123 123 123 ARG ARG A . n 
A 1 124 SER 124 124 124 SER SER A . n 
A 1 125 ALA 125 125 125 ALA ALA A . n 
A 1 126 ARG 126 126 126 ARG ARG A . n 
A 1 127 GLN 127 127 127 GLN GLN A . n 
A 1 128 SER 128 128 128 SER SER A . n 
A 1 129 PRO 129 129 129 PRO PRO A . n 
A 1 130 ALA 130 130 130 ALA ALA A . n 
A 1 131 THR 131 131 131 THR THR A . n 
A 1 132 TYR 132 132 132 TYR TYR A . n 
A 1 133 ALA 133 133 133 ALA ALA A . n 
A 1 134 SER 134 134 134 SER SER A . n 
A 1 135 GLY 135 135 135 GLY GLY A . n 
A 1 136 TYR 136 136 136 TYR TYR A . n 
A 1 137 LEU 137 137 137 LEU LEU A . n 
A 1 138 TYR 138 138 138 TYR TYR A . n 
A 1 139 PHE 139 139 139 PHE PHE A . n 
A 1 140 PRO 140 140 140 PRO PRO A . n 
A 1 141 LEU 141 141 141 LEU LEU A . n 
A 1 142 VAL 142 142 142 VAL VAL A . n 
A 1 143 PHE 143 143 143 PHE PHE A . n 
A 1 144 THR 144 144 144 THR THR A . n 
A 1 145 ALA 145 145 145 ALA ALA A . n 
A 1 146 ARG 146 146 146 ARG ARG A . n 
A 1 147 PHE 147 147 147 PHE PHE A . n 
A 1 148 VAL 148 148 ?   ?   ?   A . n 
A 1 149 TYR 149 149 ?   ?   ?   A . n 
A 1 150 PRO 150 150 ?   ?   ?   A . n 
A 1 151 ARG 151 151 ?   ?   ?   A . n 
A 1 152 ILE 152 152 ?   ?   ?   A . n 
A 1 153 LYS 153 153 ?   ?   ?   A . n 
A 1 154 SER 154 154 ?   ?   ?   A . n 
A 1 155 TRP 155 155 ?   ?   ?   A . n 
A 1 156 LYS 156 156 ?   ?   ?   A . n 
A 1 157 PRO 157 157 ?   ?   ?   A . n 
# 
_cell.angle_alpha                  90.00 
_cell.angle_alpha_esd              ? 
_cell.angle_beta                   90.00 
_cell.angle_beta_esd               ? 
_cell.angle_gamma                  90.00 
_cell.angle_gamma_esd              ? 
_cell.entry_id                     8RK9 
_cell.details                      ? 
_cell.formula_units_Z              ? 
_cell.length_a                     1.00 
_cell.length_a_esd                 ? 
_cell.length_b                     1.00 
_cell.length_b_esd                 ? 
_cell.length_c                     1.00 
_cell.length_c_esd                 ? 
_cell.volume                       ? 
_cell.volume_esd                   ? 
_cell.Z_PDB                        ? 
_cell.reciprocal_angle_alpha       ? 
_cell.reciprocal_angle_beta        ? 
_cell.reciprocal_angle_gamma       ? 
_cell.reciprocal_angle_alpha_esd   ? 
_cell.reciprocal_angle_beta_esd    ? 
_cell.reciprocal_angle_gamma_esd   ? 
_cell.reciprocal_length_a          ? 
_cell.reciprocal_length_b          ? 
_cell.reciprocal_length_c          ? 
_cell.reciprocal_length_a_esd      ? 
_cell.reciprocal_length_b_esd      ? 
_cell.reciprocal_length_c_esd      ? 
_cell.pdbx_unique_axis             ? 
_cell.pdbx_esd_method              ? 
# 
_symmetry.entry_id                         8RK9 
_symmetry.cell_setting                     ? 
_symmetry.Int_Tables_number                1 
_symmetry.space_group_name_Hall            ? 
_symmetry.space_group_name_H-M             'P 1' 
_symmetry.pdbx_full_space_group_name_H-M   ? 
# 
_exptl.absorpt_coefficient_mu     ? 
_exptl.absorpt_correction_T_max   ? 
_exptl.absorpt_correction_T_min   ? 
_exptl.absorpt_correction_type    ? 
_exptl.absorpt_process_details    ? 
_exptl.entry_id                   8RK9 
_exptl.crystals_number            ? 
_exptl.details                    ? 
_exptl.method                     'ELECTRON MICROSCOPY' 
_exptl.method_details             ? 
# 
_refine.pdbx_refine_id                           'ELECTRON MICROSCOPY' 
_refine.entry_id                                 8RK9 
_refine.pdbx_diffrn_id                           ? 
_refine.pdbx_TLS_residual_ADP_flag               ? 
_refine.ls_number_reflns_obs                     ? 
_refine.ls_number_reflns_all                     ? 
_refine.pdbx_ls_sigma_I                          ? 
_refine.pdbx_ls_sigma_F                          ? 
_refine.pdbx_data_cutoff_high_absF               ? 
_refine.pdbx_data_cutoff_low_absF                ? 
_refine.pdbx_data_cutoff_high_rms_absF           ? 
_refine.ls_d_res_low                             ? 
_refine.ls_d_res_high                            . 
_refine.ls_percent_reflns_obs                    ? 
_refine.ls_R_factor_obs                          ? 
_refine.ls_R_factor_all                          ? 
_refine.ls_R_factor_R_work                       ? 
_refine.ls_R_factor_R_free                       ? 
_refine.ls_R_factor_R_free_error                 ? 
_refine.ls_R_factor_R_free_error_details         ? 
_refine.ls_percent_reflns_R_free                 ? 
_refine.ls_number_reflns_R_free                  ? 
_refine.ls_number_parameters                     ? 
_refine.ls_number_restraints                     ? 
_refine.occupancy_min                            ? 
_refine.occupancy_max                            ? 
_refine.correlation_coeff_Fo_to_Fc               ? 
_refine.correlation_coeff_Fo_to_Fc_free          ? 
_refine.B_iso_mean                               ? 
_refine.aniso_B[1][1]                            ? 
_refine.aniso_B[2][2]                            ? 
_refine.aniso_B[3][3]                            ? 
_refine.aniso_B[1][2]                            ? 
_refine.aniso_B[1][3]                            ? 
_refine.aniso_B[2][3]                            ? 
_refine.solvent_model_details                    ? 
_refine.solvent_model_param_ksol                 ? 
_refine.solvent_model_param_bsol                 ? 
_refine.pdbx_solvent_vdw_probe_radii             ? 
_refine.pdbx_solvent_ion_probe_radii             ? 
_refine.pdbx_solvent_shrinkage_radii             ? 
_refine.pdbx_ls_cross_valid_method               ? 
_refine.details                                  ? 
_refine.pdbx_starting_model                      ? 
_refine.pdbx_method_to_determine_struct          ? 
_refine.pdbx_isotropic_thermal_model             ? 
_refine.pdbx_stereochemistry_target_values       ? 
_refine.pdbx_stereochem_target_val_spec_case     ? 
_refine.pdbx_R_Free_selection_details            ? 
_refine.pdbx_overall_ESU_R                       ? 
_refine.pdbx_overall_ESU_R_Free                  ? 
_refine.overall_SU_ML                            ? 
_refine.pdbx_overall_phase_error                 ? 
_refine.overall_SU_B                             ? 
_refine.overall_SU_R_Cruickshank_DPI             ? 
_refine.pdbx_overall_SU_R_free_Cruickshank_DPI   ? 
_refine.pdbx_overall_SU_R_Blow_DPI               ? 
_refine.pdbx_overall_SU_R_free_Blow_DPI          ? 
# 
loop_
_refine_ls_restr.pdbx_refine_id 
_refine_ls_restr.criterion 
_refine_ls_restr.dev_ideal 
_refine_ls_restr.dev_ideal_target 
_refine_ls_restr.number 
_refine_ls_restr.rejects 
_refine_ls_restr.type 
_refine_ls_restr.weight 
_refine_ls_restr.pdbx_restraint_function 
'ELECTRON MICROSCOPY' ? 0.002 ? 6282 ? f_bond_d           ? ? 
'ELECTRON MICROSCOPY' ? 0.627 ? 8580 ? f_angle_d          ? ? 
'ELECTRON MICROSCOPY' ? 3.744 ? 894  ? f_dihedral_angle_d ? ? 
'ELECTRON MICROSCOPY' ? 0.046 ? 966  ? f_chiral_restr     ? ? 
'ELECTRON MICROSCOPY' ? 0.003 ? 1128 ? f_plane_restr      ? ? 
# 
_struct.entry_id                     8RK9 
_struct.title                        'Stopper protein of bacteriophage JBD30 computed in C6 symmetry' 
_struct.pdbx_model_details           ? 
_struct.pdbx_formula_weight          ? 
_struct.pdbx_formula_weight_method   ? 
_struct.pdbx_model_type_details      ? 
_struct.pdbx_CASP_flag               N 
# 
_struct_keywords.entry_id        8RK9 
_struct_keywords.text            'bacteriophage JBD30, virion, connector, stopper, head completion protein 2, VIRAL PROTEIN' 
_struct_keywords.pdbx_keywords   'VIRAL PROTEIN' 
# 
_struct_asym.id                            A 
_struct_asym.pdbx_blank_PDB_chainid_flag   N 
_struct_asym.pdbx_modified                 N 
_struct_asym.entity_id                     1 
_struct_asym.details                       ? 
# 
_struct_ref.id                         1 
_struct_ref.db_name                    UNP 
_struct_ref.db_code                    L7P7R4_9CAUD 
_struct_ref.pdbx_db_accession          L7P7R4 
_struct_ref.pdbx_db_isoform            ? 
_struct_ref.entity_id                  1 
_struct_ref.pdbx_seq_one_letter_code   
;MSDPFDYLFLEPLLIERIRSEVPGLAIVSGVPDLATLSEQDQPAPSAYVVYLGDETGTGADHQGGQRAIQTVGQQWAVVL
VVHYADSSNSGEGARREAGPLLGRLVKALTGWAPAIDVAPLARSARQSPATYASGYLYFPLVFTARFVYPRIKSWKP
;
_struct_ref.pdbx_align_begin           1 
# 
_struct_ref_seq.align_id                      1 
_struct_ref_seq.ref_id                        1 
_struct_ref_seq.pdbx_PDB_id_code              8RK9 
_struct_ref_seq.pdbx_strand_id                A 
_struct_ref_seq.seq_align_beg                 1 
_struct_ref_seq.pdbx_seq_align_beg_ins_code   ? 
_struct_ref_seq.seq_align_end                 157 
_struct_ref_seq.pdbx_seq_align_end_ins_code   ? 
_struct_ref_seq.pdbx_db_accession             L7P7R4 
_struct_ref_seq.db_align_beg                  1 
_struct_ref_seq.pdbx_db_align_beg_ins_code    ? 
_struct_ref_seq.db_align_end                  157 
_struct_ref_seq.pdbx_db_align_end_ins_code    ? 
_struct_ref_seq.pdbx_auth_seq_align_beg       1 
_struct_ref_seq.pdbx_auth_seq_align_end       157 
# 
_pdbx_struct_assembly.id                   1 
_pdbx_struct_assembly.details              author_defined_assembly 
_pdbx_struct_assembly.method_details       'UCSF CHIMERA 1.16_b42360.' 
_pdbx_struct_assembly.oligomeric_details   monomeric 
_pdbx_struct_assembly.oligomeric_count     1 
# 
loop_
_pdbx_struct_assembly_gen.assembly_id 
_pdbx_struct_assembly_gen.oper_expression 
_pdbx_struct_assembly_gen.asym_id_list 
1 1 A 
1 2 A 
1 3 A 
1 4 A 
1 5 A 
1 6 A 
# 
_pdbx_struct_assembly_auth_evidence.id                     1 
_pdbx_struct_assembly_auth_evidence.assembly_id            1 
_pdbx_struct_assembly_auth_evidence.experimental_support   'electron microscopy' 
_pdbx_struct_assembly_auth_evidence.details                'not applicable' 
# 
loop_
_pdbx_struct_oper_list.id 
_pdbx_struct_oper_list.type 
_pdbx_struct_oper_list.name 
_pdbx_struct_oper_list.symmetry_operation 
_pdbx_struct_oper_list.matrix[1][1] 
_pdbx_struct_oper_list.matrix[1][2] 
_pdbx_struct_oper_list.matrix[1][3] 
_pdbx_struct_oper_list.vector[1] 
_pdbx_struct_oper_list.matrix[2][1] 
_pdbx_struct_oper_list.matrix[2][2] 
_pdbx_struct_oper_list.matrix[2][3] 
_pdbx_struct_oper_list.vector[2] 
_pdbx_struct_oper_list.matrix[3][1] 
_pdbx_struct_oper_list.matrix[3][2] 
_pdbx_struct_oper_list.matrix[3][3] 
_pdbx_struct_oper_list.vector[3] 
1 'identity operation'       1_555 x,y,z 1.0        0.0         0.0         0.0       0.0         1.0         0.0         0.0       0.0         0.0         1.0         0.0      
2 'point symmetry operation' ?     ?     0.87285413 -0.21030395 -0.44033821 12.48776  -0.22509593 0.62710940  -0.74569773 21.19774  0.43296340  0.75000368  0.50003647  11.21774 
3 'point symmetry operation' ?     ?     0.61856239 -0.64570384 -0.44771301 13.99024  -0.66049582 -0.11867179 -0.74139177 23.31517  0.42558860  0.75430964  -0.49989060 38.13215 
4 'point symmetry operation' ?     ?     0.49141652 -0.87079978 -0.01474960 3.00497   -0.87079978 -0.49156239 0.00861191  4.23486   -0.01474960 0.00861191  -0.99985413 53.82883 
5 'point symmetry operation' ?     ?     0.61856239 -0.66049582 0.42558860  -9.48278  -0.64570384 -0.11867179 0.75430964  -16.96288 -0.44771301 -0.74139177 -0.49989060 42.61109 
6 'point symmetry operation' ?     ?     0.87285413 -0.22509593 0.43296340  -10.98527 -0.21030395 0.62710940  0.75000368  -19.08031 -0.44033821 -0.74569773 0.50003647  15.69668 
# 
loop_
_struct_conf.conf_type_id 
_struct_conf.id 
_struct_conf.pdbx_PDB_helix_id 
_struct_conf.beg_label_comp_id 
_struct_conf.beg_label_asym_id 
_struct_conf.beg_label_seq_id 
_struct_conf.pdbx_beg_PDB_ins_code 
_struct_conf.end_label_comp_id 
_struct_conf.end_label_asym_id 
_struct_conf.end_label_seq_id 
_struct_conf.pdbx_end_PDB_ins_code 
_struct_conf.beg_auth_comp_id 
_struct_conf.beg_auth_asym_id 
_struct_conf.beg_auth_seq_id 
_struct_conf.end_auth_comp_id 
_struct_conf.end_auth_asym_id 
_struct_conf.end_auth_seq_id 
_struct_conf.pdbx_PDB_helix_class 
_struct_conf.details 
_struct_conf.pdbx_PDB_helix_length 
HELX_P HELX_P1 AA1 GLU A 11 ? ARG A 19  ? GLU A 11 ARG A 19  1 ? 9  
HELX_P HELX_P2 AA2 GLY A 65 ? ILE A 69  ? GLY A 65 ILE A 69  5 ? 5  
HELX_P HELX_P3 AA3 GLU A 97 ? LEU A 109 ? GLU A 97 LEU A 109 1 ? 13 
# 
_struct_conf_type.id          HELX_P 
_struct_conf_type.criteria    ? 
_struct_conf_type.reference   ? 
# 
loop_
_struct_sheet.id 
_struct_sheet.type 
_struct_sheet.number_strands 
_struct_sheet.details 
AA1 ? 3 ? 
AA2 ? 3 ? 
# 
loop_
_struct_sheet_order.sheet_id 
_struct_sheet_order.range_id_1 
_struct_sheet_order.range_id_2 
_struct_sheet_order.offset 
_struct_sheet_order.sense 
AA1 1 2 ? anti-parallel 
AA1 2 3 ? anti-parallel 
AA2 1 2 ? anti-parallel 
AA2 2 3 ? anti-parallel 
# 
loop_
_struct_sheet_range.sheet_id 
_struct_sheet_range.id 
_struct_sheet_range.beg_label_comp_id 
_struct_sheet_range.beg_label_asym_id 
_struct_sheet_range.beg_label_seq_id 
_struct_sheet_range.pdbx_beg_PDB_ins_code 
_struct_sheet_range.end_label_comp_id 
_struct_sheet_range.end_label_asym_id 
_struct_sheet_range.end_label_seq_id 
_struct_sheet_range.pdbx_end_PDB_ins_code 
_struct_sheet_range.beg_auth_comp_id 
_struct_sheet_range.beg_auth_asym_id 
_struct_sheet_range.beg_auth_seq_id 
_struct_sheet_range.end_auth_comp_id 
_struct_sheet_range.end_auth_asym_id 
_struct_sheet_range.end_auth_seq_id 
AA1 1 VAL A 49  ? VAL A 50  ? VAL A 49  VAL A 50  
AA1 2 GLY A 73  ? VAL A 78  ? GLY A 73  VAL A 78  
AA1 3 ASP A 54  ? GLU A 55  ? ASP A 54  GLU A 55  
AA2 1 VAL A 49  ? VAL A 50  ? VAL A 49  VAL A 50  
AA2 2 GLY A 73  ? VAL A 78  ? GLY A 73  VAL A 78  
AA2 3 PHE A 143 ? THR A 144 ? PHE A 143 THR A 144 
# 
loop_
_pdbx_struct_sheet_hbond.sheet_id 
_pdbx_struct_sheet_hbond.range_id_1 
_pdbx_struct_sheet_hbond.range_id_2 
_pdbx_struct_sheet_hbond.range_1_label_atom_id 
_pdbx_struct_sheet_hbond.range_1_label_comp_id 
_pdbx_struct_sheet_hbond.range_1_label_asym_id 
_pdbx_struct_sheet_hbond.range_1_label_seq_id 
_pdbx_struct_sheet_hbond.range_1_PDB_ins_code 
_pdbx_struct_sheet_hbond.range_1_auth_atom_id 
_pdbx_struct_sheet_hbond.range_1_auth_comp_id 
_pdbx_struct_sheet_hbond.range_1_auth_asym_id 
_pdbx_struct_sheet_hbond.range_1_auth_seq_id 
_pdbx_struct_sheet_hbond.range_2_label_atom_id 
_pdbx_struct_sheet_hbond.range_2_label_comp_id 
_pdbx_struct_sheet_hbond.range_2_label_asym_id 
_pdbx_struct_sheet_hbond.range_2_label_seq_id 
_pdbx_struct_sheet_hbond.range_2_PDB_ins_code 
_pdbx_struct_sheet_hbond.range_2_auth_atom_id 
_pdbx_struct_sheet_hbond.range_2_auth_comp_id 
_pdbx_struct_sheet_hbond.range_2_auth_asym_id 
_pdbx_struct_sheet_hbond.range_2_auth_seq_id 
AA1 1 2 N VAL A 50 ? N VAL A 50 O ALA A 77  ? O ALA A 77  
AA1 2 3 O GLY A 73 ? O GLY A 73 N GLU A 55  ? N GLU A 55  
AA2 1 2 N VAL A 50 ? N VAL A 50 O ALA A 77  ? O ALA A 77  
AA2 2 3 N TRP A 76 ? N TRP A 76 O PHE A 143 ? O PHE A 143 
# 
_pdbx_entry_details.entry_id                   8RK9 
_pdbx_entry_details.compound_details           ? 
_pdbx_entry_details.source_details             ? 
_pdbx_entry_details.nonpolymer_details         ? 
_pdbx_entry_details.sequence_details           ? 
_pdbx_entry_details.has_ligand_of_interest     ? 
_pdbx_entry_details.has_protein_modification   N 
# 
loop_
_pdbx_validate_torsion.id 
_pdbx_validate_torsion.PDB_model_num 
_pdbx_validate_torsion.auth_comp_id 
_pdbx_validate_torsion.auth_asym_id 
_pdbx_validate_torsion.auth_seq_id 
_pdbx_validate_torsion.PDB_ins_code 
_pdbx_validate_torsion.label_alt_id 
_pdbx_validate_torsion.phi 
_pdbx_validate_torsion.psi 
1 1 SER A 20  ? ? -140.43 30.38   
2 1 ALA A 60  ? ? -160.19 -169.37 
3 1 GLN A 66  ? ? -58.76  172.16  
4 1 ARG A 67  ? ? 61.09   -0.97   
5 1 THR A 71  ? ? -68.24  98.26   
6 1 SER A 88  ? ? 81.66   11.53   
7 1 SER A 134 ? ? 72.08   -1.47   
8 1 LEU A 137 ? ? -170.27 129.92  
# 
_em_3d_fitting.id                1 
_em_3d_fitting.entry_id          8RK9 
_em_3d_fitting.method            ? 
_em_3d_fitting.target_criteria   ? 
_em_3d_fitting.details           ? 
_em_3d_fitting.overall_b_value   ? 
_em_3d_fitting.ref_space         REAL 
_em_3d_fitting.ref_protocol      'AB INITIO MODEL' 
# 
_em_3d_reconstruction.entry_id                    8RK9 
_em_3d_reconstruction.id                          1 
_em_3d_reconstruction.method                      ? 
_em_3d_reconstruction.algorithm                   'FOURIER SPACE' 
_em_3d_reconstruction.citation_id                 ? 
_em_3d_reconstruction.details                     ? 
_em_3d_reconstruction.resolution                  3.95 
_em_3d_reconstruction.resolution_method           'FSC 0.143 CUT-OFF' 
_em_3d_reconstruction.magnification_calibration   ? 
_em_3d_reconstruction.nominal_pixel_size          ? 
_em_3d_reconstruction.actual_pixel_size           ? 
_em_3d_reconstruction.num_particles               3559 
_em_3d_reconstruction.euler_angles_details        ? 
_em_3d_reconstruction.num_class_averages          1 
_em_3d_reconstruction.refinement_type             ? 
_em_3d_reconstruction.image_processing_id         1 
_em_3d_reconstruction.symmetry_type               POINT 
# 
_em_buffer.id            1 
_em_buffer.specimen_id   1 
_em_buffer.name          ? 
_em_buffer.details       '10 mM MgSO4, 10 mM NaCl, 50 mM Tris pH 8' 
_em_buffer.pH            8 
# 
_em_entity_assembly.id                   1 
_em_entity_assembly.parent_id            0 
_em_entity_assembly.source               NATURAL 
_em_entity_assembly.type                 VIRUS 
_em_entity_assembly.name                 'Pseudomonas phage JBD30' 
_em_entity_assembly.details              
'Phage JBD30 was propagated in P. aeruginosa strain BAA-28 and purified using CsCl gradient.' 
_em_entity_assembly.synonym              ? 
_em_entity_assembly.oligomeric_details   ? 
_em_entity_assembly.entity_id_list       1 
# 
_em_image_scans.entry_id                8RK9 
_em_image_scans.id                      1 
_em_image_scans.number_digital_images   ? 
_em_image_scans.details                 ? 
_em_image_scans.scanner_model           ? 
_em_image_scans.sampling_size           ? 
_em_image_scans.od_range                ? 
_em_image_scans.quant_bit_size          ? 
_em_image_scans.citation_id             ? 
_em_image_scans.dimension_height        4092 
_em_image_scans.dimension_width         5760 
_em_image_scans.frames_per_image        ? 
_em_image_scans.image_recording_id      1 
_em_image_scans.used_frames_per_image   ? 
# 
_em_imaging.entry_id                        8RK9 
_em_imaging.id                              1 
_em_imaging.astigmatism                     ? 
_em_imaging.electron_beam_tilt_params       ? 
_em_imaging.residual_tilt                   ? 
_em_imaging.microscope_model                'FEI TITAN KRIOS' 
_em_imaging.specimen_holder_type            ? 
_em_imaging.specimen_holder_model           'FEI TITAN KRIOS AUTOGRID HOLDER' 
_em_imaging.details                         ? 
_em_imaging.date                            ? 
_em_imaging.accelerating_voltage            300 
_em_imaging.illumination_mode               'FLOOD BEAM' 
_em_imaging.mode                            'BRIGHT FIELD' 
_em_imaging.nominal_cs                      2.7 
_em_imaging.nominal_defocus_min             600 
_em_imaging.nominal_defocus_max             1600 
_em_imaging.calibrated_defocus_min          ? 
_em_imaging.calibrated_defocus_max          ? 
_em_imaging.tilt_angle_min                  ? 
_em_imaging.tilt_angle_max                  ? 
_em_imaging.nominal_magnification           105000 
_em_imaging.calibrated_magnification        ? 
_em_imaging.electron_source                 'FIELD EMISSION GUN' 
_em_imaging.citation_id                     ? 
_em_imaging.temperature                     ? 
_em_imaging.detector_distance               ? 
_em_imaging.recording_temperature_minimum   ? 
_em_imaging.recording_temperature_maximum   ? 
_em_imaging.alignment_procedure             'COMA FREE' 
_em_imaging.c2_aperture_diameter            50 
_em_imaging.specimen_id                     1 
_em_imaging.cryogen                         NITROGEN 
# 
_em_sample_support.id               1 
_em_sample_support.film_material    ? 
_em_sample_support.method           ? 
_em_sample_support.grid_material    COPPER 
_em_sample_support.grid_mesh_size   300 
_em_sample_support.grid_type        'Quantifoil R2/1' 
_em_sample_support.details          'Gatan Solarus II' 
_em_sample_support.specimen_id      1 
_em_sample_support.citation_id      ? 
# 
_em_virus_entity.id                    1 
_em_virus_entity.virus_host_category   ? 
_em_virus_entity.virus_type            VIRION 
_em_virus_entity.virus_isolate         STRAIN 
_em_virus_entity.entity_assembly_id    1 
_em_virus_entity.enveloped             NO 
_em_virus_entity.empty                 NO 
_em_virus_entity.details               ? 
# 
_em_vitrification.entry_id              8RK9 
_em_vitrification.id                    1 
_em_vitrification.specimen_id           1 
_em_vitrification.cryogen_name          ETHANE 
_em_vitrification.humidity              100 
_em_vitrification.temp                  ? 
_em_vitrification.chamber_temperature   277.15 
_em_vitrification.instrument            'FEI VITROBOT MARK IV' 
_em_vitrification.method                ? 
_em_vitrification.time_resolved_state   ? 
_em_vitrification.citation_id           ? 
_em_vitrification.details               'blotting force 0, blotting time 2 s, waiting time 15 s' 
# 
_em_experiment.entry_id                8RK9 
_em_experiment.id                      1 
_em_experiment.reconstruction_method   'SINGLE PARTICLE' 
_em_experiment.aggregation_state       PARTICLE 
_em_experiment.entity_assembly_id      1 
# 
_em_single_particle_entity.entry_id              8RK9 
_em_single_particle_entity.id                    1 
_em_single_particle_entity.image_processing_id   1 
_em_single_particle_entity.point_symmetry        C6 
# 
loop_
_pdbx_unobs_or_zero_occ_residues.id 
_pdbx_unobs_or_zero_occ_residues.PDB_model_num 
_pdbx_unobs_or_zero_occ_residues.polymer_flag 
_pdbx_unobs_or_zero_occ_residues.occupancy_flag 
_pdbx_unobs_or_zero_occ_residues.auth_asym_id 
_pdbx_unobs_or_zero_occ_residues.auth_comp_id 
_pdbx_unobs_or_zero_occ_residues.auth_seq_id 
_pdbx_unobs_or_zero_occ_residues.PDB_ins_code 
_pdbx_unobs_or_zero_occ_residues.label_asym_id 
_pdbx_unobs_or_zero_occ_residues.label_comp_id 
_pdbx_unobs_or_zero_occ_residues.label_seq_id 
1  1 Y 1 A MET 1   ? A MET 1   
2  1 Y 1 A SER 2   ? A SER 2   
3  1 Y 1 A ASP 3   ? A ASP 3   
4  1 Y 1 A PRO 4   ? A PRO 4   
5  1 Y 1 A PHE 5   ? A PHE 5   
6  1 Y 1 A ASP 6   ? A ASP 6   
7  1 Y 1 A TYR 7   ? A TYR 7   
8  1 Y 1 A LEU 8   ? A LEU 8   
9  1 Y 1 A ASP 33  ? A ASP 33  
10 1 Y 1 A LEU 34  ? A LEU 34  
11 1 Y 1 A ALA 35  ? A ALA 35  
12 1 Y 1 A VAL 148 ? A VAL 148 
13 1 Y 1 A TYR 149 ? A TYR 149 
14 1 Y 1 A PRO 150 ? A PRO 150 
15 1 Y 1 A ARG 151 ? A ARG 151 
16 1 Y 1 A ILE 152 ? A ILE 152 
17 1 Y 1 A LYS 153 ? A LYS 153 
18 1 Y 1 A SER 154 ? A SER 154 
19 1 Y 1 A TRP 155 ? A TRP 155 
20 1 Y 1 A LYS 156 ? A LYS 156 
21 1 Y 1 A PRO 157 ? A PRO 157 
# 
loop_
_chem_comp_atom.comp_id 
_chem_comp_atom.atom_id 
_chem_comp_atom.type_symbol 
_chem_comp_atom.pdbx_aromatic_flag 
_chem_comp_atom.pdbx_stereo_config 
_chem_comp_atom.pdbx_ordinal 
ALA N    N N N 1   
ALA CA   C N S 2   
ALA C    C N N 3   
ALA O    O N N 4   
ALA CB   C N N 5   
ALA OXT  O N N 6   
ALA H    H N N 7   
ALA H2   H N N 8   
ALA HA   H N N 9   
ALA HB1  H N N 10  
ALA HB2  H N N 11  
ALA HB3  H N N 12  
ALA HXT  H N N 13  
ARG N    N N N 14  
ARG CA   C N S 15  
ARG C    C N N 16  
ARG O    O N N 17  
ARG CB   C N N 18  
ARG CG   C N N 19  
ARG CD   C N N 20  
ARG NE   N N N 21  
ARG CZ   C N N 22  
ARG NH1  N N N 23  
ARG NH2  N N N 24  
ARG OXT  O N N 25  
ARG H    H N N 26  
ARG H2   H N N 27  
ARG HA   H N N 28  
ARG HB2  H N N 29  
ARG HB3  H N N 30  
ARG HG2  H N N 31  
ARG HG3  H N N 32  
ARG HD2  H N N 33  
ARG HD3  H N N 34  
ARG HE   H N N 35  
ARG HH11 H N N 36  
ARG HH12 H N N 37  
ARG HH21 H N N 38  
ARG HH22 H N N 39  
ARG HXT  H N N 40  
ASN N    N N N 41  
ASN CA   C N S 42  
ASN C    C N N 43  
ASN O    O N N 44  
ASN CB   C N N 45  
ASN CG   C N N 46  
ASN OD1  O N N 47  
ASN ND2  N N N 48  
ASN OXT  O N N 49  
ASN H    H N N 50  
ASN H2   H N N 51  
ASN HA   H N N 52  
ASN HB2  H N N 53  
ASN HB3  H N N 54  
ASN HD21 H N N 55  
ASN HD22 H N N 56  
ASN HXT  H N N 57  
ASP N    N N N 58  
ASP CA   C N S 59  
ASP C    C N N 60  
ASP O    O N N 61  
ASP CB   C N N 62  
ASP CG   C N N 63  
ASP OD1  O N N 64  
ASP OD2  O N N 65  
ASP OXT  O N N 66  
ASP H    H N N 67  
ASP H2   H N N 68  
ASP HA   H N N 69  
ASP HB2  H N N 70  
ASP HB3  H N N 71  
ASP HD2  H N N 72  
ASP HXT  H N N 73  
GLN N    N N N 74  
GLN CA   C N S 75  
GLN C    C N N 76  
GLN O    O N N 77  
GLN CB   C N N 78  
GLN CG   C N N 79  
GLN CD   C N N 80  
GLN OE1  O N N 81  
GLN NE2  N N N 82  
GLN OXT  O N N 83  
GLN H    H N N 84  
GLN H2   H N N 85  
GLN HA   H N N 86  
GLN HB2  H N N 87  
GLN HB3  H N N 88  
GLN HG2  H N N 89  
GLN HG3  H N N 90  
GLN HE21 H N N 91  
GLN HE22 H N N 92  
GLN HXT  H N N 93  
GLU N    N N N 94  
GLU CA   C N S 95  
GLU C    C N N 96  
GLU O    O N N 97  
GLU CB   C N N 98  
GLU CG   C N N 99  
GLU CD   C N N 100 
GLU OE1  O N N 101 
GLU OE2  O N N 102 
GLU OXT  O N N 103 
GLU H    H N N 104 
GLU H2   H N N 105 
GLU HA   H N N 106 
GLU HB2  H N N 107 
GLU HB3  H N N 108 
GLU HG2  H N N 109 
GLU HG3  H N N 110 
GLU HE2  H N N 111 
GLU HXT  H N N 112 
GLY N    N N N 113 
GLY CA   C N N 114 
GLY C    C N N 115 
GLY O    O N N 116 
GLY OXT  O N N 117 
GLY H    H N N 118 
GLY H2   H N N 119 
GLY HA2  H N N 120 
GLY HA3  H N N 121 
GLY HXT  H N N 122 
HIS N    N N N 123 
HIS CA   C N S 124 
HIS C    C N N 125 
HIS O    O N N 126 
HIS CB   C N N 127 
HIS CG   C Y N 128 
HIS ND1  N Y N 129 
HIS CD2  C Y N 130 
HIS CE1  C Y N 131 
HIS NE2  N Y N 132 
HIS OXT  O N N 133 
HIS H    H N N 134 
HIS H2   H N N 135 
HIS HA   H N N 136 
HIS HB2  H N N 137 
HIS HB3  H N N 138 
HIS HD1  H N N 139 
HIS HD2  H N N 140 
HIS HE1  H N N 141 
HIS HE2  H N N 142 
HIS HXT  H N N 143 
ILE N    N N N 144 
ILE CA   C N S 145 
ILE C    C N N 146 
ILE O    O N N 147 
ILE CB   C N S 148 
ILE CG1  C N N 149 
ILE CG2  C N N 150 
ILE CD1  C N N 151 
ILE OXT  O N N 152 
ILE H    H N N 153 
ILE H2   H N N 154 
ILE HA   H N N 155 
ILE HB   H N N 156 
ILE HG12 H N N 157 
ILE HG13 H N N 158 
ILE HG21 H N N 159 
ILE HG22 H N N 160 
ILE HG23 H N N 161 
ILE HD11 H N N 162 
ILE HD12 H N N 163 
ILE HD13 H N N 164 
ILE HXT  H N N 165 
LEU N    N N N 166 
LEU CA   C N S 167 
LEU C    C N N 168 
LEU O    O N N 169 
LEU CB   C N N 170 
LEU CG   C N N 171 
LEU CD1  C N N 172 
LEU CD2  C N N 173 
LEU OXT  O N N 174 
LEU H    H N N 175 
LEU H2   H N N 176 
LEU HA   H N N 177 
LEU HB2  H N N 178 
LEU HB3  H N N 179 
LEU HG   H N N 180 
LEU HD11 H N N 181 
LEU HD12 H N N 182 
LEU HD13 H N N 183 
LEU HD21 H N N 184 
LEU HD22 H N N 185 
LEU HD23 H N N 186 
LEU HXT  H N N 187 
LYS N    N N N 188 
LYS CA   C N S 189 
LYS C    C N N 190 
LYS O    O N N 191 
LYS CB   C N N 192 
LYS CG   C N N 193 
LYS CD   C N N 194 
LYS CE   C N N 195 
LYS NZ   N N N 196 
LYS OXT  O N N 197 
LYS H    H N N 198 
LYS H2   H N N 199 
LYS HA   H N N 200 
LYS HB2  H N N 201 
LYS HB3  H N N 202 
LYS HG2  H N N 203 
LYS HG3  H N N 204 
LYS HD2  H N N 205 
LYS HD3  H N N 206 
LYS HE2  H N N 207 
LYS HE3  H N N 208 
LYS HZ1  H N N 209 
LYS HZ2  H N N 210 
LYS HZ3  H N N 211 
LYS HXT  H N N 212 
MET N    N N N 213 
MET CA   C N S 214 
MET C    C N N 215 
MET O    O N N 216 
MET CB   C N N 217 
MET CG   C N N 218 
MET SD   S N N 219 
MET CE   C N N 220 
MET OXT  O N N 221 
MET H    H N N 222 
MET H2   H N N 223 
MET HA   H N N 224 
MET HB2  H N N 225 
MET HB3  H N N 226 
MET HG2  H N N 227 
MET HG3  H N N 228 
MET HE1  H N N 229 
MET HE2  H N N 230 
MET HE3  H N N 231 
MET HXT  H N N 232 
PHE N    N N N 233 
PHE CA   C N S 234 
PHE C    C N N 235 
PHE O    O N N 236 
PHE CB   C N N 237 
PHE CG   C Y N 238 
PHE CD1  C Y N 239 
PHE CD2  C Y N 240 
PHE CE1  C Y N 241 
PHE CE2  C Y N 242 
PHE CZ   C Y N 243 
PHE OXT  O N N 244 
PHE H    H N N 245 
PHE H2   H N N 246 
PHE HA   H N N 247 
PHE HB2  H N N 248 
PHE HB3  H N N 249 
PHE HD1  H N N 250 
PHE HD2  H N N 251 
PHE HE1  H N N 252 
PHE HE2  H N N 253 
PHE HZ   H N N 254 
PHE HXT  H N N 255 
PRO N    N N N 256 
PRO CA   C N S 257 
PRO C    C N N 258 
PRO O    O N N 259 
PRO CB   C N N 260 
PRO CG   C N N 261 
PRO CD   C N N 262 
PRO OXT  O N N 263 
PRO H    H N N 264 
PRO HA   H N N 265 
PRO HB2  H N N 266 
PRO HB3  H N N 267 
PRO HG2  H N N 268 
PRO HG3  H N N 269 
PRO HD2  H N N 270 
PRO HD3  H N N 271 
PRO HXT  H N N 272 
SER N    N N N 273 
SER CA   C N S 274 
SER C    C N N 275 
SER O    O N N 276 
SER CB   C N N 277 
SER OG   O N N 278 
SER OXT  O N N 279 
SER H    H N N 280 
SER H2   H N N 281 
SER HA   H N N 282 
SER HB2  H N N 283 
SER HB3  H N N 284 
SER HG   H N N 285 
SER HXT  H N N 286 
THR N    N N N 287 
THR CA   C N S 288 
THR C    C N N 289 
THR O    O N N 290 
THR CB   C N R 291 
THR OG1  O N N 292 
THR CG2  C N N 293 
THR OXT  O N N 294 
THR H    H N N 295 
THR H2   H N N 296 
THR HA   H N N 297 
THR HB   H N N 298 
THR HG1  H N N 299 
THR HG21 H N N 300 
THR HG22 H N N 301 
THR HG23 H N N 302 
THR HXT  H N N 303 
TRP N    N N N 304 
TRP CA   C N S 305 
TRP C    C N N 306 
TRP O    O N N 307 
TRP CB   C N N 308 
TRP CG   C Y N 309 
TRP CD1  C Y N 310 
TRP CD2  C Y N 311 
TRP NE1  N Y N 312 
TRP CE2  C Y N 313 
TRP CE3  C Y N 314 
TRP CZ2  C Y N 315 
TRP CZ3  C Y N 316 
TRP CH2  C Y N 317 
TRP OXT  O N N 318 
TRP H    H N N 319 
TRP H2   H N N 320 
TRP HA   H N N 321 
TRP HB2  H N N 322 
TRP HB3  H N N 323 
TRP HD1  H N N 324 
TRP HE1  H N N 325 
TRP HE3  H N N 326 
TRP HZ2  H N N 327 
TRP HZ3  H N N 328 
TRP HH2  H N N 329 
TRP HXT  H N N 330 
TYR N    N N N 331 
TYR CA   C N S 332 
TYR C    C N N 333 
TYR O    O N N 334 
TYR CB   C N N 335 
TYR CG   C Y N 336 
TYR CD1  C Y N 337 
TYR CD2  C Y N 338 
TYR CE1  C Y N 339 
TYR CE2  C Y N 340 
TYR CZ   C Y N 341 
TYR OH   O N N 342 
TYR OXT  O N N 343 
TYR H    H N N 344 
TYR H2   H N N 345 
TYR HA   H N N 346 
TYR HB2  H N N 347 
TYR HB3  H N N 348 
TYR HD1  H N N 349 
TYR HD2  H N N 350 
TYR HE1  H N N 351 
TYR HE2  H N N 352 
TYR HH   H N N 353 
TYR HXT  H N N 354 
VAL N    N N N 355 
VAL CA   C N S 356 
VAL C    C N N 357 
VAL O    O N N 358 
VAL CB   C N N 359 
VAL CG1  C N N 360 
VAL CG2  C N N 361 
VAL OXT  O N N 362 
VAL H    H N N 363 
VAL H2   H N N 364 
VAL HA   H N N 365 
VAL HB   H N N 366 
VAL HG11 H N N 367 
VAL HG12 H N N 368 
VAL HG13 H N N 369 
VAL HG21 H N N 370 
VAL HG22 H N N 371 
VAL HG23 H N N 372 
VAL HXT  H N N 373 
# 
loop_
_chem_comp_bond.comp_id 
_chem_comp_bond.atom_id_1 
_chem_comp_bond.atom_id_2 
_chem_comp_bond.value_order 
_chem_comp_bond.pdbx_aromatic_flag 
_chem_comp_bond.pdbx_stereo_config 
_chem_comp_bond.pdbx_ordinal 
ALA N   CA   sing N N 1   
ALA N   H    sing N N 2   
ALA N   H2   sing N N 3   
ALA CA  C    sing N N 4   
ALA CA  CB   sing N N 5   
ALA CA  HA   sing N N 6   
ALA C   O    doub N N 7   
ALA C   OXT  sing N N 8   
ALA CB  HB1  sing N N 9   
ALA CB  HB2  sing N N 10  
ALA CB  HB3  sing N N 11  
ALA OXT HXT  sing N N 12  
ARG N   CA   sing N N 13  
ARG N   H    sing N N 14  
ARG N   H2   sing N N 15  
ARG CA  C    sing N N 16  
ARG CA  CB   sing N N 17  
ARG CA  HA   sing N N 18  
ARG C   O    doub N N 19  
ARG C   OXT  sing N N 20  
ARG CB  CG   sing N N 21  
ARG CB  HB2  sing N N 22  
ARG CB  HB3  sing N N 23  
ARG CG  CD   sing N N 24  
ARG CG  HG2  sing N N 25  
ARG CG  HG3  sing N N 26  
ARG CD  NE   sing N N 27  
ARG CD  HD2  sing N N 28  
ARG CD  HD3  sing N N 29  
ARG NE  CZ   sing N N 30  
ARG NE  HE   sing N N 31  
ARG CZ  NH1  sing N N 32  
ARG CZ  NH2  doub N N 33  
ARG NH1 HH11 sing N N 34  
ARG NH1 HH12 sing N N 35  
ARG NH2 HH21 sing N N 36  
ARG NH2 HH22 sing N N 37  
ARG OXT HXT  sing N N 38  
ASN N   CA   sing N N 39  
ASN N   H    sing N N 40  
ASN N   H2   sing N N 41  
ASN CA  C    sing N N 42  
ASN CA  CB   sing N N 43  
ASN CA  HA   sing N N 44  
ASN C   O    doub N N 45  
ASN C   OXT  sing N N 46  
ASN CB  CG   sing N N 47  
ASN CB  HB2  sing N N 48  
ASN CB  HB3  sing N N 49  
ASN CG  OD1  doub N N 50  
ASN CG  ND2  sing N N 51  
ASN ND2 HD21 sing N N 52  
ASN ND2 HD22 sing N N 53  
ASN OXT HXT  sing N N 54  
ASP N   CA   sing N N 55  
ASP N   H    sing N N 56  
ASP N   H2   sing N N 57  
ASP CA  C    sing N N 58  
ASP CA  CB   sing N N 59  
ASP CA  HA   sing N N 60  
ASP C   O    doub N N 61  
ASP C   OXT  sing N N 62  
ASP CB  CG   sing N N 63  
ASP CB  HB2  sing N N 64  
ASP CB  HB3  sing N N 65  
ASP CG  OD1  doub N N 66  
ASP CG  OD2  sing N N 67  
ASP OD2 HD2  sing N N 68  
ASP OXT HXT  sing N N 69  
GLN N   CA   sing N N 70  
GLN N   H    sing N N 71  
GLN N   H2   sing N N 72  
GLN CA  C    sing N N 73  
GLN CA  CB   sing N N 74  
GLN CA  HA   sing N N 75  
GLN C   O    doub N N 76  
GLN C   OXT  sing N N 77  
GLN CB  CG   sing N N 78  
GLN CB  HB2  sing N N 79  
GLN CB  HB3  sing N N 80  
GLN CG  CD   sing N N 81  
GLN CG  HG2  sing N N 82  
GLN CG  HG3  sing N N 83  
GLN CD  OE1  doub N N 84  
GLN CD  NE2  sing N N 85  
GLN NE2 HE21 sing N N 86  
GLN NE2 HE22 sing N N 87  
GLN OXT HXT  sing N N 88  
GLU N   CA   sing N N 89  
GLU N   H    sing N N 90  
GLU N   H2   sing N N 91  
GLU CA  C    sing N N 92  
GLU CA  CB   sing N N 93  
GLU CA  HA   sing N N 94  
GLU C   O    doub N N 95  
GLU C   OXT  sing N N 96  
GLU CB  CG   sing N N 97  
GLU CB  HB2  sing N N 98  
GLU CB  HB3  sing N N 99  
GLU CG  CD   sing N N 100 
GLU CG  HG2  sing N N 101 
GLU CG  HG3  sing N N 102 
GLU CD  OE1  doub N N 103 
GLU CD  OE2  sing N N 104 
GLU OE2 HE2  sing N N 105 
GLU OXT HXT  sing N N 106 
GLY N   CA   sing N N 107 
GLY N   H    sing N N 108 
GLY N   H2   sing N N 109 
GLY CA  C    sing N N 110 
GLY CA  HA2  sing N N 111 
GLY CA  HA3  sing N N 112 
GLY C   O    doub N N 113 
GLY C   OXT  sing N N 114 
GLY OXT HXT  sing N N 115 
HIS N   CA   sing N N 116 
HIS N   H    sing N N 117 
HIS N   H2   sing N N 118 
HIS CA  C    sing N N 119 
HIS CA  CB   sing N N 120 
HIS CA  HA   sing N N 121 
HIS C   O    doub N N 122 
HIS C   OXT  sing N N 123 
HIS CB  CG   sing N N 124 
HIS CB  HB2  sing N N 125 
HIS CB  HB3  sing N N 126 
HIS CG  ND1  sing Y N 127 
HIS CG  CD2  doub Y N 128 
HIS ND1 CE1  doub Y N 129 
HIS ND1 HD1  sing N N 130 
HIS CD2 NE2  sing Y N 131 
HIS CD2 HD2  sing N N 132 
HIS CE1 NE2  sing Y N 133 
HIS CE1 HE1  sing N N 134 
HIS NE2 HE2  sing N N 135 
HIS OXT HXT  sing N N 136 
ILE N   CA   sing N N 137 
ILE N   H    sing N N 138 
ILE N   H2   sing N N 139 
ILE CA  C    sing N N 140 
ILE CA  CB   sing N N 141 
ILE CA  HA   sing N N 142 
ILE C   O    doub N N 143 
ILE C   OXT  sing N N 144 
ILE CB  CG1  sing N N 145 
ILE CB  CG2  sing N N 146 
ILE CB  HB   sing N N 147 
ILE CG1 CD1  sing N N 148 
ILE CG1 HG12 sing N N 149 
ILE CG1 HG13 sing N N 150 
ILE CG2 HG21 sing N N 151 
ILE CG2 HG22 sing N N 152 
ILE CG2 HG23 sing N N 153 
ILE CD1 HD11 sing N N 154 
ILE CD1 HD12 sing N N 155 
ILE CD1 HD13 sing N N 156 
ILE OXT HXT  sing N N 157 
LEU N   CA   sing N N 158 
LEU N   H    sing N N 159 
LEU N   H2   sing N N 160 
LEU CA  C    sing N N 161 
LEU CA  CB   sing N N 162 
LEU CA  HA   sing N N 163 
LEU C   O    doub N N 164 
LEU C   OXT  sing N N 165 
LEU CB  CG   sing N N 166 
LEU CB  HB2  sing N N 167 
LEU CB  HB3  sing N N 168 
LEU CG  CD1  sing N N 169 
LEU CG  CD2  sing N N 170 
LEU CG  HG   sing N N 171 
LEU CD1 HD11 sing N N 172 
LEU CD1 HD12 sing N N 173 
LEU CD1 HD13 sing N N 174 
LEU CD2 HD21 sing N N 175 
LEU CD2 HD22 sing N N 176 
LEU CD2 HD23 sing N N 177 
LEU OXT HXT  sing N N 178 
LYS N   CA   sing N N 179 
LYS N   H    sing N N 180 
LYS N   H2   sing N N 181 
LYS CA  C    sing N N 182 
LYS CA  CB   sing N N 183 
LYS CA  HA   sing N N 184 
LYS C   O    doub N N 185 
LYS C   OXT  sing N N 186 
LYS CB  CG   sing N N 187 
LYS CB  HB2  sing N N 188 
LYS CB  HB3  sing N N 189 
LYS CG  CD   sing N N 190 
LYS CG  HG2  sing N N 191 
LYS CG  HG3  sing N N 192 
LYS CD  CE   sing N N 193 
LYS CD  HD2  sing N N 194 
LYS CD  HD3  sing N N 195 
LYS CE  NZ   sing N N 196 
LYS CE  HE2  sing N N 197 
LYS CE  HE3  sing N N 198 
LYS NZ  HZ1  sing N N 199 
LYS NZ  HZ2  sing N N 200 
LYS NZ  HZ3  sing N N 201 
LYS OXT HXT  sing N N 202 
MET N   CA   sing N N 203 
MET N   H    sing N N 204 
MET N   H2   sing N N 205 
MET CA  C    sing N N 206 
MET CA  CB   sing N N 207 
MET CA  HA   sing N N 208 
MET C   O    doub N N 209 
MET C   OXT  sing N N 210 
MET CB  CG   sing N N 211 
MET CB  HB2  sing N N 212 
MET CB  HB3  sing N N 213 
MET CG  SD   sing N N 214 
MET CG  HG2  sing N N 215 
MET CG  HG3  sing N N 216 
MET SD  CE   sing N N 217 
MET CE  HE1  sing N N 218 
MET CE  HE2  sing N N 219 
MET CE  HE3  sing N N 220 
MET OXT HXT  sing N N 221 
PHE N   CA   sing N N 222 
PHE N   H    sing N N 223 
PHE N   H2   sing N N 224 
PHE CA  C    sing N N 225 
PHE CA  CB   sing N N 226 
PHE CA  HA   sing N N 227 
PHE C   O    doub N N 228 
PHE C   OXT  sing N N 229 
PHE CB  CG   sing N N 230 
PHE CB  HB2  sing N N 231 
PHE CB  HB3  sing N N 232 
PHE CG  CD1  doub Y N 233 
PHE CG  CD2  sing Y N 234 
PHE CD1 CE1  sing Y N 235 
PHE CD1 HD1  sing N N 236 
PHE CD2 CE2  doub Y N 237 
PHE CD2 HD2  sing N N 238 
PHE CE1 CZ   doub Y N 239 
PHE CE1 HE1  sing N N 240 
PHE CE2 CZ   sing Y N 241 
PHE CE2 HE2  sing N N 242 
PHE CZ  HZ   sing N N 243 
PHE OXT HXT  sing N N 244 
PRO N   CA   sing N N 245 
PRO N   CD   sing N N 246 
PRO N   H    sing N N 247 
PRO CA  C    sing N N 248 
PRO CA  CB   sing N N 249 
PRO CA  HA   sing N N 250 
PRO C   O    doub N N 251 
PRO C   OXT  sing N N 252 
PRO CB  CG   sing N N 253 
PRO CB  HB2  sing N N 254 
PRO CB  HB3  sing N N 255 
PRO CG  CD   sing N N 256 
PRO CG  HG2  sing N N 257 
PRO CG  HG3  sing N N 258 
PRO CD  HD2  sing N N 259 
PRO CD  HD3  sing N N 260 
PRO OXT HXT  sing N N 261 
SER N   CA   sing N N 262 
SER N   H    sing N N 263 
SER N   H2   sing N N 264 
SER CA  C    sing N N 265 
SER CA  CB   sing N N 266 
SER CA  HA   sing N N 267 
SER C   O    doub N N 268 
SER C   OXT  sing N N 269 
SER CB  OG   sing N N 270 
SER CB  HB2  sing N N 271 
SER CB  HB3  sing N N 272 
SER OG  HG   sing N N 273 
SER OXT HXT  sing N N 274 
THR N   CA   sing N N 275 
THR N   H    sing N N 276 
THR N   H2   sing N N 277 
THR CA  C    sing N N 278 
THR CA  CB   sing N N 279 
THR CA  HA   sing N N 280 
THR C   O    doub N N 281 
THR C   OXT  sing N N 282 
THR CB  OG1  sing N N 283 
THR CB  CG2  sing N N 284 
THR CB  HB   sing N N 285 
THR OG1 HG1  sing N N 286 
THR CG2 HG21 sing N N 287 
THR CG2 HG22 sing N N 288 
THR CG2 HG23 sing N N 289 
THR OXT HXT  sing N N 290 
TRP N   CA   sing N N 291 
TRP N   H    sing N N 292 
TRP N   H2   sing N N 293 
TRP CA  C    sing N N 294 
TRP CA  CB   sing N N 295 
TRP CA  HA   sing N N 296 
TRP C   O    doub N N 297 
TRP C   OXT  sing N N 298 
TRP CB  CG   sing N N 299 
TRP CB  HB2  sing N N 300 
TRP CB  HB3  sing N N 301 
TRP CG  CD1  doub Y N 302 
TRP CG  CD2  sing Y N 303 
TRP CD1 NE1  sing Y N 304 
TRP CD1 HD1  sing N N 305 
TRP CD2 CE2  doub Y N 306 
TRP CD2 CE3  sing Y N 307 
TRP NE1 CE2  sing Y N 308 
TRP NE1 HE1  sing N N 309 
TRP CE2 CZ2  sing Y N 310 
TRP CE3 CZ3  doub Y N 311 
TRP CE3 HE3  sing N N 312 
TRP CZ2 CH2  doub Y N 313 
TRP CZ2 HZ2  sing N N 314 
TRP CZ3 CH2  sing Y N 315 
TRP CZ3 HZ3  sing N N 316 
TRP CH2 HH2  sing N N 317 
TRP OXT HXT  sing N N 318 
TYR N   CA   sing N N 319 
TYR N   H    sing N N 320 
TYR N   H2   sing N N 321 
TYR CA  C    sing N N 322 
TYR CA  CB   sing N N 323 
TYR CA  HA   sing N N 324 
TYR C   O    doub N N 325 
TYR C   OXT  sing N N 326 
TYR CB  CG   sing N N 327 
TYR CB  HB2  sing N N 328 
TYR CB  HB3  sing N N 329 
TYR CG  CD1  doub Y N 330 
TYR CG  CD2  sing Y N 331 
TYR CD1 CE1  sing Y N 332 
TYR CD1 HD1  sing N N 333 
TYR CD2 CE2  doub Y N 334 
TYR CD2 HD2  sing N N 335 
TYR CE1 CZ   doub Y N 336 
TYR CE1 HE1  sing N N 337 
TYR CE2 CZ   sing Y N 338 
TYR CE2 HE2  sing N N 339 
TYR CZ  OH   sing N N 340 
TYR OH  HH   sing N N 341 
TYR OXT HXT  sing N N 342 
VAL N   CA   sing N N 343 
VAL N   H    sing N N 344 
VAL N   H2   sing N N 345 
VAL CA  C    sing N N 346 
VAL CA  CB   sing N N 347 
VAL CA  HA   sing N N 348 
VAL C   O    doub N N 349 
VAL C   OXT  sing N N 350 
VAL CB  CG1  sing N N 351 
VAL CB  CG2  sing N N 352 
VAL CB  HB   sing N N 353 
VAL CG1 HG11 sing N N 354 
VAL CG1 HG12 sing N N 355 
VAL CG1 HG13 sing N N 356 
VAL CG2 HG21 sing N N 357 
VAL CG2 HG22 sing N N 358 
VAL CG2 HG23 sing N N 359 
VAL OXT HXT  sing N N 360 
# 
_em_admin.current_status     REL 
_em_admin.deposition_date    2023-12-23 
_em_admin.deposition_site    PDBE 
_em_admin.entry_id           8RK9 
_em_admin.last_update        2025-07-02 
_em_admin.map_release_date   2024-08-14 
_em_admin.title              'Stopper protein of bacteriophage JBD30 computed in C6 symmetry' 
# 
loop_
_em_buffer_component.buffer_id 
_em_buffer_component.concentration 
_em_buffer_component.concentration_units 
_em_buffer_component.formula 
_em_buffer_component.id 
_em_buffer_component.name 
1 10 mM NaCl     1 'sodium chloride'    
1 10 mM MgSO4    2 'magnesium sulphate' 
1 50 mM Tris-HCl 3 'Tris hydrochloride' 
# 
_em_ctf_correction.details                  ? 
_em_ctf_correction.em_image_processing_id   1 
_em_ctf_correction.id                       1 
_em_ctf_correction.type                     'PHASE FLIPPING ONLY' 
# 
_em_entity_assembly_molwt.entity_assembly_id   1 
_em_entity_assembly_molwt.experimental_flag    NO 
_em_entity_assembly_molwt.id                   1 
_em_entity_assembly_molwt.units                MEGADALTONS 
_em_entity_assembly_molwt.value                0.102 
# 
_em_entity_assembly_naturalsource.cell                 ? 
_em_entity_assembly_naturalsource.cellular_location    ? 
_em_entity_assembly_naturalsource.entity_assembly_id   1 
_em_entity_assembly_naturalsource.id                   2 
_em_entity_assembly_naturalsource.ncbi_tax_id          1223260 
_em_entity_assembly_naturalsource.organism             'Pseudomonas phage JBD30' 
_em_entity_assembly_naturalsource.organelle            ? 
_em_entity_assembly_naturalsource.organ                ? 
_em_entity_assembly_naturalsource.strain               ? 
_em_entity_assembly_naturalsource.tissue               ? 
_em_entity_assembly_naturalsource.details              ? 
# 
_em_image_processing.details              ? 
_em_image_processing.id                   1 
_em_image_processing.image_recording_id   1 
# 
_em_image_recording.average_exposure_time               2 
_em_image_recording.avg_electron_dose_per_subtomogram   ? 
_em_image_recording.avg_electron_dose_per_image         34 
_em_image_recording.details                             ? 
_em_image_recording.detector_mode                       ? 
_em_image_recording.film_or_detector_model              'GATAN K3 (6k x 4k)' 
_em_image_recording.id                                  1 
_em_image_recording.imaging_id                          1 
_em_image_recording.num_diffraction_images              ? 
_em_image_recording.num_grids_imaged                    1 
_em_image_recording.num_real_images                     12356 
# 
_em_imaging_optics.chr_aberration_corrector   ? 
_em_imaging_optics.energyfilter_lower         ? 
_em_imaging_optics.energyfilter_slit_width    10 
_em_imaging_optics.energyfilter_name          'GIF Bioquantum' 
_em_imaging_optics.energyfilter_upper         ? 
_em_imaging_optics.id                         1 
_em_imaging_optics.imaging_id                 1 
_em_imaging_optics.phase_plate                ? 
_em_imaging_optics.sph_aberration_corrector   ? 
_em_imaging_optics.details                    ? 
# 
_em_particle_selection.details                  ? 
_em_particle_selection.id                       1 
_em_particle_selection.image_processing_id      1 
_em_particle_selection.method                   ? 
_em_particle_selection.num_particles_selected   3570 
_em_particle_selection.reference_model          ? 
# 
loop_
_em_software.category 
_em_software.details 
_em_software.id 
_em_software.image_processing_id 
_em_software.fitting_id 
_em_software.imaging_id 
_em_software.name 
_em_software.version 
'PARTICLE SELECTION'       ?                1  1 ? ? crYOLO 1.8     
'IMAGE ACQUISITION'        ?                2  ? ? 1 EPU    ?       
MASKING                    ?                3  ? ? ? ?      ?       
'CTF CORRECTION'           'ctf estimation' 4  1 ? ? Gctf   1.06    
'LAYERLINE INDEXING'       ?                5  ? ? ? ?      ?       
'DIFFRACTION INDEXING'     ?                6  ? ? ? ?      ?       
'MODEL FITTING'            ?                7  ? 1 ? Coot   0.9.8.7 
OTHER                      ?                8  ? ? ? ?      ?       
'INITIAL EULER ASSIGNMENT' ?                9  1 ? ? RELION 3.1     
'FINAL EULER ASSIGNMENT'   ?                10 1 ? ? RELION 3.1     
CLASSIFICATION             ?                11 1 ? ? RELION 3.1     
RECONSTRUCTION             ?                12 1 ? ? RELION 3.1     
'MODEL REFINEMENT'         ?                13 ? 1 ? RELION 3.1     
'MODEL REFINEMENT'         ?                14 ? ? ? PHENIX ?       
# 
_em_specimen.concentration           ? 
_em_specimen.details                 'phage titer 10^11 PFU' 
_em_specimen.embedding_applied       NO 
_em_specimen.experiment_id           1 
_em_specimen.id                      1 
_em_specimen.shadowing_applied       NO 
_em_specimen.staining_applied        NO 
_em_specimen.vitrification_applied   YES 
# 
_em_virus_natural_host.entity_assembly_id   1 
_em_virus_natural_host.id                   1 
_em_virus_natural_host.ncbi_tax_id          287 
_em_virus_natural_host.organism             'Pseudomonas aeruginosa' 
_em_virus_natural_host.strain               BAA-28 
# 
_em_virus_shell.diameter             640 
_em_virus_shell.entity_assembly_id   1 
_em_virus_shell.id                   1 
_em_virus_shell.name                 'JBD30 capsid' 
_em_virus_shell.triangulation        7 
# 
loop_
_pdbx_audit_support.funding_organization 
_pdbx_audit_support.country 
_pdbx_audit_support.grant_number 
_pdbx_audit_support.ordinal 
'Ministry of Education, Youth and Sports of the Czech Republic' 'Czech Republic' LX22NPO5103 1 
'European Research Council (ERC)'                               'European Union' 101043452   2 
# 
_atom_sites.entry_id                    8RK9 
_atom_sites.Cartn_transf_matrix[1][1]   ? 
_atom_sites.Cartn_transf_matrix[1][2]   ? 
_atom_sites.Cartn_transf_matrix[1][3]   ? 
_atom_sites.Cartn_transf_matrix[2][1]   ? 
_atom_sites.Cartn_transf_matrix[2][2]   ? 
_atom_sites.Cartn_transf_matrix[2][3]   ? 
_atom_sites.Cartn_transf_matrix[3][1]   ? 
_atom_sites.Cartn_transf_matrix[3][2]   ? 
_atom_sites.Cartn_transf_matrix[3][3]   ? 
_atom_sites.Cartn_transf_vector[1]      ? 
_atom_sites.Cartn_transf_vector[2]      ? 
_atom_sites.Cartn_transf_vector[3]      ? 
_atom_sites.Cartn_transform_axes        ? 
_atom_sites.fract_transf_matrix[1][1]   1.000000 
_atom_sites.fract_transf_matrix[1][2]   0.000000 
_atom_sites.fract_transf_matrix[1][3]   0.000000 
_atom_sites.fract_transf_matrix[2][1]   0.000000 
_atom_sites.fract_transf_matrix[2][2]   1.000000 
_atom_sites.fract_transf_matrix[2][3]   0.000000 
_atom_sites.fract_transf_matrix[3][1]   0.000000 
_atom_sites.fract_transf_matrix[3][2]   0.000000 
_atom_sites.fract_transf_matrix[3][3]   1.000000 
_atom_sites.fract_transf_vector[1]      0.00000 
_atom_sites.fract_transf_vector[2]      0.00000 
_atom_sites.fract_transf_vector[3]      0.00000 
_atom_sites.solution_primary            ? 
_atom_sites.solution_secondary          ? 
_atom_sites.solution_hydrogens          ? 
_atom_sites.special_details             ? 
# 
loop_
_atom_type.symbol 
C 
N 
O 
# 
loop_
_atom_site.group_PDB 
_atom_site.id 
_atom_site.type_symbol 
_atom_site.label_atom_id 
_atom_site.label_alt_id 
_atom_site.label_comp_id 
_atom_site.label_asym_id 
_atom_site.label_entity_id 
_atom_site.label_seq_id 
_atom_site.pdbx_PDB_ins_code 
_atom_site.Cartn_x 
_atom_site.Cartn_y 
_atom_site.Cartn_z 
_atom_site.occupancy 
_atom_site.B_iso_or_equiv 
_atom_site.pdbx_formal_charge 
_atom_site.auth_seq_id 
_atom_site.auth_comp_id 
_atom_site.auth_asym_id 
_atom_site.auth_atom_id 
_atom_site.pdbx_PDB_model_num 
ATOM 1    N N   . PHE A 1 9   ? 14.680  11.476  -0.527  1.00 25.98 ? 9   PHE A N   1 
ATOM 2    C CA  . PHE A 1 9   ? 14.129  12.825  -0.521  1.00 25.98 ? 9   PHE A CA  1 
ATOM 3    C C   . PHE A 1 9   ? 13.863  13.303  -1.944  1.00 25.98 ? 9   PHE A C   1 
ATOM 4    O O   . PHE A 1 9   ? 14.142  14.449  -2.287  1.00 25.98 ? 9   PHE A O   1 
ATOM 5    C CB  . PHE A 1 9   ? 15.076  13.789  0.202   1.00 25.98 ? 9   PHE A CB  1 
ATOM 6    C CG  . PHE A 1 9   ? 16.419  13.944  -0.458  1.00 25.98 ? 9   PHE A CG  1 
ATOM 7    C CD1 . PHE A 1 9   ? 17.329  12.898  -0.468  1.00 25.98 ? 9   PHE A CD1 1 
ATOM 8    C CD2 . PHE A 1 9   ? 16.778  15.141  -1.057  1.00 25.98 ? 9   PHE A CD2 1 
ATOM 9    C CE1 . PHE A 1 9   ? 18.565  13.041  -1.069  1.00 25.98 ? 9   PHE A CE1 1 
ATOM 10   C CE2 . PHE A 1 9   ? 18.014  15.288  -1.660  1.00 25.98 ? 9   PHE A CE2 1 
ATOM 11   C CZ  . PHE A 1 9   ? 18.907  14.238  -1.665  1.00 25.98 ? 9   PHE A CZ  1 
ATOM 12   N N   . LEU A 1 10  ? 13.337  12.402  -2.777  1.00 27.10 ? 10  LEU A N   1 
ATOM 13   C CA  . LEU A 1 10  ? 12.986  12.745  -4.147  1.00 27.10 ? 10  LEU A CA  1 
ATOM 14   C C   . LEU A 1 10  ? 11.749  12.002  -4.640  1.00 27.10 ? 10  LEU A C   1 
ATOM 15   O O   . LEU A 1 10  ? 11.392  12.146  -5.813  1.00 27.10 ? 10  LEU A O   1 
ATOM 16   C CB  . LEU A 1 10  ? 14.189  12.464  -5.067  1.00 27.10 ? 10  LEU A CB  1 
ATOM 17   C CG  . LEU A 1 10  ? 14.189  12.940  -6.525  1.00 27.10 ? 10  LEU A CG  1 
ATOM 18   C CD1 . LEU A 1 10  ? 15.618  13.280  -6.920  1.00 27.10 ? 10  LEU A CD1 1 
ATOM 19   C CD2 . LEU A 1 10  ? 13.628  11.907  -7.494  1.00 27.10 ? 10  LEU A CD2 1 
ATOM 20   N N   . GLU A 1 11  ? 11.075  11.239  -3.779  1.00 27.86 ? 11  GLU A N   1 
ATOM 21   C CA  . GLU A 1 11  ? 9.939   10.433  -4.218  1.00 27.86 ? 11  GLU A CA  1 
ATOM 22   C C   . GLU A 1 11  ? 8.823   11.237  -4.875  1.00 27.86 ? 11  GLU A C   1 
ATOM 23   O O   . GLU A 1 11  ? 8.230   10.731  -5.844  1.00 27.86 ? 11  GLU A O   1 
ATOM 24   C CB  . GLU A 1 11  ? 9.388   9.647   -3.023  1.00 27.86 ? 11  GLU A CB  1 
ATOM 25   C CG  . GLU A 1 11  ? 10.415  8.770   -2.323  1.00 27.86 ? 11  GLU A CG  1 
ATOM 26   C CD  . GLU A 1 11  ? 11.154  7.854   -3.280  1.00 27.86 ? 11  GLU A CD  1 
ATOM 27   O OE1 . GLU A 1 11  ? 10.488  7.207   -4.116  1.00 27.86 ? 11  GLU A OE1 1 
ATOM 28   O OE2 . GLU A 1 11  ? 12.398  7.785   -3.201  1.00 27.86 ? 11  GLU A OE2 1 
ATOM 29   N N   . PRO A 1 12  ? 8.459   12.436  -4.405  1.00 26.48 ? 12  PRO A N   1 
ATOM 30   C CA  . PRO A 1 12  ? 7.319   13.147  -5.014  1.00 26.48 ? 12  PRO A CA  1 
ATOM 31   C C   . PRO A 1 12  ? 7.341   13.177  -6.534  1.00 26.48 ? 12  PRO A C   1 
ATOM 32   O O   . PRO A 1 12  ? 6.276   13.089  -7.166  1.00 26.48 ? 12  PRO A O   1 
ATOM 33   C CB  . PRO A 1 12  ? 7.439   14.553  -4.416  1.00 26.48 ? 12  PRO A CB  1 
ATOM 34   C CG  . PRO A 1 12  ? 8.049   14.325  -3.081  1.00 26.48 ? 12  PRO A CG  1 
ATOM 35   C CD  . PRO A 1 12  ? 8.989   13.158  -3.234  1.00 26.48 ? 12  PRO A CD  1 
ATOM 36   N N   . LEU A 1 13  ? 8.529   13.271  -7.139  1.00 27.83 ? 13  LEU A N   1 
ATOM 37   C CA  . LEU A 1 13  ? 8.624   13.375  -8.592  1.00 27.83 ? 13  LEU A CA  1 
ATOM 38   C C   . LEU A 1 13  ? 7.924   12.215  -9.289  1.00 27.83 ? 13  LEU A C   1 
ATOM 39   O O   . LEU A 1 13  ? 7.407   12.383  -10.400 1.00 27.83 ? 13  LEU A O   1 
ATOM 40   C CB  . LEU A 1 13  ? 10.093  13.434  -9.013  1.00 27.83 ? 13  LEU A CB  1 
ATOM 41   C CG  . LEU A 1 13  ? 10.703  14.832  -9.137  1.00 27.83 ? 13  LEU A CG  1 
ATOM 42   C CD1 . LEU A 1 13  ? 10.406  15.673  -7.904  1.00 27.83 ? 13  LEU A CD1 1 
ATOM 43   C CD2 . LEU A 1 13  ? 12.204  14.736  -9.371  1.00 27.83 ? 13  LEU A CD2 1 
ATOM 44   N N   . LEU A 1 14  ? 7.908   11.036  -8.668  1.00 28.05 ? 14  LEU A N   1 
ATOM 45   C CA  . LEU A 1 14  ? 7.174   9.893   -9.198  1.00 28.05 ? 14  LEU A CA  1 
ATOM 46   C C   . LEU A 1 14  ? 5.871   9.631   -8.459  1.00 28.05 ? 14  LEU A C   1 
ATOM 47   O O   . LEU A 1 14  ? 4.962   9.022   -9.034  1.00 28.05 ? 14  LEU A O   1 
ATOM 48   C CB  . LEU A 1 14  ? 8.045   8.632   -9.146  1.00 28.05 ? 14  LEU A CB  1 
ATOM 49   C CG  . LEU A 1 14  ? 8.923   8.393   -10.377 1.00 28.05 ? 14  LEU A CG  1 
ATOM 50   C CD1 . LEU A 1 14  ? 8.075   7.979   -11.570 1.00 28.05 ? 14  LEU A CD1 1 
ATOM 51   C CD2 . LEU A 1 14  ? 9.719   9.642   -10.708 1.00 28.05 ? 14  LEU A CD2 1 
ATOM 52   N N   . ILE A 1 15  ? 5.754   10.083  -7.209  1.00 26.30 ? 15  ILE A N   1 
ATOM 53   C CA  . ILE A 1 15  ? 4.485   9.964   -6.499  1.00 26.30 ? 15  ILE A CA  1 
ATOM 54   C C   . ILE A 1 15  ? 3.387   10.679  -7.274  1.00 26.30 ? 15  ILE A C   1 
ATOM 55   O O   . ILE A 1 15  ? 2.222   10.251  -7.280  1.00 26.30 ? 15  ILE A O   1 
ATOM 56   C CB  . ILE A 1 15  ? 4.620   10.517  -5.070  1.00 26.30 ? 15  ILE A CB  1 
ATOM 57   C CG1 . ILE A 1 15  ? 5.305   9.492   -4.165  1.00 26.30 ? 15  ILE A CG1 1 
ATOM 58   C CG2 . ILE A 1 15  ? 3.259   10.912  -4.511  1.00 26.30 ? 15  ILE A CG2 1 
ATOM 59   C CD1 . ILE A 1 15  ? 5.973   10.102  -2.952  1.00 26.30 ? 15  ILE A CD1 1 
ATOM 60   N N   . GLU A 1 16  ? 3.743   11.779  -7.940  1.00 25.35 ? 16  GLU A N   1 
ATOM 61   C CA  . GLU A 1 16  ? 2.785   12.574  -8.697  1.00 25.35 ? 16  GLU A CA  1 
ATOM 62   C C   . GLU A 1 16  ? 1.977   11.698  -9.646  1.00 25.35 ? 16  GLU A C   1 
ATOM 63   O O   . GLU A 1 16  ? 0.755   11.853  -9.752  1.00 25.35 ? 16  GLU A O   1 
ATOM 64   C CB  . GLU A 1 16  ? 3.507   13.676  -9.477  1.00 25.35 ? 16  GLU A CB  1 
ATOM 65   C CG  . GLU A 1 16  ? 4.451   13.165  -10.551 1.00 25.35 ? 16  GLU A CG  1 
ATOM 66   C CD  . GLU A 1 16  ? 5.316   14.263  -11.139 1.00 25.35 ? 16  GLU A CD  1 
ATOM 67   O OE1 . GLU A 1 16  ? 5.333   15.377  -10.574 1.00 25.35 ? 16  GLU A OE1 1 
ATOM 68   O OE2 . GLU A 1 16  ? 5.981   14.012  -12.166 1.00 25.35 ? 16  GLU A OE2 1 
ATOM 69   N N   . ARG A 1 17  ? 2.644   10.772  -10.336 1.00 26.62 ? 17  ARG A N   1 
ATOM 70   C CA  . ARG A 1 17  ? 1.957   9.826   -11.203 1.00 26.62 ? 17  ARG A CA  1 
ATOM 71   C C   . ARG A 1 17  ? 1.539   8.556   -10.479 1.00 26.62 ? 17  ARG A C   1 
ATOM 72   O O   . ARG A 1 17  ? 0.617   7.874   -10.940 1.00 26.62 ? 17  ARG A O   1 
ATOM 73   C CB  . ARG A 1 17  ? 2.843   9.454   -12.399 1.00 26.62 ? 17  ARG A CB  1 
ATOM 74   C CG  . ARG A 1 17  ? 2.278   8.348   -13.293 1.00 26.62 ? 17  ARG A CG  1 
ATOM 75   C CD  . ARG A 1 17  ? 0.884   8.677   -13.819 1.00 26.62 ? 17  ARG A CD  1 
ATOM 76   N NE  . ARG A 1 17  ? 0.279   7.544   -14.511 1.00 26.62 ? 17  ARG A NE  1 
ATOM 77   C CZ  . ARG A 1 17  ? -0.395  6.569   -13.915 1.00 26.62 ? 17  ARG A CZ  1 
ATOM 78   N NH1 . ARG A 1 17  ? -0.571  6.549   -12.602 1.00 26.62 ? 17  ARG A NH1 1 
ATOM 79   N NH2 . ARG A 1 17  ? -0.906  5.588   -14.652 1.00 26.62 ? 17  ARG A NH2 1 
ATOM 80   N N   . ILE A 1 18  ? 2.186   8.224   -9.360  1.00 25.95 ? 18  ILE A N   1 
ATOM 81   C CA  . ILE A 1 18  ? 1.747   7.081   -8.566  1.00 25.95 ? 18  ILE A CA  1 
ATOM 82   C C   . ILE A 1 18  ? 0.282   7.246   -8.193  1.00 25.95 ? 18  ILE A C   1 
ATOM 83   O O   . ILE A 1 18  ? -0.527  6.321   -8.334  1.00 25.95 ? 18  ILE A O   1 
ATOM 84   C CB  . ILE A 1 18  ? 2.625   6.929   -7.312  1.00 25.95 ? 18  ILE A CB  1 
ATOM 85   C CG1 . ILE A 1 18  ? 3.965   6.286   -7.675  1.00 25.95 ? 18  ILE A CG1 1 
ATOM 86   C CG2 . ILE A 1 18  ? 1.895   6.128   -6.240  1.00 25.95 ? 18  ILE A CG2 1 
ATOM 87   C CD1 . ILE A 1 18  ? 4.962   6.250   -6.532  1.00 25.95 ? 18  ILE A CD1 1 
ATOM 88   N N   . ARG A 1 19  ? -0.079  8.432   -7.712  1.00 27.87 ? 19  ARG A N   1 
ATOM 89   C CA  . ARG A 1 19  ? -1.459  8.718   -7.343  1.00 27.87 ? 19  ARG A CA  1 
ATOM 90   C C   . ARG A 1 19  ? -2.195  9.277   -8.554  1.00 27.87 ? 19  ARG A C   1 
ATOM 91   O O   . ARG A 1 19  ? -1.728  10.228  -9.188  1.00 27.87 ? 19  ARG A O   1 
ATOM 92   C CB  . ARG A 1 19  ? -1.511  9.704   -6.174  1.00 27.87 ? 19  ARG A CB  1 
ATOM 93   C CG  . ARG A 1 19  ? -2.911  10.184  -5.812  1.00 27.87 ? 19  ARG A CG  1 
ATOM 94   C CD  . ARG A 1 19  ? -2.882  11.599  -5.280  1.00 27.87 ? 19  ARG A CD  1 
ATOM 95   N NE  . ARG A 1 19  ? -4.219  12.090  -4.976  1.00 27.87 ? 19  ARG A NE  1 
ATOM 96   C CZ  . ARG A 1 19  ? -4.473  13.272  -4.433  1.00 27.87 ? 19  ARG A CZ  1 
ATOM 97   N NH1 . ARG A 1 19  ? -3.500  14.104  -4.099  1.00 27.87 ? 19  ARG A NH1 1 
ATOM 98   N NH2 . ARG A 1 19  ? -5.735  13.625  -4.210  1.00 27.87 ? 19  ARG A NH2 1 
ATOM 99   N N   . SER A 1 20  ? -3.347  8.679   -8.873  1.00 27.21 ? 20  SER A N   1 
ATOM 100  C CA  . SER A 1 20  ? -4.099  9.059   -10.064 1.00 27.21 ? 20  SER A CA  1 
ATOM 101  C C   . SER A 1 20  ? -5.603  9.076   -9.810  1.00 27.21 ? 20  SER A C   1 
ATOM 102  O O   . SER A 1 20  ? -6.390  8.822   -10.728 1.00 27.21 ? 20  SER A O   1 
ATOM 103  C CB  . SER A 1 20  ? -3.785  8.118   -11.227 1.00 27.21 ? 20  SER A CB  1 
ATOM 104  O OG  . SER A 1 20  ? -4.541  8.456   -12.377 1.00 27.21 ? 20  SER A OG  1 
ATOM 105  N N   . GLU A 1 21  ? -6.024  9.373   -8.579  1.00 27.89 ? 21  GLU A N   1 
ATOM 106  C CA  . GLU A 1 21  ? -7.440  9.510   -8.241  1.00 27.89 ? 21  GLU A CA  1 
ATOM 107  C C   . GLU A 1 21  ? -8.205  8.228   -8.588  1.00 27.89 ? 21  GLU A C   1 
ATOM 108  O O   . GLU A 1 21  ? -9.074  8.194   -9.463  1.00 27.89 ? 21  GLU A O   1 
ATOM 109  C CB  . GLU A 1 21  ? -8.049  10.724  -8.952  1.00 27.89 ? 21  GLU A CB  1 
ATOM 110  C CG  . GLU A 1 21  ? -7.373  12.043  -8.615  1.00 27.89 ? 21  GLU A CG  1 
ATOM 111  C CD  . GLU A 1 21  ? -6.132  12.292  -9.450  1.00 27.89 ? 21  GLU A CD  1 
ATOM 112  O OE1 . GLU A 1 21  ? -6.261  12.416  -10.686 1.00 27.89 ? 21  GLU A OE1 1 
ATOM 113  O OE2 . GLU A 1 21  ? -5.028  12.361  -8.871  1.00 27.89 ? 21  GLU A OE2 1 
ATOM 114  N N   . VAL A 1 22  ? -7.844  7.164   -7.869  1.00 27.01 ? 22  VAL A N   1 
ATOM 115  C CA  . VAL A 1 22  ? -8.420  5.849   -8.151  1.00 27.01 ? 22  VAL A CA  1 
ATOM 116  C C   . VAL A 1 22  ? -9.945  5.871   -8.113  1.00 27.01 ? 22  VAL A C   1 
ATOM 117  O O   . VAL A 1 22  ? -10.571 5.372   -9.061  1.00 27.01 ? 22  VAL A O   1 
ATOM 118  C CB  . VAL A 1 22  ? -7.829  4.800   -7.190  1.00 27.01 ? 22  VAL A CB  1 
ATOM 119  C CG1 . VAL A 1 22  ? -8.540  3.464   -7.359  1.00 27.01 ? 22  VAL A CG1 1 
ATOM 120  C CG2 . VAL A 1 22  ? -6.333  4.653   -7.423  1.00 27.01 ? 22  VAL A CG2 1 
ATOM 121  N N   . PRO A 1 23  ? -10.597 6.417   -7.083  1.00 26.26 ? 23  PRO A N   1 
ATOM 122  C CA  . PRO A 1 23  ? -12.066 6.363   -7.035  1.00 26.26 ? 23  PRO A CA  1 
ATOM 123  C C   . PRO A 1 23  ? -12.690 7.448   -7.902  1.00 26.26 ? 23  PRO A C   1 
ATOM 124  O O   . PRO A 1 23  ? -12.231 8.592   -7.917  1.00 26.26 ? 23  PRO A O   1 
ATOM 125  C CB  . PRO A 1 23  ? -12.377 6.582   -5.552  1.00 26.26 ? 23  PRO A CB  1 
ATOM 126  C CG  . PRO A 1 23  ? -11.258 7.439   -5.068  1.00 26.26 ? 23  PRO A CG  1 
ATOM 127  C CD  . PRO A 1 23  ? -10.038 7.097   -5.901  1.00 26.26 ? 23  PRO A CD  1 
ATOM 128  N N   . GLY A 1 24  ? -13.745 7.079   -8.626  1.00 26.66 ? 24  GLY A N   1 
ATOM 129  C CA  . GLY A 1 24  ? -14.448 8.019   -9.476  1.00 26.66 ? 24  GLY A CA  1 
ATOM 130  C C   . GLY A 1 24  ? -15.633 8.671   -8.793  1.00 26.66 ? 24  GLY A C   1 
ATOM 131  O O   . GLY A 1 24  ? -16.080 9.744   -9.210  1.00 26.66 ? 24  GLY A O   1 
ATOM 132  N N   . LEU A 1 25  ? -16.150 8.035   -7.743  1.00 25.98 ? 25  LEU A N   1 
ATOM 133  C CA  . LEU A 1 25  ? -17.294 8.551   -6.999  1.00 25.98 ? 25  LEU A CA  1 
ATOM 134  C C   . LEU A 1 25  ? -16.896 9.202   -5.682  1.00 25.98 ? 25  LEU A C   1 
ATOM 135  O O   . LEU A 1 25  ? -17.551 10.153  -5.246  1.00 25.98 ? 25  LEU A O   1 
ATOM 136  C CB  . LEU A 1 25  ? -18.296 7.426   -6.722  1.00 25.98 ? 25  LEU A CB  1 
ATOM 137  C CG  . LEU A 1 25  ? -19.688 7.854   -6.248  1.00 25.98 ? 25  LEU A CG  1 
ATOM 138  C CD1 . LEU A 1 25  ? -20.379 8.729   -7.284  1.00 25.98 ? 25  LEU A CD1 1 
ATOM 139  C CD2 . LEU A 1 25  ? -20.537 6.634   -5.924  1.00 25.98 ? 25  LEU A CD2 1 
ATOM 140  N N   . ALA A 1 26  ? -15.841 8.711   -5.037  1.00 25.60 ? 26  ALA A N   1 
ATOM 141  C CA  . ALA A 1 26  ? -15.381 9.311   -3.792  1.00 25.60 ? 26  ALA A CA  1 
ATOM 142  C C   . ALA A 1 26  ? -14.650 10.615  -4.085  1.00 25.60 ? 26  ALA A C   1 
ATOM 143  O O   . ALA A 1 26  ? -13.717 10.649  -4.893  1.00 25.60 ? 26  ALA A O   1 
ATOM 144  C CB  . ALA A 1 26  ? -14.465 8.345   -3.044  1.00 25.60 ? 26  ALA A CB  1 
ATOM 145  N N   . ILE A 1 27  ? -15.075 11.691  -3.425  1.00 24.96 ? 27  ILE A N   1 
ATOM 146  C CA  . ILE A 1 27  ? -14.519 13.022  -3.638  1.00 24.96 ? 27  ILE A CA  1 
ATOM 147  C C   . ILE A 1 27  ? -14.172 13.621  -2.283  1.00 24.96 ? 27  ILE A C   1 
ATOM 148  O O   . ILE A 1 27  ? -15.025 13.682  -1.390  1.00 24.96 ? 27  ILE A O   1 
ATOM 149  C CB  . ILE A 1 27  ? -15.500 13.936  -4.400  1.00 24.96 ? 27  ILE A CB  1 
ATOM 150  C CG1 . ILE A 1 27  ? -16.176 13.176  -5.546  1.00 24.96 ? 27  ILE A CG1 1 
ATOM 151  C CG2 . ILE A 1 27  ? -14.781 15.166  -4.933  1.00 24.96 ? 27  ILE A CG2 1 
ATOM 152  C CD1 . ILE A 1 27  ? -15.216 12.625  -6.587  1.00 24.96 ? 27  ILE A CD1 1 
ATOM 153  N N   . VAL A 1 28  ? -12.925 14.071  -2.135  1.00 26.35 ? 28  VAL A N   1 
ATOM 154  C CA  . VAL A 1 28  ? -12.449 14.681  -0.897  1.00 26.35 ? 28  VAL A CA  1 
ATOM 155  C C   . VAL A 1 28  ? -12.785 13.774  0.278   1.00 26.35 ? 28  VAL A C   1 
ATOM 156  O O   . VAL A 1 28  ? -13.451 14.190  1.232   1.00 26.35 ? 28  VAL A O   1 
ATOM 157  C CB  . VAL A 1 28  ? -13.046 16.087  -0.700  1.00 26.35 ? 28  VAL A CB  1 
ATOM 158  C CG1 . VAL A 1 28  ? -12.462 16.748  0.542   1.00 26.35 ? 28  VAL A CG1 1 
ATOM 159  C CG2 . VAL A 1 28  ? -12.793 16.948  -1.927  1.00 26.35 ? 28  VAL A CG2 1 
ATOM 160  N N   . SER A 1 29  ? -12.338 12.522  0.210   1.00 28.97 ? 29  SER A N   1 
ATOM 161  C CA  . SER A 1 29  ? -12.579 11.561  1.275   1.00 28.97 ? 29  SER A CA  1 
ATOM 162  C C   . SER A 1 29  ? -11.443 11.489  2.289   1.00 28.97 ? 29  SER A C   1 
ATOM 163  O O   . SER A 1 29  ? -11.637 10.918  3.367   1.00 28.97 ? 29  SER A O   1 
ATOM 164  C CB  . SER A 1 29  ? -12.818 10.170  0.677   1.00 28.97 ? 29  SER A CB  1 
ATOM 165  O OG  . SER A 1 29  ? -11.886 9.893   -0.352  1.00 28.97 ? 29  SER A OG  1 
ATOM 166  N N   . GLY A 1 30  ? -10.276 12.053  1.979   1.00 31.64 ? 30  GLY A N   1 
ATOM 167  C CA  . GLY A 1 30  ? -9.151  12.000  2.894   1.00 31.64 ? 30  GLY A CA  1 
ATOM 168  C C   . GLY A 1 30  ? -8.840  10.577  3.306   1.00 31.64 ? 30  GLY A C   1 
ATOM 169  O O   . GLY A 1 30  ? -8.706  10.278  4.496   1.00 31.64 ? 30  GLY A O   1 
ATOM 170  N N   . VAL A 1 31  ? -8.725  9.693   2.321   1.00 31.86 ? 31  VAL A N   1 
ATOM 171  C CA  . VAL A 1 31  ? -8.709  8.253   2.562   1.00 31.86 ? 31  VAL A CA  1 
ATOM 172  C C   . VAL A 1 31  ? -7.533  7.858   3.452   1.00 31.86 ? 31  VAL A C   1 
ATOM 173  O O   . VAL A 1 31  ? -7.759  7.341   4.555   1.00 31.86 ? 31  VAL A O   1 
ATOM 174  C CB  . VAL A 1 31  ? -8.695  7.477   1.234   1.00 31.86 ? 31  VAL A CB  1 
ATOM 175  C CG1 . VAL A 1 31  ? -8.465  6.012   1.492   1.00 31.86 ? 31  VAL A CG1 1 
ATOM 176  C CG2 . VAL A 1 31  ? -10.000 7.688   0.490   1.00 31.86 ? 31  VAL A CG2 1 
ATOM 177  N N   . PRO A 1 32  ? -6.268  8.070   3.043   1.00 32.23 ? 32  PRO A N   1 
ATOM 178  C CA  . PRO A 1 32  ? -5.235  7.557   3.951   1.00 32.23 ? 32  PRO A CA  1 
ATOM 179  C C   . PRO A 1 32  ? -5.115  8.384   5.228   1.00 32.23 ? 32  PRO A C   1 
ATOM 180  O O   . PRO A 1 32  ? -4.051  8.380   5.848   1.00 32.23 ? 32  PRO A O   1 
ATOM 181  C CB  . PRO A 1 32  ? -3.946  7.649   3.119   1.00 32.23 ? 32  PRO A CB  1 
ATOM 182  C CG  . PRO A 1 32  ? -4.379  7.994   1.717   1.00 32.23 ? 32  PRO A CG  1 
ATOM 183  C CD  . PRO A 1 32  ? -5.675  8.718   1.863   1.00 32.23 ? 32  PRO A CD  1 
ATOM 184  N N   . THR A 1 36  ? -11.816 2.875   11.613  1.00 28.14 ? 36  THR A N   1 
ATOM 185  C CA  . THR A 1 36  ? -11.974 1.669   10.807  1.00 28.14 ? 36  THR A CA  1 
ATOM 186  C C   . THR A 1 36  ? -12.812 1.950   9.567   1.00 28.14 ? 36  THR A C   1 
ATOM 187  O O   . THR A 1 36  ? -13.528 2.949   9.501   1.00 28.14 ? 36  THR A O   1 
ATOM 188  C CB  . THR A 1 36  ? -12.634 0.534   11.612  1.00 28.14 ? 36  THR A CB  1 
ATOM 189  O OG1 . THR A 1 36  ? -13.874 0.994   12.166  1.00 28.14 ? 36  THR A OG1 1 
ATOM 190  C CG2 . THR A 1 36  ? -11.719 0.067   12.734  1.00 28.14 ? 36  THR A CG2 1 
ATOM 191  N N   . LEU A 1 37  ? -12.719 1.059   8.584   1.00 23.28 ? 37  LEU A N   1 
ATOM 192  C CA  . LEU A 1 37  ? -13.490 1.216   7.360   1.00 23.28 ? 37  LEU A CA  1 
ATOM 193  C C   . LEU A 1 37  ? -14.968 0.957   7.626   1.00 23.28 ? 37  LEU A C   1 
ATOM 194  O O   . LEU A 1 37  ? -15.342 0.264   8.576   1.00 23.28 ? 37  LEU A O   1 
ATOM 195  C CB  . LEU A 1 37  ? -12.972 0.262   6.281   1.00 23.28 ? 37  LEU A CB  1 
ATOM 196  C CG  . LEU A 1 37  ? -11.732 0.710   5.499   1.00 23.28 ? 37  LEU A CG  1 
ATOM 197  C CD1 . LEU A 1 37  ? -12.038 1.923   4.632   1.00 23.28 ? 37  LEU A CD1 1 
ATOM 198  C CD2 . LEU A 1 37  ? -10.575 1.005   6.441   1.00 23.28 ? 37  LEU A CD2 1 
ATOM 199  N N   . SER A 1 38  ? -15.817 1.531   6.772   1.00 24.34 ? 38  SER A N   1 
ATOM 200  C CA  . SER A 1 38  ? -17.259 1.393   6.947   1.00 24.34 ? 38  SER A CA  1 
ATOM 201  C C   . SER A 1 38  ? -17.761 0.057   6.410   1.00 24.34 ? 38  SER A C   1 
ATOM 202  O O   . SER A 1 38  ? -18.487 -0.664  7.102   1.00 24.34 ? 38  SER A O   1 
ATOM 203  C CB  . SER A 1 38  ? -17.980 2.550   6.254   1.00 24.34 ? 38  SER A CB  1 
ATOM 204  O OG  . SER A 1 38  ? -17.588 3.796   6.803   1.00 24.34 ? 38  SER A OG  1 
ATOM 205  N N   . GLU A 1 39  ? -17.385 -0.284  5.180   1.00 22.89 ? 39  GLU A N   1 
ATOM 206  C CA  . GLU A 1 39  ? -17.780 -1.500  4.477   1.00 22.89 ? 39  GLU A CA  1 
ATOM 207  C C   . GLU A 1 39  ? -19.275 -1.558  4.188   1.00 22.89 ? 39  GLU A C   1 
ATOM 208  O O   . GLU A 1 39  ? -19.759 -2.598  3.724   1.00 22.89 ? 39  GLU A O   1 
ATOM 209  C CB  . GLU A 1 39  ? -17.387 -2.774  5.241   1.00 22.89 ? 39  GLU A CB  1 
ATOM 210  C CG  . GLU A 1 39  ? -15.886 -3.029  5.305   1.00 22.89 ? 39  GLU A CG  1 
ATOM 211  C CD  . GLU A 1 39  ? -15.246 -2.510  6.579   1.00 22.89 ? 39  GLU A CD  1 
ATOM 212  O OE1 . GLU A 1 39  ? -15.974 -2.016  7.465   1.00 22.89 ? 39  GLU A OE1 1 
ATOM 213  O OE2 . GLU A 1 39  ? -14.006 -2.604  6.698   1.00 22.89 ? 39  GLU A OE2 1 
ATOM 214  N N   . GLN A 1 40  ? -20.026 -0.485  4.442   1.00 24.04 ? 40  GLN A N   1 
ATOM 215  C CA  . GLN A 1 40  ? -21.467 -0.479  4.223   1.00 24.04 ? 40  GLN A CA  1 
ATOM 216  C C   . GLN A 1 40  ? -21.976 0.726   3.447   1.00 24.04 ? 40  GLN A C   1 
ATOM 217  O O   . GLN A 1 40  ? -23.063 0.637   2.863   1.00 24.04 ? 40  GLN A O   1 
ATOM 218  C CB  . GLN A 1 40  ? -22.213 -0.539  5.565   1.00 24.04 ? 40  GLN A CB  1 
ATOM 219  C CG  . GLN A 1 40  ? -22.213 -1.915  6.215   1.00 24.04 ? 40  GLN A CG  1 
ATOM 220  C CD  . GLN A 1 40  ? -20.896 -2.241  6.890   1.00 24.04 ? 40  GLN A CD  1 
ATOM 221  O OE1 . GLN A 1 40  ? -20.207 -3.186  6.507   1.00 24.04 ? 40  GLN A OE1 1 
ATOM 222  N NE2 . GLN A 1 40  ? -20.538 -1.456  7.898   1.00 24.04 ? 40  GLN A NE2 1 
ATOM 223  N N   . ASP A 1 41  ? -21.241 1.842   3.417   1.00 25.06 ? 41  ASP A N   1 
ATOM 224  C CA  . ASP A 1 41  ? -21.702 3.033   2.711   1.00 25.06 ? 41  ASP A CA  1 
ATOM 225  C C   . ASP A 1 41  ? -20.580 3.707   1.926   1.00 25.06 ? 41  ASP A C   1 
ATOM 226  O O   . ASP A 1 41  ? -20.660 4.914   1.665   1.00 25.06 ? 41  ASP A O   1 
ATOM 227  C CB  . ASP A 1 41  ? -22.320 4.033   3.695   1.00 25.06 ? 41  ASP A CB  1 
ATOM 228  C CG  . ASP A 1 41  ? -21.353 4.451   4.786   1.00 25.06 ? 41  ASP A CG  1 
ATOM 229  O OD1 . ASP A 1 41  ? -20.221 3.924   4.814   1.00 25.06 ? 41  ASP A OD1 1 
ATOM 230  O OD2 . ASP A 1 41  ? -21.727 5.306   5.617   1.00 25.06 ? 41  ASP A OD2 1 
ATOM 231  N N   . GLN A 1 42  ? -19.546 2.970   1.547   1.00 23.48 ? 42  GLN A N   1 
ATOM 232  C CA  . GLN A 1 42  ? -18.430 3.567   0.825   1.00 23.48 ? 42  GLN A CA  1 
ATOM 233  C C   . GLN A 1 42  ? -18.823 3.810   -0.630  1.00 23.48 ? 42  GLN A C   1 
ATOM 234  O O   . GLN A 1 42  ? -19.242 2.871   -1.317  1.00 23.48 ? 42  GLN A O   1 
ATOM 235  C CB  . GLN A 1 42  ? -17.209 2.658   0.907   1.00 23.48 ? 42  GLN A CB  1 
ATOM 236  C CG  . GLN A 1 42  ? -16.499 2.725   2.253   1.00 23.48 ? 42  GLN A CG  1 
ATOM 237  C CD  . GLN A 1 42  ? -15.947 1.386   2.701   1.00 23.48 ? 42  GLN A CD  1 
ATOM 238  O OE1 . GLN A 1 42  ? -16.336 0.335   2.193   1.00 23.48 ? 42  GLN A OE1 1 
ATOM 239  N NE2 . GLN A 1 42  ? -15.033 1.420   3.663   1.00 23.48 ? 42  GLN A NE2 1 
ATOM 240  N N   . PRO A 1 43  ? -18.708 5.043   -1.135  1.00 22.80 ? 43  PRO A N   1 
ATOM 241  C CA  . PRO A 1 43  ? -19.198 5.312   -2.499  1.00 22.80 ? 43  PRO A CA  1 
ATOM 242  C C   . PRO A 1 43  ? -18.503 4.501   -3.579  1.00 22.80 ? 43  PRO A C   1 
ATOM 243  O O   . PRO A 1 43  ? -19.154 4.086   -4.546  1.00 22.80 ? 43  PRO A O   1 
ATOM 244  C CB  . PRO A 1 43  ? -18.944 6.818   -2.668  1.00 22.80 ? 43  PRO A CB  1 
ATOM 245  C CG  . PRO A 1 43  ? -17.852 7.131   -1.711  1.00 22.80 ? 43  PRO A CG  1 
ATOM 246  C CD  . PRO A 1 43  ? -18.064 6.226   -0.538  1.00 22.80 ? 43  PRO A CD  1 
ATOM 247  N N   . ALA A 1 44  ? -17.203 4.258   -3.447  1.00 22.32 ? 44  ALA A N   1 
ATOM 248  C CA  . ALA A 1 44  ? -16.432 3.625   -4.508  1.00 22.32 ? 44  ALA A CA  1 
ATOM 249  C C   . ALA A 1 44  ? -15.271 2.869   -3.880  1.00 22.32 ? 44  ALA A C   1 
ATOM 250  O O   . ALA A 1 44  ? -14.893 3.145   -2.736  1.00 22.32 ? 44  ALA A O   1 
ATOM 251  C CB  . ALA A 1 44  ? -15.917 4.664   -5.516  1.00 22.32 ? 44  ALA A CB  1 
ATOM 252  N N   . PRO A 1 45  ? -14.682 1.909   -4.605  1.00 21.63 ? 45  PRO A N   1 
ATOM 253  C CA  . PRO A 1 45  ? -13.529 1.147   -4.079  1.00 21.63 ? 45  PRO A CA  1 
ATOM 254  C C   . PRO A 1 45  ? -12.210 1.905   -4.219  1.00 21.63 ? 45  PRO A C   1 
ATOM 255  O O   . PRO A 1 45  ? -11.425 1.723   -5.150  1.00 21.63 ? 45  PRO A O   1 
ATOM 256  C CB  . PRO A 1 45  ? -13.555 -0.125  -4.929  1.00 21.63 ? 45  PRO A CB  1 
ATOM 257  C CG  . PRO A 1 45  ? -14.130 0.308   -6.232  1.00 21.63 ? 45  PRO A CG  1 
ATOM 258  C CD  . PRO A 1 45  ? -15.076 1.450   -5.949  1.00 21.63 ? 45  PRO A CD  1 
ATOM 259  N N   . SER A 1 46  ? -11.954 2.789   -3.259  1.00 24.46 ? 46  SER A N   1 
ATOM 260  C CA  . SER A 1 46  ? -10.745 3.596   -3.282  1.00 24.46 ? 46  SER A CA  1 
ATOM 261  C C   . SER A 1 46  ? -9.533  2.741   -2.911  1.00 24.46 ? 46  SER A C   1 
ATOM 262  O O   . SER A 1 46  ? -9.650  1.580   -2.507  1.00 24.46 ? 46  SER A O   1 
ATOM 263  C CB  . SER A 1 46  ? -10.885 4.784   -2.332  1.00 24.46 ? 46  SER A CB  1 
ATOM 264  O OG  . SER A 1 46  ? -9.799  5.682   -2.479  1.00 24.46 ? 46  SER A OG  1 
ATOM 265  N N   . ALA A 1 47  ? -8.346  3.332   -3.057  1.00 24.77 ? 47  ALA A N   1 
ATOM 266  C CA  . ALA A 1 47  ? -7.115  2.608   -2.750  1.00 24.77 ? 47  ALA A CA  1 
ATOM 267  C C   . ALA A 1 47  ? -7.078  2.186   -1.287  1.00 24.77 ? 47  ALA A C   1 
ATOM 268  O O   . ALA A 1 47  ? -6.725  1.046   -0.965  1.00 24.77 ? 47  ALA A O   1 
ATOM 269  C CB  . ALA A 1 47  ? -5.904  3.475   -3.093  1.00 24.77 ? 47  ALA A CB  1 
ATOM 270  N N   . TYR A 1 48  ? -7.442  3.097   -0.385  1.00 23.73 ? 48  TYR A N   1 
ATOM 271  C CA  . TYR A 1 48  ? -7.505  2.812   1.049   1.00 23.73 ? 48  TYR A CA  1 
ATOM 272  C C   . TYR A 1 48  ? -6.148  2.331   1.569   1.00 23.73 ? 48  TYR A C   1 
ATOM 273  O O   . TYR A 1 48  ? -5.984  1.202   2.033   1.00 23.73 ? 48  TYR A O   1 
ATOM 274  C CB  . TYR A 1 48  ? -8.619  1.805   1.348   1.00 23.73 ? 48  TYR A CB  1 
ATOM 275  C CG  . TYR A 1 48  ? -9.999  2.426   1.296   1.00 23.73 ? 48  TYR A CG  1 
ATOM 276  C CD1 . TYR A 1 48  ? -10.368 3.421   2.192   1.00 23.73 ? 48  TYR A CD1 1 
ATOM 277  C CD2 . TYR A 1 48  ? -10.921 2.035   0.338   1.00 23.73 ? 48  TYR A CD2 1 
ATOM 278  C CE1 . TYR A 1 48  ? -11.622 3.997   2.143   1.00 23.73 ? 48  TYR A CE1 1 
ATOM 279  C CE2 . TYR A 1 48  ? -12.179 2.604   0.282   1.00 23.73 ? 48  TYR A CE2 1 
ATOM 280  C CZ  . TYR A 1 48  ? -12.523 3.585   1.186   1.00 23.73 ? 48  TYR A CZ  1 
ATOM 281  O OH  . TYR A 1 48  ? -13.772 4.157   1.133   1.00 23.73 ? 48  TYR A OH  1 
ATOM 282  N N   . VAL A 1 49  ? -5.170  3.230   1.476   1.00 26.48 ? 49  VAL A N   1 
ATOM 283  C CA  . VAL A 1 49  ? -3.827  2.974   1.980   1.00 26.48 ? 49  VAL A CA  1 
ATOM 284  C C   . VAL A 1 49  ? -3.829  3.079   3.499   1.00 26.48 ? 49  VAL A C   1 
ATOM 285  O O   . VAL A 1 49  ? -4.602  3.839   4.093   1.00 26.48 ? 49  VAL A O   1 
ATOM 286  C CB  . VAL A 1 49  ? -2.822  3.957   1.346   1.00 26.48 ? 49  VAL A CB  1 
ATOM 287  C CG1 . VAL A 1 49  ? -1.425  3.744   1.910   1.00 26.48 ? 49  VAL A CG1 1 
ATOM 288  C CG2 . VAL A 1 49  ? -2.818  3.806   -0.168  1.00 26.48 ? 49  VAL A CG2 1 
ATOM 289  N N   . VAL A 1 50  ? -2.950  2.304   4.139   1.00 27.19 ? 50  VAL A N   1 
ATOM 290  C CA  . VAL A 1 50  ? -2.808  2.310   5.589   1.00 27.19 ? 50  VAL A CA  1 
ATOM 291  C C   . VAL A 1 50  ? -1.328  2.346   5.945   1.00 27.19 ? 50  VAL A C   1 
ATOM 292  O O   . VAL A 1 50  ? -0.459  2.019   5.135   1.00 27.19 ? 50  VAL A O   1 
ATOM 293  C CB  . VAL A 1 50  ? -3.486  1.087   6.247   1.00 27.19 ? 50  VAL A CB  1 
ATOM 294  C CG1 . VAL A 1 50  ? -4.996  1.251   6.234   1.00 27.19 ? 50  VAL A CG1 1 
ATOM 295  C CG2 . VAL A 1 50  ? -3.082  -0.193  5.536   1.00 27.19 ? 50  VAL A CG2 1 
ATOM 296  N N   . TYR A 1 51  ? -1.051  2.754   7.181   1.00 30.93 ? 51  TYR A N   1 
ATOM 297  C CA  . TYR A 1 51  ? 0.303   2.853   7.705   1.00 30.93 ? 51  TYR A CA  1 
ATOM 298  C C   . TYR A 1 51  ? 0.448   1.921   8.899   1.00 30.93 ? 51  TYR A C   1 
ATOM 299  O O   . TYR A 1 51  ? -0.437  1.856   9.757   1.00 30.93 ? 51  TYR A O   1 
ATOM 300  C CB  . TYR A 1 51  ? 0.629   4.295   8.115   1.00 30.93 ? 51  TYR A CB  1 
ATOM 301  C CG  . TYR A 1 51  ? 2.098   4.553   8.360   1.00 30.93 ? 51  TYR A CG  1 
ATOM 302  C CD1 . TYR A 1 51  ? 3.023   4.455   7.329   1.00 30.93 ? 51  TYR A CD1 1 
ATOM 303  C CD2 . TYR A 1 51  ? 2.560   4.906   9.622   1.00 30.93 ? 51  TYR A CD2 1 
ATOM 304  C CE1 . TYR A 1 51  ? 4.366   4.694   7.549   1.00 30.93 ? 51  TYR A CE1 1 
ATOM 305  C CE2 . TYR A 1 51  ? 3.900   5.148   9.851   1.00 30.93 ? 51  TYR A CE2 1 
ATOM 306  C CZ  . TYR A 1 51  ? 4.799   5.041   8.811   1.00 30.93 ? 51  TYR A CZ  1 
ATOM 307  O OH  . TYR A 1 51  ? 6.135   5.280   9.035   1.00 30.93 ? 51  TYR A OH  1 
ATOM 308  N N   . LEU A 1 52  ? 1.570   1.201   8.950   1.00 29.00 ? 52  LEU A N   1 
ATOM 309  C CA  . LEU A 1 52  ? 1.805   0.197   9.981   1.00 29.00 ? 52  LEU A CA  1 
ATOM 310  C C   . LEU A 1 52  ? 2.887   0.623   10.965  1.00 29.00 ? 52  LEU A C   1 
ATOM 311  O O   . LEU A 1 52  ? 2.638   0.664   12.173  1.00 29.00 ? 52  LEU A O   1 
ATOM 312  C CB  . LEU A 1 52  ? 2.175   -1.141  9.327   1.00 29.00 ? 52  LEU A CB  1 
ATOM 313  C CG  . LEU A 1 52  ? 1.190   -1.669  8.279   1.00 29.00 ? 52  LEU A CG  1 
ATOM 314  C CD1 . LEU A 1 52  ? 1.655   -3.011  7.736   1.00 29.00 ? 52  LEU A CD1 1 
ATOM 315  C CD2 . LEU A 1 52  ? -0.215  -1.778  8.857   1.00 29.00 ? 52  LEU A CD2 1 
ATOM 316  N N   . GLY A 1 53  ? 4.086   0.944   10.485  1.00 31.27 ? 53  GLY A N   1 
ATOM 317  C CA  . GLY A 1 53  ? 5.164   1.321   11.377  1.00 31.27 ? 53  GLY A CA  1 
ATOM 318  C C   . GLY A 1 53  ? 6.429   1.756   10.665  1.00 31.27 ? 53  GLY A C   1 
ATOM 319  O O   . GLY A 1 53  ? 6.370   2.389   9.607   1.00 31.27 ? 53  GLY A O   1 
ATOM 320  N N   . ASP A 1 54  ? 7.582   1.421   11.242  1.00 31.32 ? 54  ASP A N   1 
ATOM 321  C CA  . ASP A 1 54  ? 8.868   1.804   10.679  1.00 31.32 ? 54  ASP A CA  1 
ATOM 322  C C   . ASP A 1 54  ? 9.908   0.760   11.058  1.00 31.32 ? 54  ASP A C   1 
ATOM 323  O O   . ASP A 1 54  ? 9.726   -0.014  12.002  1.00 31.32 ? 54  ASP A O   1 
ATOM 324  C CB  . ASP A 1 54  ? 9.308   3.190   11.168  1.00 31.32 ? 54  ASP A CB  1 
ATOM 325  C CG  . ASP A 1 54  ? 8.466   4.310   10.589  1.00 31.32 ? 54  ASP A CG  1 
ATOM 326  O OD1 . ASP A 1 54  ? 7.338   4.523   11.080  1.00 31.32 ? 54  ASP A OD1 1 
ATOM 327  O OD2 . ASP A 1 54  ? 8.935   4.980   9.647   1.00 31.32 ? 54  ASP A OD2 1 
ATOM 328  N N   . GLU A 1 55  ? 11.006  0.749   10.305  1.00 34.37 ? 55  GLU A N   1 
ATOM 329  C CA  . GLU A 1 55  ? 12.136  -0.134  10.563  1.00 34.37 ? 55  GLU A CA  1 
ATOM 330  C C   . GLU A 1 55  ? 13.401  0.704   10.658  1.00 34.37 ? 55  GLU A C   1 
ATOM 331  O O   . GLU A 1 55  ? 13.663  1.539   9.786   1.00 34.37 ? 55  GLU A O   1 
ATOM 332  C CB  . GLU A 1 55  ? 12.277  -1.191  9.461   1.00 34.37 ? 55  GLU A CB  1 
ATOM 333  C CG  . GLU A 1 55  ? 11.523  -2.481  9.737   1.00 34.37 ? 55  GLU A CG  1 
ATOM 334  C CD  . GLU A 1 55  ? 11.495  -3.409  8.538   1.00 34.37 ? 55  GLU A CD  1 
ATOM 335  O OE1 . GLU A 1 55  ? 11.876  -2.969  7.433   1.00 34.37 ? 55  GLU A OE1 1 
ATOM 336  O OE2 . GLU A 1 55  ? 11.092  -4.580  8.701   1.00 34.37 ? 55  GLU A OE2 1 
ATOM 337  N N   . THR A 1 56  ? 14.183  0.480   11.712  1.00 32.72 ? 56  THR A N   1 
ATOM 338  C CA  . THR A 1 56  ? 15.387  1.258   11.964  1.00 32.72 ? 56  THR A CA  1 
ATOM 339  C C   . THR A 1 56  ? 16.513  0.328   12.389  1.00 32.72 ? 56  THR A C   1 
ATOM 340  O O   . THR A 1 56  ? 16.282  -0.709  13.015  1.00 32.72 ? 56  THR A O   1 
ATOM 341  C CB  . THR A 1 56  ? 15.150  2.324   13.046  1.00 32.72 ? 56  THR A CB  1 
ATOM 342  O OG1 . THR A 1 56  ? 14.110  3.215   12.622  1.00 32.72 ? 56  THR A OG1 1 
ATOM 343  C CG2 . THR A 1 56  ? 16.419  3.123   13.308  1.00 32.72 ? 56  THR A CG2 1 
ATOM 344  N N   . GLY A 1 57  ? 17.739  0.712   12.038  1.00 32.56 ? 57  GLY A N   1 
ATOM 345  C CA  . GLY A 1 57  ? 18.912  -0.054  12.413  1.00 32.56 ? 57  GLY A CA  1 
ATOM 346  C C   . GLY A 1 57  ? 20.203  0.677   12.105  1.00 32.56 ? 57  GLY A C   1 
ATOM 347  O O   . GLY A 1 57  ? 20.243  1.530   11.213  1.00 32.56 ? 57  GLY A O   1 
ATOM 348  N N   . THR A 1 58  ? 21.267  0.353   12.834  1.00 30.50 ? 58  THR A N   1 
ATOM 349  C CA  . THR A 1 58  ? 22.566  0.985   12.643  1.00 30.50 ? 58  THR A CA  1 
ATOM 350  C C   . THR A 1 58  ? 23.641  -0.092  12.756  1.00 30.50 ? 58  THR A C   1 
ATOM 351  O O   . THR A 1 58  ? 23.343  -1.289  12.824  1.00 30.50 ? 58  THR A O   1 
ATOM 352  C CB  . THR A 1 58  ? 22.777  2.121   13.654  1.00 30.50 ? 58  THR A CB  1 
ATOM 353  O OG1 . THR A 1 58  ? 22.588  1.622   14.986  1.00 30.50 ? 58  THR A OG1 1 
ATOM 354  C CG2 . THR A 1 58  ? 21.802  3.260   13.394  1.00 30.50 ? 58  THR A CG2 1 
ATOM 355  N N   . GLY A 1 59  ? 24.898  0.336   12.776  1.00 31.93 ? 59  GLY A N   1 
ATOM 356  C CA  . GLY A 1 59  ? 26.002  -0.608  12.862  1.00 31.93 ? 59  GLY A CA  1 
ATOM 357  C C   . GLY A 1 59  ? 26.092  -1.537  11.672  1.00 31.93 ? 59  GLY A C   1 
ATOM 358  O O   . GLY A 1 59  ? 26.344  -2.737  11.840  1.00 31.93 ? 59  GLY A O   1 
ATOM 359  N N   . ALA A 1 60  ? 25.891  -1.010  10.469  1.00 34.97 ? 60  ALA A N   1 
ATOM 360  C CA  . ALA A 1 60  ? 25.938  -1.805  9.248   1.00 34.97 ? 60  ALA A CA  1 
ATOM 361  C C   . ALA A 1 60  ? 26.161  -0.857  8.076   1.00 34.97 ? 60  ALA A C   1 
ATOM 362  O O   . ALA A 1 60  ? 26.462  0.327   8.262   1.00 34.97 ? 60  ALA A O   1 
ATOM 363  C CB  . ALA A 1 60  ? 24.656  -2.632  9.089   1.00 34.97 ? 60  ALA A CB  1 
ATOM 364  N N   . ASP A 1 61  ? 26.013  -1.379  6.856   1.00 32.88 ? 61  ASP A N   1 
ATOM 365  C CA  . ASP A 1 61  ? 26.191  -0.551  5.669   1.00 32.88 ? 61  ASP A CA  1 
ATOM 366  C C   . ASP A 1 61  ? 25.176  0.582   5.604   1.00 32.88 ? 61  ASP A C   1 
ATOM 367  O O   . ASP A 1 61  ? 25.406  1.565   4.891   1.00 32.88 ? 61  ASP A O   1 
ATOM 368  C CB  . ASP A 1 61  ? 26.089  -1.410  4.407   1.00 32.88 ? 61  ASP A CB  1 
ATOM 369  C CG  . ASP A 1 61  ? 24.796  -2.199  4.340   1.00 32.88 ? 61  ASP A CG  1 
ATOM 370  O OD1 . ASP A 1 61  ? 23.964  -2.063  5.261   1.00 32.88 ? 61  ASP A OD1 1 
ATOM 371  O OD2 . ASP A 1 61  ? 24.613  -2.957  3.363   1.00 32.88 ? 61  ASP A OD2 1 
ATOM 372  N N   . HIS A 1 62  ? 24.059  0.468   6.328   1.00 30.92 ? 62  HIS A N   1 
ATOM 373  C CA  . HIS A 1 62  ? 23.063  1.534   6.323   1.00 30.92 ? 62  HIS A CA  1 
ATOM 374  C C   . HIS A 1 62  ? 23.646  2.826   6.885   1.00 30.92 ? 62  HIS A C   1 
ATOM 375  O O   . HIS A 1 62  ? 23.500  3.899   6.289   1.00 30.92 ? 62  HIS A O   1 
ATOM 376  C CB  . HIS A 1 62  ? 21.832  1.103   7.122   1.00 30.92 ? 62  HIS A CB  1 
ATOM 377  C CG  . HIS A 1 62  ? 21.341  -0.271  6.788   1.00 30.92 ? 62  HIS A CG  1 
ATOM 378  N ND1 . HIS A 1 62  ? 21.522  -1.349  7.626   1.00 30.92 ? 62  HIS A ND1 1 
ATOM 379  C CD2 . HIS A 1 62  ? 20.673  -0.742  5.709   1.00 30.92 ? 62  HIS A CD2 1 
ATOM 380  C CE1 . HIS A 1 62  ? 20.988  -2.426  7.078   1.00 30.92 ? 62  HIS A CE1 1 
ATOM 381  N NE2 . HIS A 1 62  ? 20.466  -2.084  5.914   1.00 30.92 ? 62  HIS A NE2 1 
ATOM 382  N N   . GLN A 1 63  ? 24.321  2.738   8.028   1.00 32.44 ? 63  GLN A N   1 
ATOM 383  C CA  . GLN A 1 63  ? 24.894  3.916   8.660   1.00 32.44 ? 63  GLN A CA  1 
ATOM 384  C C   . GLN A 1 63  ? 26.093  4.426   7.867   1.00 32.44 ? 63  GLN A C   1 
ATOM 385  O O   . GLN A 1 63  ? 26.858  3.654   7.283   1.00 32.44 ? 63  GLN A O   1 
ATOM 386  C CB  . GLN A 1 63  ? 25.311  3.594   10.097  1.00 32.44 ? 63  GLN A CB  1 
ATOM 387  C CG  . GLN A 1 63  ? 26.167  4.660   10.773  1.00 32.44 ? 63  GLN A CG  1 
ATOM 388  C CD  . GLN A 1 63  ? 25.485  6.013   10.827  1.00 32.44 ? 63  GLN A CD  1 
ATOM 389  O OE1 . GLN A 1 63  ? 25.530  6.782   9.867   1.00 32.44 ? 63  GLN A OE1 1 
ATOM 390  N NE2 . GLN A 1 63  ? 24.852  6.312   11.955  1.00 32.44 ? 63  GLN A NE2 1 
ATOM 391  N N   . GLY A 1 64  ? 26.250  5.748   7.853   1.00 34.26 ? 64  GLY A N   1 
ATOM 392  C CA  . GLY A 1 64  ? 27.369  6.381   7.183   1.00 34.26 ? 64  GLY A CA  1 
ATOM 393  C C   . GLY A 1 64  ? 28.313  7.072   8.146   1.00 34.26 ? 64  GLY A C   1 
ATOM 394  O O   . GLY A 1 64  ? 28.629  6.534   9.212   1.00 34.26 ? 64  GLY A O   1 
ATOM 395  N N   . GLY A 1 65  ? 28.771  8.267   7.778   1.00 37.88 ? 65  GLY A N   1 
ATOM 396  C CA  . GLY A 1 65  ? 29.681  9.030   8.610   1.00 37.88 ? 65  GLY A CA  1 
ATOM 397  C C   . GLY A 1 65  ? 28.987  10.170  9.326   1.00 37.88 ? 65  GLY A C   1 
ATOM 398  O O   . GLY A 1 65  ? 28.331  9.961   10.351  1.00 37.88 ? 65  GLY A O   1 
ATOM 399  N N   . GLN A 1 66  ? 29.124  11.383  8.793   1.00 37.27 ? 66  GLN A N   1 
ATOM 400  C CA  . GLN A 1 66  ? 28.442  12.540  9.351   1.00 37.27 ? 66  GLN A CA  1 
ATOM 401  C C   . GLN A 1 66  ? 26.929  12.306  9.341   1.00 37.27 ? 66  GLN A C   1 
ATOM 402  O O   . GLN A 1 66  ? 26.433  11.301  8.829   1.00 37.27 ? 66  GLN A O   1 
ATOM 403  C CB  . GLN A 1 66  ? 28.801  13.796  8.554   1.00 37.27 ? 66  GLN A CB  1 
ATOM 404  C CG  . GLN A 1 66  ? 28.368  15.113  9.194   1.00 37.27 ? 66  GLN A CG  1 
ATOM 405  C CD  . GLN A 1 66  ? 27.097  15.683  8.590   1.00 37.27 ? 66  GLN A CD  1 
ATOM 406  O OE1 . GLN A 1 66  ? 26.870  15.595  7.383   1.00 37.27 ? 66  GLN A OE1 1 
ATOM 407  N NE2 . GLN A 1 66  ? 26.259  16.279  9.433   1.00 37.27 ? 66  GLN A NE2 1 
ATOM 408  N N   . ARG A 1 67  ? 26.200  13.225  9.976   1.00 37.28 ? 67  ARG A N   1 
ATOM 409  C CA  . ARG A 1 67  ? 24.739  13.315  10.004  1.00 37.28 ? 67  ARG A CA  1 
ATOM 410  C C   . ARG A 1 67  ? 24.062  12.093  10.624  1.00 37.28 ? 67  ARG A C   1 
ATOM 411  O O   . ARG A 1 67  ? 22.827  12.077  10.722  1.00 37.28 ? 67  ARG A O   1 
ATOM 412  C CB  . ARG A 1 67  ? 24.137  13.575  8.610   1.00 37.28 ? 67  ARG A CB  1 
ATOM 413  C CG  . ARG A 1 67  ? 24.344  12.458  7.582   1.00 37.28 ? 67  ARG A CG  1 
ATOM 414  C CD  . ARG A 1 67  ? 23.522  12.628  6.315   1.00 37.28 ? 67  ARG A CD  1 
ATOM 415  N NE  . ARG A 1 67  ? 23.922  13.792  5.533   1.00 37.28 ? 67  ARG A NE  1 
ATOM 416  C CZ  . ARG A 1 67  ? 23.126  14.811  5.237   1.00 37.28 ? 67  ARG A CZ  1 
ATOM 417  N NH1 . ARG A 1 67  ? 21.857  14.835  5.616   1.00 37.28 ? 67  ARG A NH1 1 
ATOM 418  N NH2 . ARG A 1 67  ? 23.614  15.830  4.537   1.00 37.28 ? 67  ARG A NH2 1 
ATOM 419  N N   . ALA A 1 68  ? 24.816  11.077  11.052  1.00 36.17 ? 68  ALA A N   1 
ATOM 420  C CA  . ALA A 1 68  ? 24.280  9.944   11.810  1.00 36.17 ? 68  ALA A CA  1 
ATOM 421  C C   . ALA A 1 68  ? 23.008  9.373   11.193  1.00 36.17 ? 68  ALA A C   1 
ATOM 422  O O   . ALA A 1 68  ? 22.129  8.883   11.908  1.00 36.17 ? 68  ALA A O   1 
ATOM 423  C CB  . ALA A 1 68  ? 24.020  10.342  13.263  1.00 36.17 ? 68  ALA A CB  1 
ATOM 424  N N   . ILE A 1 69  ? 22.894  9.422   9.872   1.00 35.96 ? 69  ILE A N   1 
ATOM 425  C CA  . ILE A 1 69  ? 21.719  8.896   9.191   1.00 35.96 ? 69  ILE A CA  1 
ATOM 426  C C   . ILE A 1 69  ? 22.049  7.498   8.689   1.00 35.96 ? 69  ILE A C   1 
ATOM 427  O O   . ILE A 1 69  ? 23.219  7.129   8.536   1.00 35.96 ? 69  ILE A O   1 
ATOM 428  C CB  . ILE A 1 69  ? 21.285  9.818   8.033   1.00 35.96 ? 69  ILE A CB  1 
ATOM 429  C CG1 . ILE A 1 69  ? 19.886  9.451   7.538   1.00 35.96 ? 69  ILE A CG1 1 
ATOM 430  C CG2 . ILE A 1 69  ? 22.240  9.660   6.870   1.00 35.96 ? 69  ILE A CG2 1 
ATOM 431  C CD1 . ILE A 1 69  ? 18.800  9.695   8.566   1.00 35.96 ? 69  ILE A CD1 1 
ATOM 432  N N   . GLN A 1 70  ? 21.010  6.711   8.429   1.00 31.83 ? 70  GLN A N   1 
ATOM 433  C CA  . GLN A 1 70  ? 21.163  5.379   7.867   1.00 31.83 ? 70  GLN A CA  1 
ATOM 434  C C   . GLN A 1 70  ? 19.990  5.107   6.936   1.00 31.83 ? 70  GLN A C   1 
ATOM 435  O O   . GLN A 1 70  ? 19.007  5.850   6.907   1.00 31.83 ? 70  GLN A O   1 
ATOM 436  C CB  . GLN A 1 70  ? 21.246  4.312   8.966   1.00 31.83 ? 70  GLN A CB  1 
ATOM 437  C CG  . GLN A 1 70  ? 20.085  4.341   9.950   1.00 31.83 ? 70  GLN A CG  1 
ATOM 438  C CD  . GLN A 1 70  ? 18.953  3.411   9.558   1.00 31.83 ? 70  GLN A CD  1 
ATOM 439  O OE1 . GLN A 1 70  ? 19.145  2.463   8.798   1.00 31.83 ? 70  GLN A OE1 1 
ATOM 440  N NE2 . GLN A 1 70  ? 17.766  3.673   10.090  1.00 31.83 ? 70  GLN A NE2 1 
ATOM 441  N N   . THR A 1 71  ? 20.101  4.029   6.167   1.00 29.44 ? 71  THR A N   1 
ATOM 442  C CA  . THR A 1 71  ? 19.019  3.619   5.277   1.00 29.44 ? 71  THR A CA  1 
ATOM 443  C C   . THR A 1 71  ? 17.856  3.151   6.138   1.00 29.44 ? 71  THR A C   1 
ATOM 444  O O   . THR A 1 71  ? 17.826  2.010   6.604   1.00 29.44 ? 71  THR A O   1 
ATOM 445  C CB  . THR A 1 71  ? 19.484  2.515   4.333   1.00 29.44 ? 71  THR A CB  1 
ATOM 446  O OG1 . THR A 1 71  ? 20.756  2.864   3.772   1.00 29.44 ? 71  THR A OG1 1 
ATOM 447  C CG2 . THR A 1 71  ? 18.478  2.313   3.210   1.00 29.44 ? 71  THR A CG2 1 
ATOM 448  N N   . VAL A 1 72  ? 16.887  4.036   6.345   1.00 31.73 ? 72  VAL A N   1 
ATOM 449  C CA  . VAL A 1 72  ? 15.811  3.790   7.299   1.00 31.73 ? 72  VAL A CA  1 
ATOM 450  C C   . VAL A 1 72  ? 14.767  2.895   6.650   1.00 31.73 ? 72  VAL A C   1 
ATOM 451  O O   . VAL A 1 72  ? 14.218  3.225   5.595   1.00 31.73 ? 72  VAL A O   1 
ATOM 452  C CB  . VAL A 1 72  ? 15.186  5.109   7.774   1.00 31.73 ? 72  VAL A CB  1 
ATOM 453  C CG1 . VAL A 1 72  ? 13.974  4.836   8.653   1.00 31.73 ? 72  VAL A CG1 1 
ATOM 454  C CG2 . VAL A 1 72  ? 16.221  5.953   8.514   1.00 31.73 ? 72  VAL A CG2 1 
ATOM 455  N N   . GLY A 1 73  ? 14.493  1.755   7.280   1.00 30.73 ? 73  GLY A N   1 
ATOM 456  C CA  . GLY A 1 73  ? 13.414  0.906   6.816   1.00 30.73 ? 73  GLY A CA  1 
ATOM 457  C C   . GLY A 1 73  ? 12.066  1.561   7.064   1.00 30.73 ? 73  GLY A C   1 
ATOM 458  O O   . GLY A 1 73  ? 11.808  2.123   8.129   1.00 30.73 ? 73  GLY A O   1 
ATOM 459  N N   . GLN A 1 74  ? 11.198  1.487   6.059   1.00 29.35 ? 74  GLN A N   1 
ATOM 460  C CA  . GLN A 1 74  ? 9.890   2.122   6.107   1.00 29.35 ? 74  GLN A CA  1 
ATOM 461  C C   . GLN A 1 74  ? 8.814   1.095   5.792   1.00 29.35 ? 74  GLN A C   1 
ATOM 462  O O   . GLN A 1 74  ? 8.973   0.273   4.886   1.00 29.35 ? 74  GLN A O   1 
ATOM 463  C CB  . GLN A 1 74  ? 9.811   3.295   5.122   1.00 29.35 ? 74  GLN A CB  1 
ATOM 464  C CG  . GLN A 1 74  ? 8.562   4.152   5.266   1.00 29.35 ? 74  GLN A CG  1 
ATOM 465  C CD  . GLN A 1 74  ? 8.544   4.951   6.553   1.00 29.35 ? 74  GLN A CD  1 
ATOM 466  O OE1 . GLN A 1 74  ? 7.651   4.789   7.385   1.00 29.35 ? 74  GLN A OE1 1 
ATOM 467  N NE2 . GLN A 1 74  ? 9.531   5.824   6.723   1.00 29.35 ? 74  GLN A NE2 1 
ATOM 468  N N   . GLN A 1 75  ? 7.720   1.151   6.546   1.00 29.68 ? 75  GLN A N   1 
ATOM 469  C CA  . GLN A 1 75  ? 6.593   0.250   6.373   1.00 29.68 ? 75  GLN A CA  1 
ATOM 470  C C   . GLN A 1 75  ? 5.433   0.992   5.723   1.00 29.68 ? 75  GLN A C   1 
ATOM 471  O O   . GLN A 1 75  ? 5.233   2.189   5.944   1.00 29.68 ? 75  GLN A O   1 
ATOM 472  C CB  . GLN A 1 75  ? 6.145   -0.340  7.713   1.00 29.68 ? 75  GLN A CB  1 
ATOM 473  C CG  . GLN A 1 75  ? 7.190   -1.217  8.380   1.00 29.68 ? 75  GLN A CG  1 
ATOM 474  C CD  . GLN A 1 75  ? 7.224   -2.619  7.805   1.00 29.68 ? 75  GLN A CD  1 
ATOM 475  O OE1 . GLN A 1 75  ? 6.187   -3.263  7.646   1.00 29.68 ? 75  GLN A OE1 1 
ATOM 476  N NE2 . GLN A 1 75  ? 8.421   -3.099  7.486   1.00 29.68 ? 75  GLN A NE2 1 
ATOM 477  N N   . TRP A 1 76  ? 4.668   0.261   4.916   1.00 27.21 ? 76  TRP A N   1 
ATOM 478  C CA  . TRP A 1 76  ? 3.566   0.848   4.165   1.00 27.21 ? 76  TRP A CA  1 
ATOM 479  C C   . TRP A 1 76  ? 2.653   -0.277  3.707   1.00 27.21 ? 76  TRP A C   1 
ATOM 480  O O   . TRP A 1 76  ? 3.127   -1.269  3.146   1.00 27.21 ? 76  TRP A O   1 
ATOM 481  C CB  . TRP A 1 76  ? 4.094   1.651   2.972   1.00 27.21 ? 76  TRP A CB  1 
ATOM 482  C CG  . TRP A 1 76  ? 3.051   2.041   1.976   1.00 27.21 ? 76  TRP A CG  1 
ATOM 483  C CD1 . TRP A 1 76  ? 2.356   3.214   1.935   1.00 27.21 ? 76  TRP A CD1 1 
ATOM 484  C CD2 . TRP A 1 76  ? 2.590   1.264   0.864   1.00 27.21 ? 76  TRP A CD2 1 
ATOM 485  N NE1 . TRP A 1 76  ? 1.488   3.213   0.871   1.00 27.21 ? 76  TRP A NE1 1 
ATOM 486  C CE2 . TRP A 1 76  ? 1.613   2.026   0.197   1.00 27.21 ? 76  TRP A CE2 1 
ATOM 487  C CE3 . TRP A 1 76  ? 2.908   -0.006  0.371   1.00 27.21 ? 76  TRP A CE3 1 
ATOM 488  C CZ2 . TRP A 1 76  ? 0.950   1.562   -0.937  1.00 27.21 ? 76  TRP A CZ2 1 
ATOM 489  C CZ3 . TRP A 1 76  ? 2.248   -0.464  -0.754  1.00 27.21 ? 76  TRP A CZ3 1 
ATOM 490  C CH2 . TRP A 1 76  ? 1.281   0.319   -1.396  1.00 27.21 ? 76  TRP A CH2 1 
ATOM 491  N N   . ALA A 1 77  ? 1.353   -0.124  3.951   1.00 26.56 ? 77  ALA A N   1 
ATOM 492  C CA  . ALA A 1 77  ? 0.379   -1.155  3.629   1.00 26.56 ? 77  ALA A CA  1 
ATOM 493  C C   . ALA A 1 77  ? -0.862  -0.505  3.033   1.00 26.56 ? 77  ALA A C   1 
ATOM 494  O O   . ALA A 1 77  ? -0.996  0.720   2.999   1.00 26.56 ? 77  ALA A O   1 
ATOM 495  C CB  . ALA A 1 77  ? 0.014   -1.986  4.864   1.00 26.56 ? 77  ALA A CB  1 
ATOM 496  N N   . VAL A 1 78  ? -1.776  -1.351  2.554   1.00 25.34 ? 78  VAL A N   1 
ATOM 497  C CA  . VAL A 1 78  ? -3.001  -0.901  1.906   1.00 25.34 ? 78  VAL A CA  1 
ATOM 498  C C   . VAL A 1 78  ? -4.167  -1.738  2.419   1.00 25.34 ? 78  VAL A C   1 
ATOM 499  O O   . VAL A 1 78  ? -3.988  -2.827  2.968   1.00 25.34 ? 78  VAL A O   1 
ATOM 500  C CB  . VAL A 1 78  ? -2.904  -0.992  0.365   1.00 25.34 ? 78  VAL A CB  1 
ATOM 501  C CG1 . VAL A 1 78  ? -4.168  -0.459  -0.294  1.00 25.34 ? 78  VAL A CG1 1 
ATOM 502  C CG2 . VAL A 1 78  ? -1.682  -0.238  -0.132  1.00 25.34 ? 78  VAL A CG2 1 
ATOM 503  N N   . VAL A 1 79  ? -5.372  -1.202  2.244   1.00 23.54 ? 79  VAL A N   1 
ATOM 504  C CA  . VAL A 1 79  ? -6.612  -1.890  2.583   1.00 23.54 ? 79  VAL A CA  1 
ATOM 505  C C   . VAL A 1 79  ? -7.453  -1.985  1.320   1.00 23.54 ? 79  VAL A C   1 
ATOM 506  O O   . VAL A 1 79  ? -7.571  -1.007  0.573   1.00 23.54 ? 79  VAL A O   1 
ATOM 507  C CB  . VAL A 1 79  ? -7.380  -1.159  3.700   1.00 23.54 ? 79  VAL A CB  1 
ATOM 508  C CG1 . VAL A 1 79  ? -8.813  -1.668  3.783   1.00 23.54 ? 79  VAL A CG1 1 
ATOM 509  C CG2 . VAL A 1 79  ? -6.668  -1.334  5.031   1.00 23.54 ? 79  VAL A CG2 1 
ATOM 510  N N   . LEU A 1 80  ? -8.026  -3.160  1.077   1.00 23.62 ? 80  LEU A N   1 
ATOM 511  C CA  . LEU A 1 80  ? -8.838  -3.405  -0.107  1.00 23.62 ? 80  LEU A CA  1 
ATOM 512  C C   . LEU A 1 80  ? -10.315 -3.306  0.252   1.00 23.62 ? 80  LEU A C   1 
ATOM 513  O O   . LEU A 1 80  ? -10.778 -3.945  1.201   1.00 23.62 ? 80  LEU A O   1 
ATOM 514  C CB  . LEU A 1 80  ? -8.528  -4.774  -0.709  1.00 23.62 ? 80  LEU A CB  1 
ATOM 515  C CG  . LEU A 1 80  ? -7.373  -4.768  -1.711  1.00 23.62 ? 80  LEU A CG  1 
ATOM 516  C CD1 . LEU A 1 80  ? -6.048  -4.579  -0.996  1.00 23.62 ? 80  LEU A CD1 1 
ATOM 517  C CD2 . LEU A 1 80  ? -7.372  -6.047  -2.530  1.00 23.62 ? 80  LEU A CD2 1 
ATOM 518  N N   . VAL A 1 81  ? -11.045 -2.501  -0.515  1.00 21.26 ? 81  VAL A N   1 
ATOM 519  C CA  . VAL A 1 81  ? -12.471 -2.287  -0.308  1.00 21.26 ? 81  VAL A CA  1 
ATOM 520  C C   . VAL A 1 81  ? -13.173 -2.399  -1.654  1.00 21.26 ? 81  VAL A C   1 
ATOM 521  O O   . VAL A 1 81  ? -13.199 -1.441  -2.434  1.00 21.26 ? 81  VAL A O   1 
ATOM 522  C CB  . VAL A 1 81  ? -12.737 -0.916  0.341   1.00 21.26 ? 81  VAL A CB  1 
ATOM 523  C CG1 . VAL A 1 81  ? -14.199 -0.526  0.201   1.00 21.26 ? 81  VAL A CG1 1 
ATOM 524  C CG2 . VAL A 1 81  ? -12.314 -0.929  1.801   1.00 21.26 ? 81  VAL A CG2 1 
ATOM 525  N N   . VAL A 1 82  ? -13.740 -3.572  -1.930  1.00 21.08 ? 82  VAL A N   1 
ATOM 526  C CA  . VAL A 1 82  ? -14.443 -3.800  -3.189  1.00 21.08 ? 82  VAL A CA  1 
ATOM 527  C C   . VAL A 1 82  ? -15.913 -4.090  -2.911  1.00 21.08 ? 82  VAL A C   1 
ATOM 528  O O   . VAL A 1 82  ? -16.801 -3.430  -3.463  1.00 21.08 ? 82  VAL A O   1 
ATOM 529  C CB  . VAL A 1 82  ? -13.779 -4.934  -3.999  1.00 21.08 ? 82  VAL A CB  1 
ATOM 530  C CG1 . VAL A 1 82  ? -13.796 -6.255  -3.236  1.00 21.08 ? 82  VAL A CG1 1 
ATOM 531  C CG2 . VAL A 1 82  ? -14.457 -5.089  -5.351  1.00 21.08 ? 82  VAL A CG2 1 
ATOM 532  N N   . HIS A 1 83  ? -16.180 -5.069  -2.044  1.00 20.92 ? 83  HIS A N   1 
ATOM 533  C CA  . HIS A 1 83  ? -17.543 -5.474  -1.712  1.00 20.92 ? 83  HIS A CA  1 
ATOM 534  C C   . HIS A 1 83  ? -18.424 -5.566  -2.952  1.00 20.92 ? 83  HIS A C   1 
ATOM 535  O O   . HIS A 1 83  ? -19.611 -5.225  -2.905  1.00 20.92 ? 83  HIS A O   1 
ATOM 536  C CB  . HIS A 1 83  ? -18.157 -4.509  -0.696  1.00 20.92 ? 83  HIS A CB  1 
ATOM 537  C CG  . HIS A 1 83  ? -17.323 -4.316  0.532   1.00 20.92 ? 83  HIS A CG  1 
ATOM 538  N ND1 . HIS A 1 83  ? -16.536 -3.202  0.731   1.00 20.92 ? 83  HIS A ND1 1 
ATOM 539  C CD2 . HIS A 1 83  ? -17.152 -5.096  1.625   1.00 20.92 ? 83  HIS A CD2 1 
ATOM 540  C CE1 . HIS A 1 83  ? -15.917 -3.304  1.894   1.00 20.92 ? 83  HIS A CE1 1 
ATOM 541  N NE2 . HIS A 1 83  ? -16.273 -4.445  2.455   1.00 20.92 ? 83  HIS A NE2 1 
ATOM 542  N N   . TYR A 1 84  ? -17.856 -6.025  -4.065  1.00 19.16 ? 84  TYR A N   1 
ATOM 543  C CA  . TYR A 1 84  ? -18.597 -6.225  -5.305  1.00 19.16 ? 84  TYR A CA  1 
ATOM 544  C C   . TYR A 1 84  ? -18.482 -7.697  -5.674  1.00 19.16 ? 84  TYR A C   1 
ATOM 545  O O   . TYR A 1 84  ? -17.371 -8.208  -5.851  1.00 19.16 ? 84  TYR A O   1 
ATOM 546  C CB  . TYR A 1 84  ? -18.057 -5.332  -6.423  1.00 19.16 ? 84  TYR A CB  1 
ATOM 547  C CG  . TYR A 1 84  ? -18.820 -5.444  -7.724  1.00 19.16 ? 84  TYR A CG  1 
ATOM 548  C CD1 . TYR A 1 84  ? -20.063 -4.844  -7.873  1.00 19.16 ? 84  TYR A CD1 1 
ATOM 549  C CD2 . TYR A 1 84  ? -18.297 -6.143  -8.803  1.00 19.16 ? 84  TYR A CD2 1 
ATOM 550  C CE1 . TYR A 1 84  ? -20.766 -4.939  -9.058  1.00 19.16 ? 84  TYR A CE1 1 
ATOM 551  C CE2 . TYR A 1 84  ? -18.993 -6.244  -9.994  1.00 19.16 ? 84  TYR A CE2 1 
ATOM 552  C CZ  . TYR A 1 84  ? -20.226 -5.639  -10.116 1.00 19.16 ? 84  TYR A CZ  1 
ATOM 553  O OH  . TYR A 1 84  ? -20.924 -5.736  -11.299 1.00 19.16 ? 84  TYR A OH  1 
ATOM 554  N N   . ALA A 1 85  ? -19.624 -8.371  -5.782  1.00 18.09 ? 85  ALA A N   1 
ATOM 555  C CA  . ALA A 1 85  ? -19.741 -9.818  -5.931  1.00 18.09 ? 85  ALA A CA  1 
ATOM 556  C C   . ALA A 1 85  ? -19.408 -10.538 -4.631  1.00 18.09 ? 85  ALA A C   1 
ATOM 557  O O   . ALA A 1 85  ? -19.425 -11.774 -4.601  1.00 18.09 ? 85  ALA A O   1 
ATOM 558  C CB  . ALA A 1 85  ? -18.852 -10.378 -7.053  1.00 18.09 ? 85  ALA A CB  1 
ATOM 559  N N   . ASP A 1 86  ? -19.103 -9.808  -3.554  1.00 18.87 ? 86  ASP A N   1 
ATOM 560  C CA  . ASP A 1 86  ? -18.809 -10.389 -2.242  1.00 18.87 ? 86  ASP A CA  1 
ATOM 561  C C   . ASP A 1 86  ? -19.537 -9.522  -1.216  1.00 18.87 ? 86  ASP A C   1 
ATOM 562  O O   . ASP A 1 86  ? -18.984 -8.541  -0.711  1.00 18.87 ? 86  ASP A O   1 
ATOM 563  C CB  . ASP A 1 86  ? -17.311 -10.448 -1.980  1.00 18.87 ? 86  ASP A CB  1 
ATOM 564  C CG  . ASP A 1 86  ? -16.969 -11.183 -0.696  1.00 18.87 ? 86  ASP A CG  1 
ATOM 565  O OD1 . ASP A 1 86  ? -17.876 -11.389 0.137   1.00 18.87 ? 86  ASP A OD1 1 
ATOM 566  O OD2 . ASP A 1 86  ? -15.789 -11.553 -0.521  1.00 18.87 ? 86  ASP A OD2 1 
ATOM 567  N N   . SER A 1 87  ? -20.777 -9.893  -0.915  1.00 20.31 ? 87  SER A N   1 
ATOM 568  C CA  . SER A 1 87  ? -21.645 -9.159  0.000   1.00 20.31 ? 87  SER A CA  1 
ATOM 569  C C   . SER A 1 87  ? -22.211 -10.103 1.048   1.00 20.31 ? 87  SER A C   1 
ATOM 570  O O   . SER A 1 87  ? -23.408 -10.112 1.339   1.00 20.31 ? 87  SER A O   1 
ATOM 571  C CB  . SER A 1 87  ? -22.767 -8.462  -0.766  1.00 20.31 ? 87  SER A CB  1 
ATOM 572  O OG  . SER A 1 87  ? -23.497 -7.592  0.079   1.00 20.31 ? 87  SER A OG  1 
ATOM 573  N N   . SER A 1 88  ? -21.331 -10.919 1.629   1.00 19.27 ? 88  SER A N   1 
ATOM 574  C CA  . SER A 1 88  ? -21.647 -12.009 2.552   1.00 19.27 ? 88  SER A CA  1 
ATOM 575  C C   . SER A 1 88  ? -22.071 -13.259 1.794   1.00 19.27 ? 88  SER A C   1 
ATOM 576  O O   . SER A 1 88  ? -22.579 -14.206 2.412   1.00 19.27 ? 88  SER A O   1 
ATOM 577  C CB  . SER A 1 88  ? -22.739 -11.638 3.561   1.00 19.27 ? 88  SER A CB  1 
ATOM 578  O OG  . SER A 1 88  ? -22.451 -10.405 4.196   1.00 19.27 ? 88  SER A OG  1 
ATOM 579  N N   . ASN A 1 89  ? -21.881 -13.294 0.475   1.00 19.57 ? 89  ASN A N   1 
ATOM 580  C CA  . ASN A 1 89  ? -22.223 -14.465 -0.326  1.00 19.57 ? 89  ASN A CA  1 
ATOM 581  C C   . ASN A 1 89  ? -21.058 -15.450 -0.384  1.00 19.57 ? 89  ASN A C   1 
ATOM 582  O O   . ASN A 1 89  ? -21.195 -16.612 0.013   1.00 19.57 ? 89  ASN A O   1 
ATOM 583  C CB  . ASN A 1 89  ? -22.629 -14.028 -1.737  1.00 19.57 ? 89  ASN A CB  1 
ATOM 584  C CG  . ASN A 1 89  ? -23.682 -12.938 -1.728  1.00 19.57 ? 89  ASN A CG  1 
ATOM 585  O OD1 . ASN A 1 89  ? -24.646 -12.997 -0.965  1.00 19.57 ? 89  ASN A OD1 1 
ATOM 586  N ND2 . ASN A 1 89  ? -23.498 -11.930 -2.572  1.00 19.57 ? 89  ASN A ND2 1 
ATOM 587  N N   . SER A 1 90  ? -19.909 -14.996 -0.877  1.00 20.69 ? 90  SER A N   1 
ATOM 588  C CA  . SER A 1 90  ? -18.714 -15.823 -0.978  1.00 20.69 ? 90  SER A CA  1 
ATOM 589  C C   . SER A 1 90  ? -17.573 -14.943 -1.467  1.00 20.69 ? 90  SER A C   1 
ATOM 590  O O   . SER A 1 90  ? -17.795 -13.892 -2.075  1.00 20.69 ? 90  SER A O   1 
ATOM 591  C CB  . SER A 1 90  ? -18.912 -17.009 -1.927  1.00 20.69 ? 90  SER A CB  1 
ATOM 592  O OG  . SER A 1 90  ? -19.115 -16.568 -3.258  1.00 20.69 ? 90  SER A OG  1 
ATOM 593  N N   . GLY A 1 91  ? -16.349 -15.386 -1.192  1.00 19.81 ? 91  GLY A N   1 
ATOM 594  C CA  . GLY A 1 91  ? -15.169 -14.688 -1.662  1.00 19.81 ? 91  GLY A CA  1 
ATOM 595  C C   . GLY A 1 91  ? -14.885 -14.940 -3.129  1.00 19.81 ? 91  GLY A C   1 
ATOM 596  O O   . GLY A 1 91  ? -13.784 -15.362 -3.493  1.00 19.81 ? 91  GLY A O   1 
ATOM 597  N N   . GLU A 1 92  ? -15.876 -14.685 -3.980  1.00 18.52 ? 92  GLU A N   1 
ATOM 598  C CA  . GLU A 1 92  ? -15.758 -14.855 -5.427  1.00 18.52 ? 92  GLU A CA  1 
ATOM 599  C C   . GLU A 1 92  ? -15.946 -13.480 -6.059  1.00 18.52 ? 92  GLU A C   1 
ATOM 600  O O   . GLU A 1 92  ? -17.049 -12.924 -6.041  1.00 18.52 ? 92  GLU A O   1 
ATOM 601  C CB  . GLU A 1 92  ? -16.781 -15.859 -5.949  1.00 18.52 ? 92  GLU A CB  1 
ATOM 602  C CG  . GLU A 1 92  ? -16.602 -16.223 -7.414  1.00 18.52 ? 92  GLU A CG  1 
ATOM 603  C CD  . GLU A 1 92  ? -15.410 -17.131 -7.651  1.00 18.52 ? 92  GLU A CD  1 
ATOM 604  O OE1 . GLU A 1 92  ? -15.057 -17.905 -6.736  1.00 18.52 ? 92  GLU A OE1 1 
ATOM 605  O OE2 . GLU A 1 92  ? -14.825 -17.070 -8.752  1.00 18.52 ? 92  GLU A OE2 1 
ATOM 606  N N   . GLY A 1 93  ? -14.868 -12.934 -6.616  1.00 19.21 ? 93  GLY A N   1 
ATOM 607  C CA  . GLY A 1 93  ? -14.864 -11.593 -7.166  1.00 19.21 ? 93  GLY A CA  1 
ATOM 608  C C   . GLY A 1 93  ? -14.270 -10.552 -6.245  1.00 19.21 ? 93  GLY A C   1 
ATOM 609  O O   . GLY A 1 93  ? -14.009 -9.428  -6.694  1.00 19.21 ? 93  GLY A O   1 
ATOM 610  N N   . ALA A 1 94  ? -14.048 -10.884 -4.972  1.00 21.17 ? 94  ALA A N   1 
ATOM 611  C CA  . ALA A 1 94  ? -13.422 -9.942  -4.051  1.00 21.17 ? 94  ALA A CA  1 
ATOM 612  C C   . ALA A 1 94  ? -11.929 -9.814  -4.336  1.00 21.17 ? 94  ALA A C   1 
ATOM 613  O O   . ALA A 1 94  ? -11.435 -8.719  -4.627  1.00 21.17 ? 94  ALA A O   1 
ATOM 614  C CB  . ALA A 1 94  ? -13.659 -10.383 -2.605  1.00 21.17 ? 94  ALA A CB  1 
ATOM 615  N N   . ARG A 1 95  ? -11.196 -10.926 -4.257  1.00 20.02 ? 95  ARG A N   1 
ATOM 616  C CA  . ARG A 1 95  ? -9.776  -10.926 -4.579  1.00 20.02 ? 95  ARG A CA  1 
ATOM 617  C C   . ARG A 1 95  ? -9.473  -11.492 -5.959  1.00 20.02 ? 95  ARG A C   1 
ATOM 618  O O   . ARG A 1 95  ? -8.414  -11.185 -6.515  1.00 20.02 ? 95  ARG A O   1 
ATOM 619  C CB  . ARG A 1 95  ? -8.979  -11.721 -3.540  1.00 20.02 ? 95  ARG A CB  1 
ATOM 620  C CG  . ARG A 1 95  ? -7.474  -11.621 -3.751  1.00 20.02 ? 95  ARG A CG  1 
ATOM 621  C CD  . ARG A 1 95  ? -6.685  -12.343 -2.680  1.00 20.02 ? 95  ARG A CD  1 
ATOM 622  N NE  . ARG A 1 95  ? -5.254  -12.283 -2.950  1.00 20.02 ? 95  ARG A NE  1 
ATOM 623  C CZ  . ARG A 1 95  ? -4.629  -13.029 -3.852  1.00 20.02 ? 95  ARG A CZ  1 
ATOM 624  N NH1 . ARG A 1 95  ? -5.281  -13.907 -4.596  1.00 20.02 ? 95  ARG A NH1 1 
ATOM 625  N NH2 . ARG A 1 95  ? -3.316  -12.889 -4.010  1.00 20.02 ? 95  ARG A NH2 1 
ATOM 626  N N   . ARG A 1 96  ? -10.360 -12.313 -6.522  1.00 20.07 ? 96  ARG A N   1 
ATOM 627  C CA  . ARG A 1 96  ? -10.125 -12.823 -7.868  1.00 20.07 ? 96  ARG A CA  1 
ATOM 628  C C   . ARG A 1 96  ? -10.010 -11.678 -8.865  1.00 20.07 ? 96  ARG A C   1 
ATOM 629  O O   . ARG A 1 96  ? -9.125  -11.681 -9.728  1.00 20.07 ? 96  ARG A O   1 
ATOM 630  C CB  . ARG A 1 96  ? -11.245 -13.783 -8.270  1.00 20.07 ? 96  ARG A CB  1 
ATOM 631  C CG  . ARG A 1 96  ? -11.180 -14.258 -9.716  1.00 20.07 ? 96  ARG A CG  1 
ATOM 632  C CD  . ARG A 1 96  ? -9.878  -14.985 -10.011 1.00 20.07 ? 96  ARG A CD  1 
ATOM 633  N NE  . ARG A 1 96  ? -9.722  -16.183 -9.193  1.00 20.07 ? 96  ARG A NE  1 
ATOM 634  C CZ  . ARG A 1 96  ? -8.602  -16.886 -9.098  1.00 20.07 ? 96  ARG A CZ  1 
ATOM 635  N NH1 . ARG A 1 96  ? -7.507  -16.537 -9.754  1.00 20.07 ? 96  ARG A NH1 1 
ATOM 636  N NH2 . ARG A 1 96  ? -8.580  -17.968 -8.325  1.00 20.07 ? 96  ARG A NH2 1 
ATOM 637  N N   . GLU A 1 97  ? -10.899 -10.689 -8.759  1.00 21.36 ? 97  GLU A N   1 
ATOM 638  C CA  . GLU A 1 97  ? -10.777 -9.493  -9.583  1.00 21.36 ? 97  GLU A CA  1 
ATOM 639  C C   . GLU A 1 97  ? -9.664  -8.582  -9.083  1.00 21.36 ? 97  GLU A C   1 
ATOM 640  O O   . GLU A 1 97  ? -9.083  -7.826  -9.869  1.00 21.36 ? 97  GLU A O   1 
ATOM 641  C CB  . GLU A 1 97  ? -12.108 -8.739  -9.606  1.00 21.36 ? 97  GLU A CB  1 
ATOM 642  C CG  . GLU A 1 97  ? -12.139 -7.548  -10.551 1.00 21.36 ? 97  GLU A CG  1 
ATOM 643  C CD  . GLU A 1 97  ? -13.401 -6.721  -10.402 1.00 21.36 ? 97  GLU A CD  1 
ATOM 644  O OE1 . GLU A 1 97  ? -13.539 -6.026  -9.375  1.00 21.36 ? 97  GLU A OE1 1 
ATOM 645  O OE2 . GLU A 1 97  ? -14.255 -6.768  -11.312 1.00 21.36 ? 97  GLU A OE2 1 
ATOM 646  N N   . ALA A 1 98  ? -9.354  -8.639  -7.785  1.00 21.46 ? 98  ALA A N   1 
ATOM 647  C CA  . ALA A 1 98  ? -8.342  -7.748  -7.230  1.00 21.46 ? 98  ALA A CA  1 
ATOM 648  C C   . ALA A 1 98  ? -6.948  -8.113  -7.722  1.00 21.46 ? 98  ALA A C   1 
ATOM 649  O O   . ALA A 1 98  ? -6.083  -7.239  -7.842  1.00 21.46 ? 98  ALA A O   1 
ATOM 650  C CB  . ALA A 1 98  ? -8.388  -7.783  -5.705  1.00 21.46 ? 98  ALA A CB  1 
ATOM 651  N N   . GLY A 1 99  ? -6.711  -9.394  -8.003  1.00 21.14 ? 99  GLY A N   1 
ATOM 652  C CA  . GLY A 1 99  ? -5.403  -9.881  -8.376  1.00 21.14 ? 99  GLY A CA  1 
ATOM 653  C C   . GLY A 1 99  ? -4.678  -8.949  -9.326  1.00 21.14 ? 99  GLY A C   1 
ATOM 654  O O   . GLY A 1 99  ? -3.604  -8.423  -9.015  1.00 21.14 ? 99  GLY A O   1 
ATOM 655  N N   . PRO A 1 100 ? -5.250  -8.731  -10.511 1.00 22.29 ? 100 PRO A N   1 
ATOM 656  C CA  . PRO A 1 100 ? -4.680  -7.709  -11.404 1.00 22.29 ? 100 PRO A CA  1 
ATOM 657  C C   . PRO A 1 100 ? -4.639  -6.331  -10.766 1.00 22.29 ? 100 PRO A C   1 
ATOM 658  O O   . PRO A 1 100 ? -3.656  -5.599  -10.935 1.00 22.29 ? 100 PRO A O   1 
ATOM 659  C CB  . PRO A 1 100 ? -5.611  -7.751  -12.625 1.00 22.29 ? 100 PRO A CB  1 
ATOM 660  C CG  . PRO A 1 100 ? -6.272  -9.089  -12.571 1.00 22.29 ? 100 PRO A CG  1 
ATOM 661  C CD  . PRO A 1 100 ? -6.386  -9.441  -11.122 1.00 22.29 ? 100 PRO A CD  1 
ATOM 662  N N   . LEU A 1 101 ? -5.681  -5.964  -10.016 1.00 22.95 ? 101 LEU A N   1 
ATOM 663  C CA  . LEU A 1 101 ? -5.681  -4.674  -9.336  1.00 22.95 ? 101 LEU A CA  1 
ATOM 664  C C   . LEU A 1 101 ? -4.611  -4.623  -8.255  1.00 22.95 ? 101 LEU A C   1 
ATOM 665  O O   . LEU A 1 101 ? -3.960  -3.590  -8.067  1.00 22.95 ? 101 LEU A O   1 
ATOM 666  C CB  . LEU A 1 101 ? -7.058  -4.395  -8.738  1.00 22.95 ? 101 LEU A CB  1 
ATOM 667  C CG  . LEU A 1 101 ? -8.058  -3.699  -9.662  1.00 22.95 ? 101 LEU A CG  1 
ATOM 668  C CD1 . LEU A 1 101 ? -8.534  -4.651  -10.748 1.00 22.95 ? 101 LEU A CD1 1 
ATOM 669  C CD2 . LEU A 1 101 ? -9.234  -3.158  -8.866  1.00 22.95 ? 101 LEU A CD2 1 
ATOM 670  N N   . LEU A 1 102 ? -4.423  -5.725  -7.528  1.00 22.45 ? 102 LEU A N   1 
ATOM 671  C CA  . LEU A 1 102 ? -3.372  -5.772  -6.518  1.00 22.45 ? 102 LEU A CA  1 
ATOM 672  C C   . LEU A 1 102 ? -2.001  -5.616  -7.158  1.00 22.45 ? 102 LEU A C   1 
ATOM 673  O O   . LEU A 1 102 ? -1.142  -4.899  -6.635  1.00 22.45 ? 102 LEU A O   1 
ATOM 674  C CB  . LEU A 1 102 ? -3.453  -7.084  -5.739  1.00 22.45 ? 102 LEU A CB  1 
ATOM 675  C CG  . LEU A 1 102 ? -4.242  -7.038  -4.431  1.00 22.45 ? 102 LEU A CG  1 
ATOM 676  C CD1 . LEU A 1 102 ? -4.450  -8.440  -3.886  1.00 22.45 ? 102 LEU A CD1 1 
ATOM 677  C CD2 . LEU A 1 102 ? -3.539  -6.162  -3.404  1.00 22.45 ? 102 LEU A CD2 1 
ATOM 678  N N   . GLY A 1 103 ? -1.777  -6.288  -8.288  1.00 23.71 ? 103 GLY A N   1 
ATOM 679  C CA  . GLY A 1 103 ? -0.517  -6.121  -8.993  1.00 23.71 ? 103 GLY A CA  1 
ATOM 680  C C   . GLY A 1 103 ? -0.307  -4.692  -9.452  1.00 23.71 ? 103 GLY A C   1 
ATOM 681  O O   . GLY A 1 103 ? 0.780   -4.132  -9.305  1.00 23.71 ? 103 GLY A O   1 
ATOM 682  N N   . ARG A 1 104 ? -1.352  -4.081  -10.011 1.00 24.23 ? 104 ARG A N   1 
ATOM 683  C CA  . ARG A 1 104 ? -1.260  -2.688  -10.437 1.00 24.23 ? 104 ARG A CA  1 
ATOM 684  C C   . ARG A 1 104 ? -0.898  -1.785  -9.264  1.00 24.23 ? 104 ARG A C   1 
ATOM 685  O O   . ARG A 1 104 ? 0.002   -0.942  -9.364  1.00 24.23 ? 104 ARG A O   1 
ATOM 686  C CB  . ARG A 1 104 ? -2.587  -2.265  -11.077 1.00 24.23 ? 104 ARG A CB  1 
ATOM 687  C CG  . ARG A 1 104 ? -2.918  -0.773  -11.030 1.00 24.23 ? 104 ARG A CG  1 
ATOM 688  C CD  . ARG A 1 104 ? -1.857  0.092   -11.698 1.00 24.23 ? 104 ARG A CD  1 
ATOM 689  N NE  . ARG A 1 104 ? -2.154  1.514   -11.566 1.00 24.23 ? 104 ARG A NE  1 
ATOM 690  C CZ  . ARG A 1 104 ? -2.105  2.191   -10.427 1.00 24.23 ? 104 ARG A CZ  1 
ATOM 691  N NH1 . ARG A 1 104 ? -1.781  1.606   -9.285  1.00 24.23 ? 104 ARG A NH1 1 
ATOM 692  N NH2 . ARG A 1 104 ? -2.393  3.490   -10.432 1.00 24.23 ? 104 ARG A NH2 1 
ATOM 693  N N   . LEU A 1 105 ? -1.587  -1.958  -8.134  1.00 24.21 ? 105 LEU A N   1 
ATOM 694  C CA  . LEU A 1 105 ? -1.331  -1.120  -6.969  1.00 24.21 ? 105 LEU A CA  1 
ATOM 695  C C   . LEU A 1 105 ? 0.092   -1.308  -6.462  1.00 24.21 ? 105 LEU A C   1 
ATOM 696  O O   . LEU A 1 105 ? 0.801   -0.334  -6.187  1.00 24.21 ? 105 LEU A O   1 
ATOM 697  C CB  . LEU A 1 105 ? -2.340  -1.443  -5.866  1.00 24.21 ? 105 LEU A CB  1 
ATOM 698  C CG  . LEU A 1 105 ? -3.799  -1.106  -6.174  1.00 24.21 ? 105 LEU A CG  1 
ATOM 699  C CD1 . LEU A 1 105 ? -4.731  -2.074  -5.461  1.00 24.21 ? 105 LEU A CD1 1 
ATOM 700  C CD2 . LEU A 1 105 ? -4.114  0.330   -5.786  1.00 24.21 ? 105 LEU A CD2 1 
ATOM 701  N N   . VAL A 1 106 ? 0.533   -2.563  -6.343  1.00 24.64 ? 106 VAL A N   1 
ATOM 702  C CA  . VAL A 1 106 ? 1.846   -2.841  -5.777  1.00 24.64 ? 106 VAL A CA  1 
ATOM 703  C C   . VAL A 1 106 ? 2.966   -2.451  -6.729  1.00 24.64 ? 106 VAL A C   1 
ATOM 704  O O   . VAL A 1 106 ? 4.093   -2.213  -6.282  1.00 24.64 ? 106 VAL A O   1 
ATOM 705  C CB  . VAL A 1 106 ? 1.963   -4.329  -5.395  1.00 24.64 ? 106 VAL A CB  1 
ATOM 706  C CG1 . VAL A 1 106 ? 3.324   -4.612  -4.780  1.00 24.64 ? 106 VAL A CG1 1 
ATOM 707  C CG2 . VAL A 1 106 ? 0.849   -4.727  -4.431  1.00 24.64 ? 106 VAL A CG2 1 
ATOM 708  N N   . LYS A 1 107 ? 2.692   -2.383  -8.031  1.00 24.69 ? 107 LYS A N   1 
ATOM 709  C CA  . LYS A 1 107 ? 3.708   -1.983  -8.995  1.00 24.69 ? 107 LYS A CA  1 
ATOM 710  C C   . LYS A 1 107 ? 3.789   -0.471  -9.145  1.00 24.69 ? 107 LYS A C   1 
ATOM 711  O O   . LYS A 1 107 ? 4.879   0.069   -9.367  1.00 24.69 ? 107 LYS A O   1 
ATOM 712  C CB  . LYS A 1 107 ? 3.421   -2.627  -10.355 1.00 24.69 ? 107 LYS A CB  1 
ATOM 713  C CG  . LYS A 1 107 ? 4.049   -4.007  -10.561 1.00 24.69 ? 107 LYS A CG  1 
ATOM 714  C CD  . LYS A 1 107 ? 3.864   -4.932  -9.359  1.00 24.69 ? 107 LYS A CD  1 
ATOM 715  C CE  . LYS A 1 107 ? 4.619   -6.238  -9.546  1.00 24.69 ? 107 LYS A CE  1 
ATOM 716  N NZ  . LYS A 1 107 ? 4.184   -7.282  -8.575  1.00 24.69 ? 107 LYS A NZ  1 
ATOM 717  N N   . ALA A 1 108 ? 2.659   0.230   -9.030  1.00 25.88 ? 108 ALA A N   1 
ATOM 718  C CA  . ALA A 1 108 ? 2.682   1.685   -9.137  1.00 25.88 ? 108 ALA A CA  1 
ATOM 719  C C   . ALA A 1 108 ? 3.082   2.322   -7.813  1.00 25.88 ? 108 ALA A C   1 
ATOM 720  O O   . ALA A 1 108 ? 4.095   3.027   -7.728  1.00 25.88 ? 108 ALA A O   1 
ATOM 721  C CB  . ALA A 1 108 ? 1.313   2.197   -9.590  1.00 25.88 ? 108 ALA A CB  1 
ATOM 722  N N   . LEU A 1 109 ? 2.297   2.079   -6.759  1.00 25.58 ? 109 LEU A N   1 
ATOM 723  C CA  . LEU A 1 109 ? 2.563   2.722   -5.477  1.00 25.58 ? 109 LEU A CA  1 
ATOM 724  C C   . LEU A 1 109 ? 3.912   2.308   -4.908  1.00 25.58 ? 109 LEU A C   1 
ATOM 725  O O   . LEU A 1 109 ? 4.534   3.078   -4.166  1.00 25.58 ? 109 LEU A O   1 
ATOM 726  C CB  . LEU A 1 109 ? 1.442   2.395   -4.489  1.00 25.58 ? 109 LEU A CB  1 
ATOM 727  C CG  . LEU A 1 109 ? 0.132   3.156   -4.708  1.00 25.58 ? 109 LEU A CG  1 
ATOM 728  C CD1 . LEU A 1 109 ? -0.612  2.628   -5.927  1.00 25.58 ? 109 LEU A CD1 1 
ATOM 729  C CD2 . LEU A 1 109 ? -0.749  3.082   -3.471  1.00 25.58 ? 109 LEU A CD2 1 
ATOM 730  N N   . THR A 1 110 ? 4.379   1.106   -5.237  1.00 26.66 ? 110 THR A N   1 
ATOM 731  C CA  . THR A 1 110 ? 5.672   0.617   -4.784  1.00 26.66 ? 110 THR A CA  1 
ATOM 732  C C   . THR A 1 110 ? 6.412   -0.013  -5.953  1.00 26.66 ? 110 THR A C   1 
ATOM 733  O O   . THR A 1 110 ? 5.801   -0.492  -6.911  1.00 26.66 ? 110 THR A O   1 
ATOM 734  C CB  . THR A 1 110 ? 5.522   -0.407  -3.649  1.00 26.66 ? 110 THR A CB  1 
ATOM 735  O OG1 . THR A 1 110 ? 4.533   0.047   -2.719  1.00 26.66 ? 110 THR A OG1 1 
ATOM 736  C CG2 . THR A 1 110 ? 6.842   -0.595  -2.923  1.00 26.66 ? 110 THR A CG2 1 
ATOM 737  N N   . GLY A 1 111 ? 7.742   0.009   -5.874  1.00 27.02 ? 111 GLY A N   1 
ATOM 738  C CA  . GLY A 1 111 ? 8.577   -0.550  -6.914  1.00 27.02 ? 111 GLY A CA  1 
ATOM 739  C C   . GLY A 1 111 ? 8.747   0.326   -8.133  1.00 27.02 ? 111 GLY A C   1 
ATOM 740  O O   . GLY A 1 111 ? 9.547   -0.017  -9.013  1.00 27.02 ? 111 GLY A O   1 
ATOM 741  N N   . TRP A 1 112 ? 8.030   1.442   -8.217  1.00 27.53 ? 112 TRP A N   1 
ATOM 742  C CA  . TRP A 1 112 ? 8.160   2.404   -9.309  1.00 27.53 ? 112 TRP A CA  1 
ATOM 743  C C   . TRP A 1 112 ? 8.771   3.665   -8.705  1.00 27.53 ? 112 TRP A C   1 
ATOM 744  O O   . TRP A 1 112 ? 8.060   4.586   -8.300  1.00 27.53 ? 112 TRP A O   1 
ATOM 745  C CB  . TRP A 1 112 ? 6.812   2.682   -9.968  1.00 27.53 ? 112 TRP A CB  1 
ATOM 746  C CG  . TRP A 1 112 ? 6.917   3.470   -11.236 1.00 27.53 ? 112 TRP A CG  1 
ATOM 747  C CD1 . TRP A 1 112 ? 7.724   3.201   -12.303 1.00 27.53 ? 112 TRP A CD1 1 
ATOM 748  C CD2 . TRP A 1 112 ? 6.189   4.657   -11.575 1.00 27.53 ? 112 TRP A CD2 1 
ATOM 749  N NE1 . TRP A 1 112 ? 7.546   4.146   -13.283 1.00 27.53 ? 112 TRP A NE1 1 
ATOM 750  C CE2 . TRP A 1 112 ? 6.609   5.052   -12.861 1.00 27.53 ? 112 TRP A CE2 1 
ATOM 751  C CE3 . TRP A 1 112 ? 5.225   5.425   -10.914 1.00 27.53 ? 112 TRP A CE3 1 
ATOM 752  C CZ2 . TRP A 1 112 ? 6.097   6.178   -13.500 1.00 27.53 ? 112 TRP A CZ2 1 
ATOM 753  C CZ3 . TRP A 1 112 ? 4.719   6.544   -11.550 1.00 27.53 ? 112 TRP A CZ3 1 
ATOM 754  C CH2 . TRP A 1 112 ? 5.156   6.910   -12.830 1.00 27.53 ? 112 TRP A CH2 1 
ATOM 755  N N   . ALA A 1 113 ? 10.094  3.697   -8.650  1.00 27.94 ? 113 ALA A N   1 
ATOM 756  C CA  . ALA A 1 113 ? 10.837  4.747   -7.978  1.00 27.94 ? 113 ALA A CA  1 
ATOM 757  C C   . ALA A 1 113 ? 11.631  5.584   -8.973  1.00 27.94 ? 113 ALA A C   1 
ATOM 758  O O   . ALA A 1 113 ? 11.948  5.126   -10.076 1.00 27.94 ? 113 ALA A O   1 
ATOM 759  C CB  . ALA A 1 113 ? 11.795  4.146   -6.941  1.00 27.94 ? 113 ALA A CB  1 
ATOM 760  N N   . PRO A 1 114 ? 11.971  6.824   -8.614  1.00 28.52 ? 114 PRO A N   1 
ATOM 761  C CA  . PRO A 1 114 ? 12.827  7.638   -9.487  1.00 28.52 ? 114 PRO A CA  1 
ATOM 762  C C   . PRO A 1 114 ? 14.265  7.147   -9.481  1.00 28.52 ? 114 PRO A C   1 
ATOM 763  O O   . PRO A 1 114 ? 14.555  6.085   -8.926  1.00 28.52 ? 114 PRO A O   1 
ATOM 764  C CB  . PRO A 1 114 ? 12.708  9.044   -8.884  1.00 28.52 ? 114 PRO A CB  1 
ATOM 765  C CG  . PRO A 1 114 ? 12.358  8.813   -7.456  1.00 28.52 ? 114 PRO A CG  1 
ATOM 766  C CD  . PRO A 1 114 ? 11.544  7.558   -7.409  1.00 28.52 ? 114 PRO A CD  1 
ATOM 767  N N   . ALA A 1 115 ? 15.168  7.897   -10.112 1.00 27.17 ? 115 ALA A N   1 
ATOM 768  C CA  . ALA A 1 115 ? 16.585  7.572   -10.028 1.00 27.17 ? 115 ALA A CA  1 
ATOM 769  C C   . ALA A 1 115 ? 16.993  7.530   -8.561  1.00 27.17 ? 115 ALA A C   1 
ATOM 770  O O   . ALA A 1 115 ? 17.040  8.568   -7.893  1.00 27.17 ? 115 ALA A O   1 
ATOM 771  C CB  . ALA A 1 115 ? 17.423  8.595   -10.797 1.00 27.17 ? 115 ALA A CB  1 
ATOM 772  N N   . ILE A 1 116 ? 17.290  6.335   -8.055  1.00 27.95 ? 116 ILE A N   1 
ATOM 773  C CA  . ILE A 1 116 ? 17.509  6.105   -6.632  1.00 27.95 ? 116 ILE A CA  1 
ATOM 774  C C   . ILE A 1 116 ? 18.904  5.530   -6.439  1.00 27.95 ? 116 ILE A C   1 
ATOM 775  O O   . ILE A 1 116 ? 19.290  4.576   -7.125  1.00 27.95 ? 116 ILE A O   1 
ATOM 776  C CB  . ILE A 1 116 ? 16.446  5.161   -6.041  1.00 27.95 ? 116 ILE A CB  1 
ATOM 777  C CG1 . ILE A 1 116 ? 16.193  3.984   -6.988  1.00 27.95 ? 116 ILE A CG1 1 
ATOM 778  C CG2 . ILE A 1 116 ? 15.153  5.918   -5.765  1.00 27.95 ? 116 ILE A CG2 1 
ATOM 779  C CD1 . ILE A 1 116 ? 15.452  2.830   -6.351  1.00 27.95 ? 116 ILE A CD1 1 
ATOM 780  N N   . ASP A 1 117 ? 19.655  6.114   -5.507  1.00 27.73 ? 117 ASP A N   1 
ATOM 781  C CA  . ASP A 1 117 ? 20.974  5.623   -5.125  1.00 27.73 ? 117 ASP A CA  1 
ATOM 782  C C   . ASP A 1 117 ? 20.989  4.971   -3.753  1.00 27.73 ? 117 ASP A C   1 
ATOM 783  O O   . ASP A 1 117 ? 21.579  3.901   -3.590  1.00 27.73 ? 117 ASP A O   1 
ATOM 784  C CB  . ASP A 1 117 ? 21.989  6.773   -5.144  1.00 27.73 ? 117 ASP A CB  1 
ATOM 785  C CG  . ASP A 1 117 ? 22.221  7.322   -6.539  1.00 27.73 ? 117 ASP A CG  1 
ATOM 786  O OD1 . ASP A 1 117 ? 22.084  6.553   -7.514  1.00 27.73 ? 117 ASP A OD1 1 
ATOM 787  O OD2 . ASP A 1 117 ? 22.539  8.524   -6.660  1.00 27.73 ? 117 ASP A OD2 1 
ATOM 788  N N   . VAL A 1 118 ? 20.353  5.593   -2.760  1.00 26.39 ? 118 VAL A N   1 
ATOM 789  C CA  . VAL A 1 118 ? 20.278  5.046   -1.411  1.00 26.39 ? 118 VAL A CA  1 
ATOM 790  C C   . VAL A 1 118 ? 18.813  4.974   -0.996  1.00 26.39 ? 118 VAL A C   1 
ATOM 791  O O   . VAL A 1 118 ? 18.485  5.044   0.193   1.00 26.39 ? 118 VAL A O   1 
ATOM 792  C CB  . VAL A 1 118 ? 21.103  5.893   -0.423  1.00 26.39 ? 118 VAL A CB  1 
ATOM 793  C CG1 . VAL A 1 118 ? 20.490  7.278   -0.270  1.00 26.39 ? 118 VAL A CG1 1 
ATOM 794  C CG2 . VAL A 1 118 ? 21.224  5.192   0.928   1.00 26.39 ? 118 VAL A CG2 1 
ATOM 795  N N   . ALA A 1 119 ? 17.925  4.832   -1.978  1.00 27.71 ? 119 ALA A N   1 
ATOM 796  C CA  . ALA A 1 119 ? 16.482  4.751   -1.753  1.00 27.71 ? 119 ALA A CA  1 
ATOM 797  C C   . ALA A 1 119 ? 15.977  3.495   -2.449  1.00 27.71 ? 119 ALA A C   1 
ATOM 798  O O   . ALA A 1 119 ? 15.428  3.560   -3.557  1.00 27.71 ? 119 ALA A O   1 
ATOM 799  C CB  . ALA A 1 119 ? 15.768  6.000   -2.267  1.00 27.71 ? 119 ALA A CB  1 
ATOM 800  N N   . PRO A 1 120 ? 16.146  2.327   -1.824  1.00 26.85 ? 120 PRO A N   1 
ATOM 801  C CA  . PRO A 1 120 ? 15.793  1.076   -2.518  1.00 26.85 ? 120 PRO A CA  1 
ATOM 802  C C   . PRO A 1 120 ? 14.351  1.023   -2.987  1.00 26.85 ? 120 PRO A C   1 
ATOM 803  O O   . PRO A 1 120 ? 14.077  0.487   -4.068  1.00 26.85 ? 120 PRO A O   1 
ATOM 804  C CB  . PRO A 1 120 ? 16.087  -0.004  -1.464  1.00 26.85 ? 120 PRO A CB  1 
ATOM 805  C CG  . PRO A 1 120 ? 17.014  0.637   -0.485  1.00 26.85 ? 120 PRO A CG  1 
ATOM 806  C CD  . PRO A 1 120 ? 16.664  2.087   -0.466  1.00 26.85 ? 120 PRO A CD  1 
ATOM 807  N N   . LEU A 1 121 ? 13.418  1.567   -2.209  1.00 26.78 ? 121 LEU A N   1 
ATOM 808  C CA  . LEU A 1 121 ? 11.993  1.482   -2.519  1.00 26.78 ? 121 LEU A CA  1 
ATOM 809  C C   . LEU A 1 121 ? 11.588  0.026   -2.752  1.00 26.78 ? 121 LEU A C   1 
ATOM 810  O O   . LEU A 1 121 ? 11.149  -0.370  -3.833  1.00 26.78 ? 121 LEU A O   1 
ATOM 811  C CB  . LEU A 1 121 ? 11.643  2.359   -3.724  1.00 26.78 ? 121 LEU A CB  1 
ATOM 812  C CG  . LEU A 1 121 ? 11.282  3.814   -3.409  1.00 26.78 ? 121 LEU A CG  1 
ATOM 813  C CD1 . LEU A 1 121 ? 9.973   3.894   -2.635  1.00 26.78 ? 121 LEU A CD1 1 
ATOM 814  C CD2 . LEU A 1 121 ? 12.404  4.496   -2.641  1.00 26.78 ? 121 LEU A CD2 1 
ATOM 815  N N   . ALA A 1 122 ? 11.755  -0.773  -1.701  1.00 26.95 ? 122 ALA A N   1 
ATOM 816  C CA  . ALA A 1 122 ? 11.488  -2.200  -1.793  1.00 26.95 ? 122 ALA A CA  1 
ATOM 817  C C   . ALA A 1 122 ? 10.027  -2.452  -2.140  1.00 26.95 ? 122 ALA A C   1 
ATOM 818  O O   . ALA A 1 122 ? 9.132   -1.728  -1.696  1.00 26.95 ? 122 ALA A O   1 
ATOM 819  C CB  . ALA A 1 122 ? 11.841  -2.889  -0.476  1.00 26.95 ? 122 ALA A CB  1 
ATOM 820  N N   . ARG A 1 123 ? 9.793   -3.491  -2.938  1.00 25.06 ? 123 ARG A N   1 
ATOM 821  C CA  . ARG A 1 123 ? 8.456   -3.879  -3.359  1.00 25.06 ? 123 ARG A CA  1 
ATOM 822  C C   . ARG A 1 123 ? 8.268   -5.369  -3.122  1.00 25.06 ? 123 ARG A C   1 
ATOM 823  O O   . ARG A 1 123 ? 9.209   -6.157  -3.245  1.00 25.06 ? 123 ARG A O   1 
ATOM 824  C CB  . ARG A 1 123 ? 8.219   -3.546  -4.838  1.00 25.06 ? 123 ARG A CB  1 
ATOM 825  C CG  . ARG A 1 123 ? 6.823   -3.899  -5.339  1.00 25.06 ? 123 ARG A CG  1 
ATOM 826  C CD  . ARG A 1 123 ? 6.814   -5.159  -6.205  1.00 25.06 ? 123 ARG A CD  1 
ATOM 827  N NE  . ARG A 1 123 ? 7.845   -5.145  -7.238  1.00 25.06 ? 123 ARG A NE  1 
ATOM 828  C CZ  . ARG A 1 123 ? 7.863   -4.315  -8.272  1.00 25.06 ? 123 ARG A CZ  1 
ATOM 829  N NH1 . ARG A 1 123 ? 6.906   -3.422  -8.459  1.00 25.06 ? 123 ARG A NH1 1 
ATOM 830  N NH2 . ARG A 1 123 ? 8.866   -4.387  -9.142  1.00 25.06 ? 123 ARG A NH2 1 
ATOM 831  N N   . SER A 1 124 ? 7.037   -5.749  -2.778  1.00 25.19 ? 124 SER A N   1 
ATOM 832  C CA  . SER A 1 124 ? 6.700   -7.133  -2.455  1.00 25.19 ? 124 SER A CA  1 
ATOM 833  C C   . SER A 1 124 ? 5.538   -7.576  -3.334  1.00 25.19 ? 124 SER A C   1 
ATOM 834  O O   . SER A 1 124 ? 4.385   -7.223  -3.067  1.00 25.19 ? 124 SER A O   1 
ATOM 835  C CB  . SER A 1 124 ? 6.350   -7.278  -0.974  1.00 25.19 ? 124 SER A CB  1 
ATOM 836  O OG  . SER A 1 124 ? 7.448   -6.922  -0.152  1.00 25.19 ? 124 SER A OG  1 
ATOM 837  N N   . ALA A 1 125 ? 5.841   -8.352  -4.376  1.00 22.96 ? 125 ALA A N   1 
ATOM 838  C CA  . ALA A 1 125 ? 4.794   -8.880  -5.245  1.00 22.96 ? 125 ALA A CA  1 
ATOM 839  C C   . ALA A 1 125 ? 4.024   -10.012 -4.574  1.00 22.96 ? 125 ALA A C   1 
ATOM 840  O O   . ALA A 1 125 ? 2.794   -10.075 -4.676  1.00 22.96 ? 125 ALA A O   1 
ATOM 841  C CB  . ALA A 1 125 ? 5.402   -9.362  -6.562  1.00 22.96 ? 125 ALA A CB  1 
ATOM 842  N N   . ARG A 1 126 ? 4.727   -10.911 -3.891  1.00 22.08 ? 126 ARG A N   1 
ATOM 843  C CA  . ARG A 1 126 ? 4.134   -12.048 -3.198  1.00 22.08 ? 126 ARG A CA  1 
ATOM 844  C C   . ARG A 1 126 ? 4.465   -11.970 -1.711  1.00 22.08 ? 126 ARG A C   1 
ATOM 845  O O   . ARG A 1 126 ? 5.005   -10.975 -1.220  1.00 22.08 ? 126 ARG A O   1 
ATOM 846  C CB  . ARG A 1 126 ? 4.634   -13.368 -3.790  1.00 22.08 ? 126 ARG A CB  1 
ATOM 847  C CG  . ARG A 1 126 ? 4.432   -13.506 -5.289  1.00 22.08 ? 126 ARG A CG  1 
ATOM 848  C CD  . ARG A 1 126 ? 5.142   -14.739 -5.822  1.00 22.08 ? 126 ARG A CD  1 
ATOM 849  N NE  . ARG A 1 126 ? 5.424   -14.641 -7.249  1.00 22.08 ? 126 ARG A NE  1 
ATOM 850  C CZ  . ARG A 1 126 ? 6.233   -15.457 -7.912  1.00 22.08 ? 126 ARG A CZ  1 
ATOM 851  N NH1 . ARG A 1 126 ? 6.861   -16.451 -7.306  1.00 22.08 ? 126 ARG A NH1 1 
ATOM 852  N NH2 . ARG A 1 126 ? 6.419   -15.267 -9.215  1.00 22.08 ? 126 ARG A NH2 1 
ATOM 853  N N   . GLN A 1 127 ? 4.131   -13.042 -0.991  1.00 20.58 ? 127 GLN A N   1 
ATOM 854  C CA  . GLN A 1 127 ? 4.442   -13.171 0.429   1.00 20.58 ? 127 GLN A CA  1 
ATOM 855  C C   . GLN A 1 127 ? 3.814   -12.056 1.258   1.00 20.58 ? 127 GLN A C   1 
ATOM 856  O O   . GLN A 1 127 ? 4.442   -11.527 2.177   1.00 20.58 ? 127 GLN A O   1 
ATOM 857  C CB  . GLN A 1 127 ? 5.957   -13.204 0.658   1.00 20.58 ? 127 GLN A CB  1 
ATOM 858  C CG  . GLN A 1 127 ? 6.685   -14.277 -0.134  1.00 20.58 ? 127 GLN A CG  1 
ATOM 859  C CD  . GLN A 1 127 ? 6.234   -15.674 0.235   1.00 20.58 ? 127 GLN A CD  1 
ATOM 860  O OE1 . GLN A 1 127 ? 5.580   -16.356 -0.554  1.00 20.58 ? 127 GLN A OE1 1 
ATOM 861  N NE2 . GLN A 1 127 ? 6.582   -16.105 1.441   1.00 20.58 ? 127 GLN A NE2 1 
ATOM 862  N N   . SER A 1 128 ? 2.573   -11.689 0.942   1.00 21.75 ? 128 SER A N   1 
ATOM 863  C CA  . SER A 1 128 ? 1.843   -10.640 1.652   1.00 21.75 ? 128 SER A CA  1 
ATOM 864  C C   . SER A 1 128 ? 0.484   -11.195 2.055   1.00 21.75 ? 128 SER A C   1 
ATOM 865  O O   . SER A 1 128 ? -0.540  -10.883 1.432   1.00 21.75 ? 128 SER A O   1 
ATOM 866  C CB  . SER A 1 128 ? 1.696   -9.387  0.786   1.00 21.75 ? 128 SER A CB  1 
ATOM 867  O OG  . SER A 1 128 ? 1.257   -9.720  -0.520  1.00 21.75 ? 128 SER A OG  1 
ATOM 868  N N   . PRO A 1 129 ? 0.434   -12.020 3.099   1.00 21.55 ? 129 PRO A N   1 
ATOM 869  C CA  . PRO A 1 129 ? -0.832  -12.653 3.484   1.00 21.55 ? 129 PRO A CA  1 
ATOM 870  C C   . PRO A 1 129 ? -1.832  -11.638 4.018   1.00 21.55 ? 129 PRO A C   1 
ATOM 871  O O   . PRO A 1 129 ? -1.484  -10.582 4.549   1.00 21.55 ? 129 PRO A O   1 
ATOM 872  C CB  . PRO A 1 129 ? -0.416  -13.654 4.563   1.00 21.55 ? 129 PRO A CB  1 
ATOM 873  C CG  . PRO A 1 129 ? 0.830   -13.084 5.144   1.00 21.55 ? 129 PRO A CG  1 
ATOM 874  C CD  . PRO A 1 129 ? 1.529   -12.365 4.023   1.00 21.55 ? 129 PRO A CD  1 
ATOM 875  N N   . ALA A 1 130 ? -3.109  -11.985 3.864   1.00 19.89 ? 130 ALA A N   1 
ATOM 876  C CA  . ALA A 1 130 ? -4.204  -11.151 4.336   1.00 19.89 ? 130 ALA A CA  1 
ATOM 877  C C   . ALA A 1 130 ? -5.317  -12.046 4.860   1.00 19.89 ? 130 ALA A C   1 
ATOM 878  O O   . ALA A 1 130 ? -5.657  -13.055 4.234   1.00 19.89 ? 130 ALA A O   1 
ATOM 879  C CB  . ALA A 1 130 ? -4.731  -10.242 3.221   1.00 19.89 ? 130 ALA A CB  1 
ATOM 880  N N   . THR A 1 131 ? -5.881  -11.671 6.007   1.00 18.68 ? 131 THR A N   1 
ATOM 881  C CA  . THR A 1 131 ? -6.945  -12.424 6.655   1.00 18.68 ? 131 THR A CA  1 
ATOM 882  C C   . THR A 1 131 ? -8.200  -11.567 6.754   1.00 18.68 ? 131 THR A C   1 
ATOM 883  O O   . THR A 1 131 ? -8.120  -10.343 6.901   1.00 18.68 ? 131 THR A O   1 
ATOM 884  C CB  . THR A 1 131 ? -6.525  -12.889 8.054   1.00 18.68 ? 131 THR A CB  1 
ATOM 885  O OG1 . THR A 1 131 ? -6.272  -11.748 8.885   1.00 18.68 ? 131 THR A OG1 1 
ATOM 886  C CG2 . THR A 1 131 ? -5.270  -13.748 7.978   1.00 18.68 ? 131 THR A CG2 1 
ATOM 887  N N   . TYR A 1 132 ? -9.355  -12.219 6.671   1.00 20.16 ? 132 TYR A N   1 
ATOM 888  C CA  . TYR A 1 132 ? -10.640 -11.539 6.677   1.00 20.16 ? 132 TYR A CA  1 
ATOM 889  C C   . TYR A 1 132 ? -11.195 -11.434 8.096   1.00 20.16 ? 132 TYR A C   1 
ATOM 890  O O   . TYR A 1 132 ? -10.748 -12.114 9.023   1.00 20.16 ? 132 TYR A O   1 
ATOM 891  C CB  . TYR A 1 132 ? -11.641 -12.278 5.791   1.00 20.16 ? 132 TYR A CB  1 
ATOM 892  C CG  . TYR A 1 132 ? -12.187 -13.539 6.424   1.00 20.16 ? 132 TYR A CG  1 
ATOM 893  C CD1 . TYR A 1 132 ? -11.391 -14.667 6.579   1.00 20.16 ? 132 TYR A CD1 1 
ATOM 894  C CD2 . TYR A 1 132 ? -13.500 -13.600 6.871   1.00 20.16 ? 132 TYR A CD2 1 
ATOM 895  C CE1 . TYR A 1 132 ? -11.889 -15.819 7.157   1.00 20.16 ? 132 TYR A CE1 1 
ATOM 896  C CE2 . TYR A 1 132 ? -14.006 -14.747 7.451   1.00 20.16 ? 132 TYR A CE2 1 
ATOM 897  C CZ  . TYR A 1 132 ? -13.196 -15.854 7.592   1.00 20.16 ? 132 TYR A CZ  1 
ATOM 898  O OH  . TYR A 1 132 ? -13.695 -16.998 8.169   1.00 20.16 ? 132 TYR A OH  1 
ATOM 899  N N   . ALA A 1 133 ? -12.192 -10.566 8.254   1.00 19.27 ? 133 ALA A N   1 
ATOM 900  C CA  . ALA A 1 133 ? -12.949 -10.451 9.496   1.00 19.27 ? 133 ALA A CA  1 
ATOM 901  C C   . ALA A 1 133 ? -14.026 -9.393  9.295   1.00 19.27 ? 133 ALA A C   1 
ATOM 902  O O   . ALA A 1 133 ? -14.089 -8.734  8.252   1.00 19.27 ? 133 ALA A O   1 
ATOM 903  C CB  . ALA A 1 133 ? -12.057 -10.102 10.689  1.00 19.27 ? 133 ALA A CB  1 
ATOM 904  N N   . SER A 1 134 ? -14.883 -9.250  10.306  1.00 19.47 ? 134 SER A N   1 
ATOM 905  C CA  . SER A 1 134 ? -16.026 -8.342  10.364  1.00 19.47 ? 134 SER A CA  1 
ATOM 906  C C   . SER A 1 134 ? -17.167 -8.789  9.461   1.00 19.47 ? 134 SER A C   1 
ATOM 907  O O   . SER A 1 134 ? -18.209 -8.128  9.434   1.00 19.47 ? 134 SER A O   1 
ATOM 908  C CB  . SER A 1 134 ? -15.655 -6.890  10.020  1.00 19.47 ? 134 SER A CB  1 
ATOM 909  O OG  . SER A 1 134 ? -14.980 -6.280  11.105  1.00 19.47 ? 134 SER A OG  1 
ATOM 910  N N   . GLY A 1 135 ? -17.012 -9.884  8.722   1.00 20.18 ? 135 GLY A N   1 
ATOM 911  C CA  . GLY A 1 135 ? -18.102 -10.445 7.956   1.00 20.18 ? 135 GLY A CA  1 
ATOM 912  C C   . GLY A 1 135 ? -18.244 -9.932  6.542   1.00 20.18 ? 135 GLY A C   1 
ATOM 913  O O   . GLY A 1 135 ? -19.043 -10.489 5.784   1.00 20.18 ? 135 GLY A O   1 
ATOM 914  N N   . TYR A 1 136 ? -17.513 -8.883  6.157   1.00 21.17 ? 136 TYR A N   1 
ATOM 915  C CA  . TYR A 1 136 ? -17.553 -8.407  4.777   1.00 21.17 ? 136 TYR A CA  1 
ATOM 916  C C   . TYR A 1 136 ? -16.195 -8.548  4.101   1.00 21.17 ? 136 TYR A C   1 
ATOM 917  O O   . TYR A 1 136 ? -16.074 -9.325  3.152   1.00 21.17 ? 136 TYR A O   1 
ATOM 918  C CB  . TYR A 1 136 ? -18.047 -6.960  4.749   1.00 21.17 ? 136 TYR A CB  1 
ATOM 919  C CG  . TYR A 1 136 ? -19.534 -6.821  4.996   1.00 21.17 ? 136 TYR A CG  1 
ATOM 920  C CD1 . TYR A 1 136 ? -20.458 -7.402  4.136   1.00 21.17 ? 136 TYR A CD1 1 
ATOM 921  C CD2 . TYR A 1 136 ? -20.013 -6.117  6.092   1.00 21.17 ? 136 TYR A CD2 1 
ATOM 922  C CE1 . TYR A 1 136 ? -21.817 -7.280  4.360   1.00 21.17 ? 136 TYR A CE1 1 
ATOM 923  C CE2 . TYR A 1 136 ? -21.370 -5.990  6.323   1.00 21.17 ? 136 TYR A CE2 1 
ATOM 924  C CZ  . TYR A 1 136 ? -22.267 -6.574  5.455   1.00 21.17 ? 136 TYR A CZ  1 
ATOM 925  O OH  . TYR A 1 136 ? -23.619 -6.449  5.682   1.00 21.17 ? 136 TYR A OH  1 
ATOM 926  N N   . LEU A 1 137 ? -15.156 -7.869  4.592   1.00 20.60 ? 137 LEU A N   1 
ATOM 927  C CA  . LEU A 1 137 ? -13.833 -7.923  3.978   1.00 20.60 ? 137 LEU A CA  1 
ATOM 928  C C   . LEU A 1 137 ? -12.786 -7.256  4.864   1.00 20.60 ? 137 LEU A C   1 
ATOM 929  O O   . LEU A 1 137 ? -12.981 -6.123  5.311   1.00 20.60 ? 137 LEU A O   1 
ATOM 930  C CB  . LEU A 1 137 ? -13.828 -7.237  2.604   1.00 20.60 ? 137 LEU A CB  1 
ATOM 931  C CG  . LEU A 1 137 ? -14.423 -7.935  1.376   1.00 20.60 ? 137 LEU A CG  1 
ATOM 932  C CD1 . LEU A 1 137 ? -14.202 -7.087  0.135   1.00 20.60 ? 137 LEU A CD1 1 
ATOM 933  C CD2 . LEU A 1 137 ? -13.840 -9.328  1.184   1.00 20.60 ? 137 LEU A CD2 1 
ATOM 934  N N   . TYR A 1 138 ? -11.674 -7.946  5.113   1.00 20.35 ? 138 TYR A N   1 
ATOM 935  C CA  . TYR A 1 138 ? -10.486 -7.347  5.706   1.00 20.35 ? 138 TYR A CA  1 
ATOM 936  C C   . TYR A 1 138 ? -9.257  -7.809  4.941   1.00 20.35 ? 138 TYR A C   1 
ATOM 937  O O   . TYR A 1 138 ? -9.208  -8.932  4.431   1.00 20.35 ? 138 TYR A O   1 
ATOM 938  C CB  . TYR A 1 138 ? -10.321 -7.703  7.198   1.00 20.35 ? 138 TYR A CB  1 
ATOM 939  C CG  . TYR A 1 138 ? -11.120 -6.854  8.173   1.00 20.35 ? 138 TYR A CG  1 
ATOM 940  C CD1 . TYR A 1 138 ? -11.691 -5.646  7.791   1.00 20.35 ? 138 TYR A CD1 1 
ATOM 941  C CD2 . TYR A 1 138 ? -11.278 -7.258  9.490   1.00 20.35 ? 138 TYR A CD2 1 
ATOM 942  C CE1 . TYR A 1 138 ? -12.409 -4.879  8.687   1.00 20.35 ? 138 TYR A CE1 1 
ATOM 943  C CE2 . TYR A 1 138 ? -11.993 -6.499  10.393  1.00 20.35 ? 138 TYR A CE2 1 
ATOM 944  C CZ  . TYR A 1 138 ? -12.555 -5.308  9.986   1.00 20.35 ? 138 TYR A CZ  1 
ATOM 945  O OH  . TYR A 1 138 ? -13.269 -4.549  10.884  1.00 20.35 ? 138 TYR A OH  1 
ATOM 946  N N   . PHE A 1 139 ? -8.261  -6.928  4.865   1.00 20.48 ? 139 PHE A N   1 
ATOM 947  C CA  . PHE A 1 139 ? -7.044  -7.200  4.101   1.00 20.48 ? 139 PHE A CA  1 
ATOM 948  C C   . PHE A 1 139 ? -5.877  -6.482  4.759   1.00 20.48 ? 139 PHE A C   1 
ATOM 949  O O   . PHE A 1 139 ? -5.530  -5.353  4.386   1.00 20.48 ? 139 PHE A O   1 
ATOM 950  C CB  . PHE A 1 139 ? -7.193  -6.769  2.643   1.00 20.48 ? 139 PHE A CB  1 
ATOM 951  C CG  . PHE A 1 139 ? -8.173  -7.598  1.865   1.00 20.48 ? 139 PHE A CG  1 
ATOM 952  C CD1 . PHE A 1 139 ? -7.778  -8.786  1.275   1.00 20.48 ? 139 PHE A CD1 1 
ATOM 953  C CD2 . PHE A 1 139 ? -9.489  -7.191  1.726   1.00 20.48 ? 139 PHE A CD2 1 
ATOM 954  C CE1 . PHE A 1 139 ? -8.676  -9.553  0.558   1.00 20.48 ? 139 PHE A CE1 1 
ATOM 955  C CE2 . PHE A 1 139 ? -10.392 -7.953  1.011   1.00 20.48 ? 139 PHE A CE2 1 
ATOM 956  C CZ  . PHE A 1 139 ? -9.985  -9.135  0.427   1.00 20.48 ? 139 PHE A CZ  1 
ATOM 957  N N   . PRO A 1 140 ? -5.240  -7.109  5.755   1.00 21.20 ? 140 PRO A N   1 
ATOM 958  C CA  . PRO A 1 140 ? -4.040  -6.515  6.386   1.00 21.20 ? 140 PRO A CA  1 
ATOM 959  C C   . PRO A 1 140 ? -2.780  -6.726  5.549   1.00 21.20 ? 140 PRO A C   1 
ATOM 960  O O   . PRO A 1 140 ? -1.942  -7.593  5.796   1.00 21.20 ? 140 PRO A O   1 
ATOM 961  C CB  . PRO A 1 140 ? -3.974  -7.247  7.727   1.00 21.20 ? 140 PRO A CB  1 
ATOM 962  C CG  . PRO A 1 140 ? -4.564  -8.586  7.447   1.00 21.20 ? 140 PRO A CG  1 
ATOM 963  C CD  . PRO A 1 140 ? -5.625  -8.380  6.394   1.00 21.20 ? 140 PRO A CD  1 
ATOM 964  N N   . LEU A 1 141 ? -2.643  -5.899  4.515   1.00 23.19 ? 141 LEU A N   1 
ATOM 965  C CA  . LEU A 1 141 ? -1.511  -6.014  3.608   1.00 23.19 ? 141 LEU A CA  1 
ATOM 966  C C   . LEU A 1 141 ? -0.208  -5.692  4.332   1.00 23.19 ? 141 LEU A C   1 
ATOM 967  O O   . LEU A 1 141 ? -0.167  -4.870  5.251   1.00 23.19 ? 141 LEU A O   1 
ATOM 968  C CB  . LEU A 1 141 ? -1.698  -5.077  2.413   1.00 23.19 ? 141 LEU A CB  1 
ATOM 969  C CG  . LEU A 1 141 ? -2.547  -5.639  1.269   1.00 23.19 ? 141 LEU A CG  1 
ATOM 970  C CD1 . LEU A 1 141 ? -4.011  -5.714  1.659   1.00 23.19 ? 141 LEU A CD1 1 
ATOM 971  C CD2 . LEU A 1 141 ? -2.385  -4.793  0.018   1.00 23.19 ? 141 LEU A CD2 1 
ATOM 972  N N   . VAL A 1 142 ? 0.863   -6.361  3.912   1.00 25.35 ? 142 VAL A N   1 
ATOM 973  C CA  . VAL A 1 142 ? 2.186   -6.205  4.508   1.00 25.35 ? 142 VAL A CA  1 
ATOM 974  C C   . VAL A 1 142 ? 3.166   -5.962  3.366   1.00 25.35 ? 142 VAL A C   1 
ATOM 975  O O   . VAL A 1 142 ? 3.513   -6.893  2.630   1.00 25.35 ? 142 VAL A O   1 
ATOM 976  C CB  . VAL A 1 142 ? 2.598   -7.425  5.341   1.00 25.35 ? 142 VAL A CB  1 
ATOM 977  C CG1 . VAL A 1 142 ? 4.090   -7.388  5.641   1.00 25.35 ? 142 VAL A CG1 1 
ATOM 978  C CG2 . VAL A 1 142 ? 1.787   -7.486  6.627   1.00 25.35 ? 142 VAL A CG2 1 
ATOM 979  N N   . PHE A 1 143 ? 3.617   -4.719  3.218   1.00 26.34 ? 143 PHE A N   1 
ATOM 980  C CA  . PHE A 1 143 ? 4.592   -4.350  2.203   1.00 26.34 ? 143 PHE A CA  1 
ATOM 981  C C   . PHE A 1 143 ? 5.679   -3.489  2.826   1.00 26.34 ? 143 PHE A C   1 
ATOM 982  O O   . PHE A 1 143 ? 5.467   -2.833  3.850   1.00 26.34 ? 143 PHE A O   1 
ATOM 983  C CB  . PHE A 1 143 ? 3.947   -3.587  1.037   1.00 26.34 ? 143 PHE A CB  1 
ATOM 984  C CG  . PHE A 1 143 ? 2.876   -4.358  0.323   1.00 26.34 ? 143 PHE A CG  1 
ATOM 985  C CD1 . PHE A 1 143 ? 3.051   -5.697  0.015   1.00 26.34 ? 143 PHE A CD1 1 
ATOM 986  C CD2 . PHE A 1 143 ? 1.696   -3.739  -0.049  1.00 26.34 ? 143 PHE A CD2 1 
ATOM 987  C CE1 . PHE A 1 143 ? 2.067   -6.405  -0.644  1.00 26.34 ? 143 PHE A CE1 1 
ATOM 988  C CE2 . PHE A 1 143 ? 0.709   -4.440  -0.709  1.00 26.34 ? 143 PHE A CE2 1 
ATOM 989  C CZ  . PHE A 1 143 ? 0.893   -5.776  -1.006  1.00 26.34 ? 143 PHE A CZ  1 
ATOM 990  N N   . THR A 1 144 ? 6.849   -3.498  2.195   1.00 26.22 ? 144 THR A N   1 
ATOM 991  C CA  . THR A 1 144 ? 7.990   -2.711  2.636   1.00 26.22 ? 144 THR A CA  1 
ATOM 992  C C   . THR A 1 144 ? 8.182   -1.509  1.722   1.00 26.22 ? 144 THR A C   1 
ATOM 993  O O   . THR A 1 144 ? 7.849   -1.548  0.534   1.00 26.22 ? 144 THR A O   1 
ATOM 994  C CB  . THR A 1 144 ? 9.265   -3.558  2.649   1.00 26.22 ? 144 THR A CB  1 
ATOM 995  O OG1 . THR A 1 144 ? 9.023   -4.784  3.352   1.00 26.22 ? 144 THR A OG1 1 
ATOM 996  C CG2 . THR A 1 144 ? 10.403  -2.805  3.324   1.00 26.22 ? 144 THR A CG2 1 
ATOM 997  N N   . ALA A 1 145 ? 8.717   -0.435  2.291   1.00 26.24 ? 145 ALA A N   1 
ATOM 998  C CA  . ALA A 1 145 ? 9.005   0.789   1.553   1.00 26.24 ? 145 ALA A CA  1 
ATOM 999  C C   . ALA A 1 145 ? 10.477  1.164   1.573   1.00 26.24 ? 145 ALA A C   1 
ATOM 1000 O O   . ALA A 1 145 ? 11.005  1.618   0.556   1.00 26.24 ? 145 ALA A O   1 
ATOM 1001 C CB  . ALA A 1 145 ? 8.173   1.950   2.117   1.00 26.24 ? 145 ALA A CB  1 
ATOM 1002 N N   . ARG A 1 146 ? 11.155  0.994   2.707   1.00 27.36 ? 146 ARG A N   1 
ATOM 1003 C CA  . ARG A 1 146 ? 12.585  1.245   2.855   1.00 27.36 ? 146 ARG A CA  1 
ATOM 1004 C C   . ARG A 1 146 ? 12.967  2.700   2.608   1.00 27.36 ? 146 ARG A C   1 
ATOM 1005 O O   . ARG A 1 146 ? 14.160  3.016   2.538   1.00 27.36 ? 146 ARG A O   1 
ATOM 1006 C CB  . ARG A 1 146 ? 13.410  0.344   1.925   1.00 27.36 ? 146 ARG A CB  1 
ATOM 1007 C CG  . ARG A 1 146 ? 13.434  -1.119  2.327   1.00 27.36 ? 146 ARG A CG  1 
ATOM 1008 C CD  . ARG A 1 146 ? 14.774  -1.753  1.985   1.00 27.36 ? 146 ARG A CD  1 
ATOM 1009 N NE  . ARG A 1 146 ? 14.910  -3.096  2.540   1.00 27.36 ? 146 ARG A NE  1 
ATOM 1010 C CZ  . ARG A 1 146 ? 14.939  -4.216  1.829   1.00 27.36 ? 146 ARG A CZ  1 
ATOM 1011 N NH1 . ARG A 1 146 ? 14.821  -4.209  0.510   1.00 27.36 ? 146 ARG A NH1 1 
ATOM 1012 N NH2 . ARG A 1 146 ? 15.089  -5.378  2.458   1.00 27.36 ? 146 ARG A NH2 1 
ATOM 1013 N N   . PHE A 1 147 ? 11.995  3.597   2.476   1.00 27.61 ? 147 PHE A N   1 
ATOM 1014 C CA  . PHE A 1 147 ? 12.297  4.991   2.179   1.00 27.61 ? 147 PHE A CA  1 
ATOM 1015 C C   . PHE A 1 147 ? 11.055  5.863   2.328   1.00 27.61 ? 147 PHE A C   1 
ATOM 1016 O O   . PHE A 1 147 ? 10.108  5.749   1.551   1.00 27.61 ? 147 PHE A O   1 
ATOM 1017 C CB  . PHE A 1 147 ? 12.864  5.118   0.762   1.00 27.61 ? 147 PHE A CB  1 
ATOM 1018 C CG  . PHE A 1 147 ? 13.735  6.325   0.563   1.00 27.61 ? 147 PHE A CG  1 
ATOM 1019 C CD1 . PHE A 1 147 ? 14.982  6.399   1.161   1.00 27.61 ? 147 PHE A CD1 1 
ATOM 1020 C CD2 . PHE A 1 147 ? 13.312  7.378   -0.228  1.00 27.61 ? 147 PHE A CD2 1 
ATOM 1021 C CE1 . PHE A 1 147 ? 15.788  7.506   0.979   1.00 27.61 ? 147 PHE A CE1 1 
ATOM 1022 C CE2 . PHE A 1 147 ? 14.114  8.486   -0.416  1.00 27.61 ? 147 PHE A CE2 1 
ATOM 1023 C CZ  . PHE A 1 147 ? 15.354  8.550   0.189   1.00 27.61 ? 147 PHE A CZ  1 
# 
